data_2GD1
#
_entry.id   2GD1
#
_cell.length_a   83.800
_cell.length_b   129.200
_cell.length_c   83.100
_cell.angle_alpha   90.00
_cell.angle_beta   107.30
_cell.angle_gamma   90.00
#
_symmetry.space_group_name_H-M   'P 1 21 1'
#
loop_
_entity.id
_entity.type
_entity.pdbx_description
1 polymer 'APO-D-GLYCERALDEHYDE-3-PHOSPHATE DEHYDROGENASE'
2 non-polymer 'SULFATE ION'
3 water water
#
_entity_poly.entity_id   1
_entity_poly.type   'polypeptide(L)'
_entity_poly.pdbx_seq_one_letter_code
;AVKVGINGFGRIGRNVFRAALKNPDIEVVAVNDLTDANTLAHLLKYDSVHGRLDAEVSVNGNNLVVNGKEIIVKAERDPE
NLAWGEIGVDIVVESTGRFTKREDAAKHLEAGAKKVIISAPAKNEDITIVMGVNQDKYDPKAHHVISNASCTTNCLAPFA
KVLHEQFGIVRGMMTTVHSYTNDQRILDLPHKDLRRARAAAESIIPTTTGAAKAVALVLPELKGKLNGMAMRVPTPNVSV
VDLVAELEKEVTVEEVNAALKAAAEGELKGILAYSEEPLVSRDYNGSTVSSTIDALSTMVIDGKMVKVVSWYDNETGYSH
RVVDLAAYIASKGL
;
_entity_poly.pdbx_strand_id   O,P,Q,R
#
loop_
_chem_comp.id
_chem_comp.type
_chem_comp.name
_chem_comp.formula
SO4 non-polymer 'SULFATE ION' 'O4 S -2'
#
# COMPACT_ATOMS: atom_id res chain seq x y z
N ALA A 1 0.21 -0.37 -41.21
CA ALA A 1 0.78 -0.36 -42.56
C ALA A 1 2.20 -0.87 -42.46
N VAL A 2 3.09 -0.29 -41.67
CA VAL A 2 4.43 -0.84 -41.45
C VAL A 2 4.31 -2.10 -40.58
N LYS A 3 4.98 -3.18 -40.95
CA LYS A 3 4.89 -4.41 -40.14
C LYS A 3 6.06 -4.55 -39.17
N VAL A 4 5.70 -4.53 -37.91
CA VAL A 4 6.48 -4.61 -36.70
C VAL A 4 6.25 -6.00 -36.07
N GLY A 5 7.22 -6.45 -35.33
CA GLY A 5 7.15 -7.75 -34.65
C GLY A 5 7.82 -7.42 -33.30
N ILE A 6 7.38 -8.01 -32.22
CA ILE A 6 7.95 -7.70 -30.91
C ILE A 6 8.71 -8.89 -30.36
N ASN A 7 9.89 -8.58 -29.84
CA ASN A 7 10.62 -9.72 -29.22
C ASN A 7 10.42 -9.56 -27.73
N GLY A 8 9.80 -10.50 -27.11
CA GLY A 8 9.59 -10.45 -25.63
C GLY A 8 8.23 -9.79 -25.41
N PHE A 9 7.33 -10.57 -24.83
CA PHE A 9 5.97 -10.05 -24.56
C PHE A 9 5.66 -9.79 -23.11
N GLY A 10 6.60 -9.17 -22.39
CA GLY A 10 6.46 -8.81 -20.98
C GLY A 10 5.67 -7.51 -20.89
N ARG A 11 5.83 -6.75 -19.84
CA ARG A 11 5.11 -5.48 -19.68
C ARG A 11 5.40 -4.55 -20.83
N ILE A 12 6.65 -4.27 -21.18
CA ILE A 12 6.94 -3.38 -22.36
C ILE A 12 6.43 -3.92 -23.69
N GLY A 13 6.60 -5.20 -23.97
CA GLY A 13 6.04 -5.69 -25.27
C GLY A 13 4.54 -5.58 -25.21
N ARG A 14 3.92 -5.82 -24.06
CA ARG A 14 2.44 -5.75 -24.01
C ARG A 14 1.96 -4.31 -24.06
N ASN A 15 2.65 -3.44 -23.37
CA ASN A 15 2.35 -1.96 -23.40
C ASN A 15 2.60 -1.44 -24.81
N VAL A 16 3.64 -1.87 -25.50
CA VAL A 16 3.86 -1.43 -26.89
C VAL A 16 2.71 -1.93 -27.77
N PHE A 17 2.21 -3.14 -27.53
CA PHE A 17 1.12 -3.74 -28.29
C PHE A 17 -0.17 -2.96 -28.18
N ARG A 18 -0.49 -2.59 -26.95
CA ARG A 18 -1.68 -1.79 -26.61
C ARG A 18 -1.55 -0.42 -27.28
N ALA A 19 -0.35 0.17 -27.25
CA ALA A 19 -0.16 1.50 -27.84
C ALA A 19 -0.32 1.36 -29.34
N ALA A 20 0.32 0.37 -29.95
CA ALA A 20 0.28 0.08 -31.37
C ALA A 20 -1.11 0.06 -31.96
N LEU A 21 -2.07 -0.53 -31.27
CA LEU A 21 -3.47 -0.71 -31.60
C LEU A 21 -4.06 0.59 -32.14
N LYS A 22 -3.77 1.64 -31.37
CA LYS A 22 -4.18 2.99 -31.75
C LYS A 22 -3.45 3.43 -33.02
N ASN A 23 -2.16 3.17 -33.16
CA ASN A 23 -1.45 3.65 -34.37
C ASN A 23 -1.82 2.86 -35.60
N PRO A 24 -2.32 3.60 -36.56
CA PRO A 24 -2.80 3.08 -37.84
C PRO A 24 -1.77 2.92 -38.95
N ASP A 25 -0.58 3.39 -38.69
CA ASP A 25 0.56 3.28 -39.58
C ASP A 25 1.44 2.09 -39.16
N ILE A 26 1.16 1.57 -37.96
CA ILE A 26 1.93 0.42 -37.52
C ILE A 26 1.01 -0.78 -37.43
N GLU A 27 1.65 -1.94 -37.50
CA GLU A 27 0.91 -3.20 -37.42
C GLU A 27 1.78 -4.29 -36.86
N VAL A 28 1.50 -4.66 -35.63
CA VAL A 28 2.29 -5.76 -35.01
C VAL A 28 1.70 -7.03 -35.63
N VAL A 29 2.50 -7.86 -36.24
CA VAL A 29 2.00 -9.08 -36.86
C VAL A 29 2.54 -10.30 -36.15
N ALA A 30 3.51 -10.13 -35.27
CA ALA A 30 4.07 -11.29 -34.58
C ALA A 30 4.78 -10.88 -33.29
N VAL A 31 4.74 -11.72 -32.29
CA VAL A 31 5.40 -11.51 -31.02
C VAL A 31 6.21 -12.79 -30.77
N ASN A 32 7.28 -12.65 -30.06
CA ASN A 32 8.07 -13.82 -29.71
C ASN A 32 8.13 -13.90 -28.20
N ASP A 33 7.66 -15.02 -27.62
CA ASP A 33 7.70 -15.23 -26.15
C ASP A 33 7.69 -16.71 -25.83
N LEU A 34 8.36 -17.15 -24.79
CA LEU A 34 8.29 -18.55 -24.36
C LEU A 34 7.04 -18.80 -23.49
N THR A 35 6.27 -17.81 -23.09
CA THR A 35 5.07 -18.05 -22.26
C THR A 35 3.93 -18.59 -23.06
N ASP A 36 3.18 -19.56 -22.50
CA ASP A 36 2.08 -20.12 -23.35
C ASP A 36 1.12 -19.02 -23.76
N ALA A 37 0.37 -19.35 -24.82
CA ALA A 37 -0.54 -18.39 -25.41
C ALA A 37 -1.69 -18.09 -24.48
N ASN A 38 -2.02 -19.00 -23.59
CA ASN A 38 -3.11 -18.83 -22.64
C ASN A 38 -2.85 -17.74 -21.61
N THR A 39 -1.69 -17.84 -20.97
CA THR A 39 -1.32 -16.84 -19.98
C THR A 39 -1.18 -15.48 -20.61
N LEU A 40 -0.52 -15.47 -21.77
CA LEU A 40 -0.25 -14.26 -22.54
C LEU A 40 -1.55 -13.52 -22.90
N ALA A 41 -2.55 -14.26 -23.33
CA ALA A 41 -3.84 -13.73 -23.71
C ALA A 41 -4.48 -13.19 -22.46
N HIS A 42 -4.35 -13.85 -21.33
CA HIS A 42 -4.93 -13.41 -20.07
C HIS A 42 -4.30 -12.08 -19.65
N LEU A 43 -2.98 -11.99 -19.72
CA LEU A 43 -2.17 -10.86 -19.36
C LEU A 43 -2.35 -9.69 -20.31
N LEU A 44 -2.75 -9.92 -21.55
CA LEU A 44 -2.94 -8.78 -22.46
C LEU A 44 -4.36 -8.24 -22.21
N LYS A 45 -5.29 -9.11 -21.87
CA LYS A 45 -6.68 -8.73 -21.63
C LYS A 45 -6.82 -7.77 -20.44
N TYR A 46 -6.49 -8.22 -19.29
CA TYR A 46 -6.60 -7.56 -18.00
C TYR A 46 -5.27 -7.14 -17.45
N ASP A 47 -5.18 -5.92 -16.99
CA ASP A 47 -3.89 -5.39 -16.45
C ASP A 47 -4.24 -4.66 -15.17
N SER A 48 -3.51 -4.91 -14.10
CA SER A 48 -3.69 -4.30 -12.81
C SER A 48 -3.41 -2.81 -12.88
N VAL A 49 -2.72 -2.30 -13.85
CA VAL A 49 -2.45 -0.85 -13.93
C VAL A 49 -3.23 -0.22 -15.04
N HIS A 50 -3.37 -0.87 -16.17
CA HIS A 50 -4.05 -0.22 -17.31
C HIS A 50 -5.47 -0.65 -17.55
N GLY A 51 -6.01 -1.61 -16.80
CA GLY A 51 -7.39 -2.02 -17.09
C GLY A 51 -7.51 -3.03 -18.19
N ARG A 52 -8.69 -3.35 -18.61
CA ARG A 52 -9.07 -4.27 -19.64
C ARG A 52 -8.80 -3.71 -21.05
N LEU A 53 -8.23 -4.54 -21.90
CA LEU A 53 -7.96 -4.11 -23.29
C LEU A 53 -9.30 -3.89 -23.98
N ASP A 54 -9.47 -2.78 -24.68
CA ASP A 54 -10.67 -2.55 -25.50
C ASP A 54 -10.29 -3.21 -26.87
N ALA A 55 -10.48 -4.51 -26.92
CA ALA A 55 -10.15 -5.36 -28.07
C ALA A 55 -10.60 -6.78 -27.72
N GLU A 56 -11.04 -7.55 -28.71
CA GLU A 56 -11.38 -8.91 -28.35
C GLU A 56 -10.11 -9.74 -28.59
N VAL A 57 -9.76 -10.49 -27.60
CA VAL A 57 -8.56 -11.34 -27.54
C VAL A 57 -8.99 -12.79 -27.32
N SER A 58 -8.36 -13.67 -28.05
CA SER A 58 -8.56 -15.12 -27.98
C SER A 58 -7.33 -15.86 -28.47
N VAL A 59 -7.43 -17.19 -28.43
CA VAL A 59 -6.33 -18.08 -28.81
C VAL A 59 -6.81 -19.06 -29.89
N ASN A 60 -6.03 -19.03 -30.96
CA ASN A 60 -6.16 -19.85 -32.13
C ASN A 60 -4.88 -20.73 -32.16
N GLY A 61 -4.95 -21.80 -31.40
CA GLY A 61 -3.90 -22.78 -31.26
C GLY A 61 -2.77 -22.19 -30.46
N ASN A 62 -1.75 -21.70 -31.11
CA ASN A 62 -0.59 -21.14 -30.36
C ASN A 62 -0.50 -19.63 -30.52
N ASN A 63 -1.32 -19.12 -31.42
CA ASN A 63 -1.44 -17.71 -31.74
C ASN A 63 -2.50 -16.93 -30.99
N LEU A 64 -2.35 -15.61 -31.10
CA LEU A 64 -3.34 -14.69 -30.47
C LEU A 64 -4.25 -14.16 -31.56
N VAL A 65 -5.47 -13.90 -31.17
CA VAL A 65 -6.50 -13.30 -32.02
C VAL A 65 -6.88 -12.03 -31.27
N VAL A 66 -6.62 -10.90 -31.92
CA VAL A 66 -6.91 -9.55 -31.44
C VAL A 66 -7.68 -8.82 -32.57
N ASN A 67 -8.95 -8.64 -32.34
CA ASN A 67 -9.93 -8.02 -33.22
C ASN A 67 -10.08 -8.68 -34.58
N GLY A 68 -10.02 -10.00 -34.59
CA GLY A 68 -10.04 -10.72 -35.87
C GLY A 68 -8.64 -11.11 -36.37
N LYS A 69 -7.65 -10.27 -36.22
CA LYS A 69 -6.31 -10.51 -36.70
C LYS A 69 -5.54 -11.48 -35.80
N GLU A 70 -5.16 -12.57 -36.42
CA GLU A 70 -4.33 -13.62 -35.79
C GLU A 70 -2.88 -13.13 -35.76
N ILE A 71 -2.34 -12.97 -34.58
CA ILE A 71 -0.96 -12.48 -34.38
C ILE A 71 -0.10 -13.71 -34.27
N ILE A 72 0.85 -13.95 -35.14
CA ILE A 72 1.67 -15.18 -34.95
C ILE A 72 2.51 -15.02 -33.68
N VAL A 73 2.61 -16.06 -32.86
CA VAL A 73 3.40 -16.09 -31.65
C VAL A 73 4.50 -17.16 -31.76
N LYS A 74 5.72 -16.73 -32.04
CA LYS A 74 6.90 -17.61 -32.13
C LYS A 74 7.42 -17.84 -30.71
N ALA A 75 8.38 -18.74 -30.62
CA ALA A 75 8.89 -19.04 -29.26
C ALA A 75 10.29 -19.61 -29.35
N GLU A 76 11.16 -18.78 -29.88
CA GLU A 76 12.58 -18.98 -30.08
C GLU A 76 13.34 -18.21 -29.01
N ARG A 77 14.36 -18.85 -28.52
CA ARG A 77 15.27 -18.44 -27.48
C ARG A 77 16.36 -17.57 -28.06
N ASP A 78 16.64 -17.75 -29.32
CA ASP A 78 17.67 -17.09 -30.12
C ASP A 78 17.07 -16.29 -31.28
N PRO A 79 17.30 -14.99 -31.30
CA PRO A 79 16.80 -14.10 -32.33
C PRO A 79 17.09 -14.48 -33.75
N GLU A 80 18.21 -15.06 -34.10
CA GLU A 80 18.59 -15.49 -35.44
C GLU A 80 17.58 -16.38 -36.14
N ASN A 81 16.91 -17.20 -35.38
CA ASN A 81 15.91 -18.16 -35.83
C ASN A 81 14.51 -17.60 -35.95
N LEU A 82 14.30 -16.34 -35.66
CA LEU A 82 12.94 -15.79 -35.78
C LEU A 82 12.49 -15.58 -37.19
N ALA A 83 13.29 -15.72 -38.21
CA ALA A 83 12.78 -15.55 -39.60
C ALA A 83 11.81 -14.41 -39.74
N TRP A 84 12.24 -13.18 -39.45
CA TRP A 84 11.35 -12.00 -39.52
C TRP A 84 10.92 -11.75 -40.97
N GLY A 85 11.93 -12.03 -41.80
CA GLY A 85 11.90 -11.91 -43.22
C GLY A 85 10.70 -12.51 -43.90
N GLU A 86 10.43 -13.79 -43.73
CA GLU A 86 9.32 -14.57 -44.31
C GLU A 86 7.92 -14.09 -43.94
N ILE A 87 7.72 -13.52 -42.76
CA ILE A 87 6.44 -12.95 -42.39
C ILE A 87 6.37 -11.48 -42.79
N GLY A 88 7.46 -10.93 -43.26
CA GLY A 88 7.51 -9.55 -43.73
C GLY A 88 7.65 -8.51 -42.65
N VAL A 89 8.38 -8.82 -41.58
CA VAL A 89 8.53 -7.85 -40.47
C VAL A 89 9.68 -6.93 -40.80
N ASP A 90 9.40 -5.65 -40.93
CA ASP A 90 10.47 -4.70 -41.24
C ASP A 90 11.10 -4.18 -39.96
N ILE A 91 10.28 -3.92 -38.93
CA ILE A 91 10.81 -3.41 -37.68
C ILE A 91 10.54 -4.35 -36.50
N VAL A 92 11.59 -4.47 -35.72
CA VAL A 92 11.51 -5.34 -34.53
C VAL A 92 11.81 -4.51 -33.28
N VAL A 93 10.84 -4.51 -32.37
CA VAL A 93 10.97 -3.89 -31.04
C VAL A 93 11.64 -4.94 -30.11
N GLU A 94 12.87 -4.63 -29.77
CA GLU A 94 13.57 -5.64 -28.91
C GLU A 94 13.29 -5.21 -27.48
N SER A 95 12.31 -5.91 -26.85
CA SER A 95 11.89 -5.58 -25.48
C SER A 95 12.18 -6.60 -24.42
N THR A 96 13.08 -7.59 -24.65
CA THR A 96 13.44 -8.64 -23.68
C THR A 96 14.42 -8.10 -22.65
N GLY A 97 15.35 -7.30 -23.13
CA GLY A 97 16.34 -6.69 -22.22
C GLY A 97 17.51 -7.63 -22.06
N ARG A 98 17.57 -8.59 -22.97
CA ARG A 98 18.59 -9.61 -23.05
C ARG A 98 19.51 -9.33 -24.25
N PHE A 99 18.98 -8.57 -25.19
CA PHE A 99 19.76 -8.28 -26.41
C PHE A 99 19.95 -6.79 -26.57
N THR A 100 20.46 -6.17 -25.54
CA THR A 100 20.79 -4.75 -25.49
C THR A 100 22.13 -4.40 -26.14
N LYS A 101 23.09 -5.28 -26.27
CA LYS A 101 24.34 -4.94 -26.98
C LYS A 101 24.07 -5.13 -28.47
N ARG A 102 24.58 -4.22 -29.27
CA ARG A 102 24.46 -4.15 -30.70
C ARG A 102 24.58 -5.49 -31.40
N GLU A 103 25.63 -6.19 -31.06
CA GLU A 103 26.02 -7.47 -31.59
C GLU A 103 24.94 -8.49 -31.40
N ASP A 104 24.27 -8.44 -30.26
CA ASP A 104 23.15 -9.37 -29.97
C ASP A 104 21.95 -8.99 -30.76
N ALA A 105 21.55 -7.73 -30.60
CA ALA A 105 20.39 -7.14 -31.28
C ALA A 105 20.47 -7.18 -32.78
N ALA A 106 21.64 -7.12 -33.36
CA ALA A 106 21.87 -7.23 -34.81
C ALA A 106 21.51 -8.65 -35.28
N LYS A 107 21.33 -9.64 -34.41
CA LYS A 107 20.88 -10.97 -34.81
C LYS A 107 19.48 -10.92 -35.45
N HIS A 108 18.61 -9.97 -35.19
CA HIS A 108 17.30 -9.81 -35.78
C HIS A 108 17.40 -9.28 -37.23
N LEU A 109 18.50 -8.62 -37.56
CA LEU A 109 18.75 -8.12 -38.95
C LEU A 109 19.04 -9.35 -39.83
N GLU A 110 19.69 -10.32 -39.19
CA GLU A 110 20.03 -11.61 -39.77
C GLU A 110 18.82 -12.49 -40.05
N ALA A 111 17.76 -12.37 -39.26
CA ALA A 111 16.56 -13.18 -39.46
C ALA A 111 15.65 -12.46 -40.43
N GLY A 112 16.08 -11.35 -40.96
CA GLY A 112 15.30 -10.66 -41.98
C GLY A 112 14.66 -9.35 -41.70
N ALA A 113 14.99 -8.78 -40.54
CA ALA A 113 14.34 -7.48 -40.21
C ALA A 113 15.22 -6.37 -40.77
N LYS A 114 14.61 -5.25 -41.04
CA LYS A 114 15.34 -4.08 -41.55
C LYS A 114 15.82 -3.21 -40.44
N LYS A 115 15.09 -3.00 -39.36
CA LYS A 115 15.49 -2.16 -38.23
C LYS A 115 15.14 -2.78 -36.90
N VAL A 116 15.93 -2.47 -35.89
CA VAL A 116 15.64 -2.94 -34.50
C VAL A 116 15.64 -1.68 -33.64
N ILE A 117 14.62 -1.60 -32.81
CA ILE A 117 14.42 -0.56 -31.78
C ILE A 117 14.59 -1.31 -30.45
N ILE A 118 15.56 -0.89 -29.68
CA ILE A 118 15.83 -1.52 -28.34
C ILE A 118 15.08 -0.67 -27.32
N SER A 119 14.08 -1.20 -26.65
CA SER A 119 13.27 -0.38 -25.73
C SER A 119 13.91 -0.40 -24.35
N ALA A 120 15.12 0.12 -24.32
CA ALA A 120 15.95 0.25 -23.16
C ALA A 120 17.28 0.88 -23.56
N PRO A 121 17.99 1.40 -22.55
CA PRO A 121 19.35 1.94 -22.87
C PRO A 121 20.04 0.72 -23.51
N ALA A 122 20.89 0.89 -24.45
CA ALA A 122 21.66 -0.08 -25.20
C ALA A 122 23.16 0.16 -25.03
N LYS A 123 23.95 -0.70 -25.66
CA LYS A 123 25.41 -0.62 -25.66
C LYS A 123 25.87 -0.71 -27.11
N ASN A 124 26.66 0.25 -27.53
CA ASN A 124 27.21 0.32 -28.89
C ASN A 124 26.11 0.29 -29.96
N GLU A 125 25.05 1.02 -29.76
CA GLU A 125 23.93 1.05 -30.72
C GLU A 125 24.29 2.04 -31.81
N ASP A 126 23.66 2.00 -32.97
CA ASP A 126 23.90 2.93 -34.05
C ASP A 126 23.51 4.33 -33.57
N ILE A 127 22.41 4.46 -32.86
CA ILE A 127 21.99 5.75 -32.34
C ILE A 127 20.94 5.55 -31.26
N THR A 128 21.04 6.38 -30.23
CA THR A 128 20.10 6.51 -29.14
C THR A 128 19.25 7.77 -29.46
N ILE A 129 17.94 7.54 -29.63
CA ILE A 129 17.01 8.64 -29.91
C ILE A 129 15.97 8.79 -28.81
N VAL A 130 15.70 10.02 -28.48
CA VAL A 130 14.71 10.56 -27.56
C VAL A 130 13.87 11.47 -28.48
N MET A 131 12.72 10.92 -28.66
CA MET A 131 11.65 11.44 -29.55
C MET A 131 11.30 12.83 -29.05
N GLY A 132 11.52 13.78 -29.96
CA GLY A 132 11.25 15.20 -29.75
C GLY A 132 12.52 15.97 -29.46
N VAL A 133 13.60 15.28 -29.19
CA VAL A 133 14.88 15.90 -28.97
C VAL A 133 15.90 15.67 -30.08
N ASN A 134 16.07 14.44 -30.57
CA ASN A 134 17.12 14.28 -31.62
C ASN A 134 16.76 13.32 -32.70
N GLN A 135 15.51 13.14 -33.08
CA GLN A 135 15.14 12.18 -34.14
C GLN A 135 15.55 12.65 -35.51
N ASP A 136 15.89 13.92 -35.62
CA ASP A 136 16.33 14.55 -36.88
C ASP A 136 17.72 13.98 -37.21
N LYS A 137 18.46 13.56 -36.19
CA LYS A 137 19.77 12.97 -36.32
C LYS A 137 19.76 11.55 -36.90
N TYR A 138 18.61 10.97 -37.15
CA TYR A 138 18.49 9.61 -37.64
C TYR A 138 18.75 9.51 -39.13
N ASP A 139 19.60 8.54 -39.47
CA ASP A 139 19.94 8.26 -40.88
C ASP A 139 19.58 6.83 -41.23
N PRO A 140 18.68 6.67 -42.18
CA PRO A 140 18.22 5.37 -42.67
C PRO A 140 19.32 4.50 -43.21
N LYS A 141 20.38 5.10 -43.70
CA LYS A 141 21.56 4.45 -44.24
C LYS A 141 22.47 4.01 -43.08
N ALA A 142 22.72 4.96 -42.18
CA ALA A 142 23.67 4.75 -41.11
C ALA A 142 23.19 4.04 -39.89
N HIS A 143 21.88 4.20 -39.62
CA HIS A 143 21.36 3.63 -38.35
C HIS A 143 20.43 2.48 -38.53
N HIS A 144 20.82 1.31 -38.02
CA HIS A 144 19.98 0.10 -38.10
C HIS A 144 19.55 -0.42 -36.73
N VAL A 145 20.43 -0.33 -35.75
CA VAL A 145 20.10 -0.73 -34.35
C VAL A 145 20.10 0.58 -33.54
N ILE A 146 18.94 0.96 -33.11
CA ILE A 146 18.57 2.18 -32.43
C ILE A 146 17.95 1.88 -31.05
N SER A 147 18.31 2.70 -30.12
CA SER A 147 17.86 2.67 -28.72
C SER A 147 16.86 3.85 -28.56
N ASN A 148 15.77 3.56 -27.85
CA ASN A 148 14.76 4.55 -27.50
C ASN A 148 15.05 5.10 -26.09
N ALA A 149 16.19 4.75 -25.54
CA ALA A 149 16.56 5.19 -24.18
C ALA A 149 15.59 4.60 -23.17
N SER A 150 15.53 5.21 -22.00
CA SER A 150 14.61 4.78 -20.92
C SER A 150 13.50 5.82 -20.74
N CYS A 151 12.52 5.36 -20.00
CA CYS A 151 11.34 6.17 -19.63
C CYS A 151 11.83 7.46 -18.97
N THR A 152 12.79 7.37 -18.05
CA THR A 152 13.34 8.49 -17.34
C THR A 152 14.07 9.47 -18.24
N THR A 153 14.83 9.00 -19.18
CA THR A 153 15.55 9.90 -20.08
C THR A 153 14.53 10.61 -20.94
N ASN A 154 13.54 9.89 -21.41
CA ASN A 154 12.44 10.42 -22.21
C ASN A 154 11.70 11.53 -21.52
N CYS A 155 11.58 11.56 -20.20
CA CYS A 155 10.97 12.58 -19.36
C CYS A 155 11.93 13.78 -19.21
N LEU A 156 13.18 13.52 -18.84
CA LEU A 156 14.11 14.65 -18.62
C LEU A 156 14.47 15.41 -19.89
N ALA A 157 15.03 14.77 -20.89
CA ALA A 157 15.51 15.29 -22.13
C ALA A 157 14.63 16.35 -22.74
N PRO A 158 13.35 16.12 -22.96
CA PRO A 158 12.51 17.13 -23.60
C PRO A 158 12.49 18.47 -22.90
N PHE A 159 12.66 18.52 -21.58
CA PHE A 159 12.57 19.80 -20.87
C PHE A 159 13.95 20.34 -20.54
N ALA A 160 14.95 19.48 -20.41
CA ALA A 160 16.33 19.95 -20.23
C ALA A 160 16.79 20.71 -21.49
N LYS A 161 16.48 20.19 -22.63
CA LYS A 161 16.73 20.77 -23.97
C LYS A 161 16.22 22.21 -23.97
N VAL A 162 14.94 22.39 -23.65
CA VAL A 162 14.28 23.69 -23.54
C VAL A 162 15.03 24.61 -22.58
N LEU A 163 15.15 24.28 -21.32
CA LEU A 163 15.88 25.08 -20.34
C LEU A 163 17.28 25.54 -20.81
N HIS A 164 18.02 24.61 -21.35
CA HIS A 164 19.40 24.82 -21.79
C HIS A 164 19.52 25.74 -23.00
N GLU A 165 18.71 25.38 -24.00
CA GLU A 165 18.59 26.10 -25.24
C GLU A 165 18.28 27.54 -24.84
N GLN A 166 17.29 27.74 -24.02
CA GLN A 166 16.88 29.07 -23.56
C GLN A 166 17.70 29.77 -22.49
N PHE A 167 18.19 29.08 -21.49
CA PHE A 167 18.85 29.72 -20.36
C PHE A 167 20.28 29.26 -20.20
N GLY A 168 20.59 28.15 -20.78
CA GLY A 168 21.91 27.52 -20.75
C GLY A 168 22.08 26.93 -19.34
N ILE A 169 22.16 25.61 -19.28
CA ILE A 169 22.27 24.87 -18.01
C ILE A 169 23.72 24.83 -17.60
N VAL A 170 24.12 25.21 -16.43
CA VAL A 170 25.56 25.13 -16.08
C VAL A 170 25.87 23.72 -15.56
N ARG A 171 25.15 23.34 -14.52
CA ARG A 171 25.20 22.03 -13.88
C ARG A 171 23.80 21.73 -13.34
N GLY A 172 23.47 20.47 -13.09
CA GLY A 172 22.14 20.08 -12.65
C GLY A 172 22.21 18.74 -11.98
N MET A 173 21.16 18.45 -11.26
CA MET A 173 21.08 17.21 -10.45
C MET A 173 19.59 16.87 -10.37
N MET A 174 19.27 15.61 -10.63
CA MET A 174 17.90 15.11 -10.63
C MET A 174 17.69 14.00 -9.60
N THR A 175 16.45 13.87 -9.21
CA THR A 175 15.92 12.78 -8.41
C THR A 175 14.68 12.30 -9.23
N THR A 176 14.52 11.00 -9.42
CA THR A 176 13.29 10.51 -10.08
C THR A 176 12.55 9.78 -8.95
N VAL A 177 11.40 10.23 -8.63
CA VAL A 177 10.56 9.62 -7.58
C VAL A 177 9.66 8.70 -8.40
N HIS A 178 10.11 7.49 -8.34
CA HIS A 178 9.66 6.39 -9.18
C HIS A 178 8.81 5.29 -8.63
N SER A 179 7.92 4.81 -9.46
CA SER A 179 7.08 3.65 -9.18
C SER A 179 7.84 2.35 -9.07
N TYR A 180 7.42 1.38 -8.27
CA TYR A 180 8.22 0.12 -8.22
C TYR A 180 8.09 -0.52 -9.59
N THR A 181 9.07 -1.43 -9.86
CA THR A 181 9.07 -2.10 -11.17
C THR A 181 9.20 -3.61 -10.91
N ASN A 182 9.12 -4.35 -12.02
CA ASN A 182 9.13 -5.83 -12.00
C ASN A 182 10.49 -6.38 -11.62
N ASP A 183 11.42 -5.52 -11.52
CA ASP A 183 12.81 -5.68 -11.15
C ASP A 183 13.00 -5.70 -9.65
N GLN A 184 11.98 -5.45 -8.88
CA GLN A 184 12.15 -5.40 -7.42
C GLN A 184 11.54 -6.63 -6.81
N ARG A 185 11.78 -6.82 -5.51
CA ARG A 185 11.23 -8.01 -4.85
C ARG A 185 10.03 -7.59 -3.98
N ILE A 186 9.02 -8.44 -3.95
CA ILE A 186 7.85 -8.28 -3.08
C ILE A 186 8.23 -8.35 -1.59
N LEU A 187 8.99 -9.33 -1.21
CA LEU A 187 9.49 -9.46 0.20
C LEU A 187 11.00 -9.58 0.10
N ASP A 188 11.79 -9.32 1.12
CA ASP A 188 13.26 -9.43 1.06
C ASP A 188 13.76 -10.80 0.54
N LEU A 189 14.26 -10.65 -0.70
CA LEU A 189 14.86 -11.69 -1.48
C LEU A 189 16.17 -11.14 -2.10
N PRO A 190 17.05 -12.06 -2.39
CA PRO A 190 18.33 -11.75 -3.02
C PRO A 190 18.10 -10.96 -4.29
N HIS A 191 19.06 -10.11 -4.58
CA HIS A 191 19.09 -9.22 -5.74
C HIS A 191 20.53 -8.70 -5.83
N LYS A 192 21.03 -8.30 -6.98
CA LYS A 192 22.38 -7.78 -7.14
C LYS A 192 22.49 -6.46 -6.37
N ASP A 193 21.46 -5.62 -6.50
CA ASP A 193 21.46 -4.36 -5.71
C ASP A 193 20.73 -4.67 -4.43
N LEU A 194 21.32 -4.50 -3.29
CA LEU A 194 20.78 -4.76 -1.97
C LEU A 194 19.70 -3.79 -1.54
N ARG A 195 19.46 -2.76 -2.28
CA ARG A 195 18.38 -1.81 -2.05
C ARG A 195 17.11 -2.48 -2.62
N ARG A 196 17.27 -3.00 -3.83
CA ARG A 196 16.19 -3.63 -4.57
C ARG A 196 15.81 -5.04 -4.13
N ALA A 197 16.47 -5.62 -3.17
CA ALA A 197 16.16 -6.88 -2.55
C ALA A 197 15.03 -6.78 -1.50
N ARG A 198 14.73 -5.58 -1.15
CA ARG A 198 13.84 -5.12 -0.09
C ARG A 198 12.43 -4.99 -0.64
N ALA A 199 11.55 -5.50 0.24
CA ALA A 199 10.12 -5.49 -0.04
C ALA A 199 9.79 -4.18 -0.72
N ALA A 200 9.34 -4.18 -1.94
CA ALA A 200 9.04 -2.98 -2.71
C ALA A 200 7.87 -2.10 -2.31
N ALA A 201 6.78 -2.67 -1.87
CA ALA A 201 5.60 -1.90 -1.47
C ALA A 201 5.62 -1.39 -0.06
N GLU A 202 6.65 -1.60 0.69
CA GLU A 202 6.83 -1.21 2.05
C GLU A 202 7.79 -0.08 2.32
N SER A 203 8.53 0.37 1.33
CA SER A 203 9.53 1.43 1.69
C SER A 203 9.72 2.44 0.57
N ILE A 204 10.49 3.46 0.90
CA ILE A 204 11.09 4.43 0.00
C ILE A 204 12.51 3.78 -0.21
N ILE A 205 12.88 3.43 -1.44
CA ILE A 205 14.16 2.75 -1.64
C ILE A 205 15.04 3.54 -2.60
N PRO A 206 16.10 4.11 -2.10
CA PRO A 206 17.06 4.84 -2.94
C PRO A 206 17.76 3.76 -3.79
N THR A 207 18.12 4.11 -4.97
CA THR A 207 18.81 3.29 -5.98
C THR A 207 19.34 4.19 -7.08
N THR A 208 20.20 3.69 -7.92
CA THR A 208 20.77 4.47 -9.02
C THR A 208 19.90 4.58 -10.25
N THR A 209 20.45 5.52 -11.03
CA THR A 209 19.82 5.69 -12.37
C THR A 209 20.81 6.24 -13.38
N GLY A 210 20.72 5.81 -14.62
CA GLY A 210 21.65 6.40 -15.64
C GLY A 210 20.92 7.47 -16.43
N ALA A 211 19.63 7.73 -16.19
CA ALA A 211 18.96 8.70 -17.04
C ALA A 211 19.62 10.05 -17.11
N ALA A 212 20.27 10.47 -16.04
CA ALA A 212 20.88 11.80 -15.94
C ALA A 212 22.01 11.96 -16.90
N LYS A 213 22.92 10.99 -16.91
CA LYS A 213 24.08 11.06 -17.81
C LYS A 213 23.68 10.65 -19.21
N ALA A 214 22.67 9.81 -19.36
CA ALA A 214 22.10 9.27 -20.57
C ALA A 214 21.65 10.37 -21.51
N VAL A 215 21.37 11.54 -20.96
CA VAL A 215 20.91 12.70 -21.70
C VAL A 215 21.98 13.22 -22.65
N ALA A 216 23.26 13.10 -22.33
CA ALA A 216 24.28 13.59 -23.30
C ALA A 216 24.19 12.86 -24.64
N LEU A 217 23.68 11.64 -24.66
CA LEU A 217 23.52 10.88 -25.90
C LEU A 217 22.61 11.66 -26.86
N VAL A 218 21.63 12.29 -26.25
CA VAL A 218 20.61 13.04 -26.98
C VAL A 218 20.92 14.51 -27.02
N LEU A 219 21.46 15.14 -26.02
CA LEU A 219 21.92 16.54 -25.97
C LEU A 219 23.40 16.51 -25.58
N PRO A 220 24.26 16.40 -26.55
CA PRO A 220 25.71 16.31 -26.29
C PRO A 220 26.19 17.49 -25.51
N GLU A 221 25.63 18.68 -25.66
CA GLU A 221 26.18 19.82 -24.87
C GLU A 221 25.99 19.72 -23.37
N LEU A 222 25.28 18.72 -22.85
CA LEU A 222 25.05 18.54 -21.42
C LEU A 222 25.93 17.43 -20.89
N LYS A 223 26.81 17.00 -21.74
CA LYS A 223 27.82 15.96 -21.47
C LYS A 223 28.67 16.39 -20.29
N GLY A 224 28.50 15.71 -19.20
CA GLY A 224 29.15 15.83 -17.94
C GLY A 224 28.47 16.80 -16.96
N LYS A 225 27.32 17.35 -17.35
CA LYS A 225 26.65 18.35 -16.53
C LYS A 225 25.58 17.84 -15.63
N LEU A 226 24.98 16.72 -15.97
CA LEU A 226 23.88 16.18 -15.15
C LEU A 226 24.28 14.88 -14.48
N ASN A 227 23.75 14.60 -13.33
CA ASN A 227 23.85 13.38 -12.53
C ASN A 227 22.53 13.34 -11.72
N GLY A 228 22.26 12.18 -11.15
CA GLY A 228 20.97 12.02 -10.46
C GLY A 228 20.84 10.65 -9.84
N MET A 229 19.72 10.43 -9.17
CA MET A 229 19.47 9.14 -8.50
C MET A 229 17.97 8.84 -8.57
N ALA A 230 17.55 7.73 -8.02
CA ALA A 230 16.15 7.30 -8.01
C ALA A 230 15.69 6.97 -6.60
N MET A 231 14.41 7.12 -6.37
CA MET A 231 13.78 6.72 -5.10
C MET A 231 12.58 5.86 -5.53
N ARG A 232 12.66 4.57 -5.24
CA ARG A 232 11.50 3.70 -5.62
C ARG A 232 10.52 3.75 -4.45
N VAL A 233 9.28 4.16 -4.75
CA VAL A 233 8.25 4.29 -3.71
C VAL A 233 7.07 3.37 -4.08
N PRO A 234 6.26 3.14 -3.06
CA PRO A 234 5.14 2.24 -3.11
C PRO A 234 3.93 2.57 -3.93
N THR A 235 4.08 2.71 -5.23
CA THR A 235 3.02 2.91 -6.23
C THR A 235 3.40 2.03 -7.41
N PRO A 236 2.40 1.59 -8.16
CA PRO A 236 2.62 0.68 -9.31
C PRO A 236 2.96 1.31 -10.63
N ASN A 237 2.72 2.60 -10.81
CA ASN A 237 2.97 3.31 -12.08
C ASN A 237 2.79 4.79 -11.84
N VAL A 238 3.45 5.55 -12.67
CA VAL A 238 3.53 7.00 -12.65
C VAL A 238 4.70 7.44 -11.75
N SER A 239 5.54 8.32 -12.27
CA SER A 239 6.77 8.73 -11.59
C SER A 239 6.89 10.24 -11.89
N VAL A 240 7.78 10.92 -11.27
CA VAL A 240 8.07 12.35 -11.41
C VAL A 240 9.56 12.63 -11.43
N VAL A 241 10.01 13.50 -12.34
CA VAL A 241 11.44 13.89 -12.34
C VAL A 241 11.48 15.24 -11.56
N ASP A 242 12.50 15.39 -10.77
CA ASP A 242 12.78 16.60 -9.92
C ASP A 242 14.17 17.09 -10.33
N LEU A 243 14.20 18.15 -11.10
CA LEU A 243 15.50 18.69 -11.57
C LEU A 243 15.91 20.00 -10.91
N VAL A 244 17.02 19.98 -10.22
CA VAL A 244 17.57 21.24 -9.65
C VAL A 244 18.80 21.52 -10.53
N ALA A 245 18.84 22.70 -11.13
CA ALA A 245 19.92 23.09 -12.06
C ALA A 245 20.39 24.53 -11.81
N GLU A 246 21.63 24.75 -12.15
CA GLU A 246 22.26 26.09 -12.04
C GLU A 246 22.30 26.64 -13.45
N LEU A 247 21.55 27.69 -13.70
CA LEU A 247 21.41 28.32 -15.02
C LEU A 247 22.50 29.35 -15.32
N GLU A 248 22.68 29.71 -16.59
CA GLU A 248 23.69 30.69 -16.97
C GLU A 248 23.15 32.11 -16.91
N LYS A 249 21.89 32.24 -17.25
CA LYS A 249 21.14 33.50 -17.20
C LYS A 249 20.38 33.60 -15.89
N GLU A 250 20.04 34.81 -15.51
CA GLU A 250 19.26 35.12 -14.30
C GLU A 250 17.83 34.89 -14.79
N VAL A 251 17.01 34.24 -13.99
CA VAL A 251 15.64 33.98 -14.52
C VAL A 251 14.64 34.28 -13.41
N THR A 252 13.37 34.17 -13.79
CA THR A 252 12.22 34.27 -12.93
C THR A 252 11.36 32.98 -13.16
N VAL A 253 10.53 32.73 -12.13
CA VAL A 253 9.66 31.55 -12.13
C VAL A 253 8.81 31.57 -13.40
N GLU A 254 8.36 32.78 -13.67
CA GLU A 254 7.51 33.20 -14.77
C GLU A 254 8.09 33.04 -16.13
N GLU A 255 9.35 33.33 -16.36
CA GLU A 255 10.02 33.15 -17.65
C GLU A 255 10.27 31.68 -17.98
N VAL A 256 10.65 30.91 -16.98
CA VAL A 256 10.90 29.49 -16.98
C VAL A 256 9.63 28.74 -17.45
N ASN A 257 8.54 29.08 -16.76
CA ASN A 257 7.24 28.44 -17.09
C ASN A 257 6.78 28.86 -18.46
N ALA A 258 7.00 30.11 -18.87
CA ALA A 258 6.55 30.51 -20.24
C ALA A 258 7.30 29.79 -21.33
N ALA A 259 8.60 29.64 -21.17
CA ALA A 259 9.49 28.93 -22.11
C ALA A 259 8.97 27.51 -22.28
N LEU A 260 8.74 26.80 -21.18
CA LEU A 260 8.20 25.44 -21.18
C LEU A 260 6.85 25.40 -21.81
N LYS A 261 5.98 26.30 -21.42
CA LYS A 261 4.61 26.31 -22.01
C LYS A 261 4.69 26.56 -23.52
N ALA A 262 5.65 27.38 -23.90
CA ALA A 262 5.87 27.71 -25.33
C ALA A 262 6.39 26.45 -26.03
N ALA A 263 7.30 25.76 -25.33
CA ALA A 263 7.83 24.50 -25.92
C ALA A 263 6.65 23.55 -26.08
N ALA A 264 5.93 23.36 -24.98
CA ALA A 264 4.79 22.44 -24.89
C ALA A 264 3.82 22.52 -26.03
N GLU A 265 3.48 23.74 -26.44
CA GLU A 265 2.48 24.08 -27.43
C GLU A 265 2.87 24.08 -28.86
N GLY A 266 4.14 24.12 -29.15
CA GLY A 266 4.57 24.09 -30.57
C GLY A 266 5.44 22.87 -30.82
N GLU A 267 6.73 23.16 -30.81
CA GLU A 267 7.80 22.21 -31.06
C GLU A 267 7.53 20.89 -30.35
N LEU A 268 7.47 20.90 -29.04
CA LEU A 268 7.28 19.67 -28.25
C LEU A 268 5.85 19.21 -28.10
N LYS A 269 4.90 19.78 -28.81
CA LYS A 269 3.48 19.35 -28.70
C LYS A 269 3.39 17.83 -28.89
N GLY A 270 2.87 17.14 -27.92
CA GLY A 270 2.72 15.69 -27.90
C GLY A 270 3.82 15.05 -27.07
N ILE A 271 4.93 15.71 -26.80
CA ILE A 271 6.01 15.09 -26.04
C ILE A 271 6.04 15.66 -24.62
N LEU A 272 6.15 16.99 -24.63
CA LEU A 272 6.13 17.80 -23.40
C LEU A 272 4.74 18.43 -23.30
N ALA A 273 4.18 18.41 -22.12
CA ALA A 273 2.85 18.98 -21.85
C ALA A 273 3.08 19.99 -20.75
N TYR A 274 2.10 20.84 -20.47
CA TYR A 274 2.35 21.80 -19.35
C TYR A 274 1.12 21.85 -18.48
N SER A 275 1.35 21.76 -17.15
CA SER A 275 0.16 21.78 -16.31
C SER A 275 0.18 22.79 -15.20
N GLU A 276 -0.97 23.44 -15.09
CA GLU A 276 -1.12 24.37 -13.96
C GLU A 276 -2.08 23.90 -12.91
N GLU A 277 -2.54 22.68 -12.95
CA GLU A 277 -3.48 22.06 -12.00
C GLU A 277 -2.67 21.35 -10.91
N PRO A 278 -3.18 21.38 -9.67
CA PRO A 278 -2.53 20.75 -8.53
C PRO A 278 -2.94 19.29 -8.53
N LEU A 279 -2.26 18.55 -9.41
CA LEU A 279 -2.66 17.12 -9.57
C LEU A 279 -1.72 16.21 -8.81
N VAL A 280 -2.06 14.93 -8.76
CA VAL A 280 -1.28 13.91 -8.05
C VAL A 280 -0.94 12.77 -9.03
N SER A 281 -0.05 11.86 -8.70
CA SER A 281 0.40 10.77 -9.55
C SER A 281 -0.72 9.96 -10.20
N ARG A 282 -1.79 9.59 -9.55
CA ARG A 282 -2.91 8.85 -10.09
C ARG A 282 -3.55 9.49 -11.31
N ASP A 283 -3.59 10.80 -11.35
CA ASP A 283 -4.16 11.64 -12.38
C ASP A 283 -3.40 11.50 -13.71
N TYR A 284 -2.20 10.96 -13.71
CA TYR A 284 -1.33 10.76 -14.83
C TYR A 284 -1.25 9.35 -15.38
N ASN A 285 -1.88 8.40 -14.79
CA ASN A 285 -1.90 6.97 -15.21
C ASN A 285 -2.67 6.98 -16.54
N GLY A 286 -1.94 6.58 -17.58
CA GLY A 286 -2.59 6.63 -18.92
C GLY A 286 -2.13 7.81 -19.74
N SER A 287 -1.32 8.68 -19.18
CA SER A 287 -0.82 9.84 -19.88
C SER A 287 0.15 9.35 -20.95
N THR A 288 -0.04 9.75 -22.20
CA THR A 288 0.84 9.32 -23.26
C THR A 288 1.94 10.28 -23.66
N VAL A 289 2.09 11.39 -22.99
CA VAL A 289 3.13 12.37 -23.34
C VAL A 289 4.37 11.83 -22.60
N SER A 290 5.50 12.46 -22.88
CA SER A 290 6.71 11.94 -22.24
C SER A 290 6.97 12.63 -20.91
N SER A 291 6.73 13.91 -20.94
CA SER A 291 6.99 14.84 -19.83
C SER A 291 5.78 15.79 -19.71
N THR A 292 5.39 15.96 -18.46
CA THR A 292 4.36 16.88 -18.06
C THR A 292 4.92 17.71 -16.91
N ILE A 293 5.17 18.98 -17.24
CA ILE A 293 5.72 19.95 -16.27
C ILE A 293 4.54 20.29 -15.35
N ASP A 294 4.89 20.23 -14.09
CA ASP A 294 4.00 20.60 -12.97
C ASP A 294 4.38 22.07 -12.72
N ALA A 295 3.76 22.96 -13.49
CA ALA A 295 4.00 24.40 -13.41
C ALA A 295 3.93 24.93 -11.98
N LEU A 296 2.89 24.57 -11.21
CA LEU A 296 2.86 25.02 -9.82
C LEU A 296 4.10 24.67 -9.04
N SER A 297 4.97 23.72 -9.37
CA SER A 297 6.18 23.46 -8.55
C SER A 297 7.43 24.21 -8.99
N THR A 298 7.51 24.90 -10.14
CA THR A 298 8.71 25.64 -10.56
C THR A 298 9.11 26.61 -9.44
N MET A 299 10.37 26.65 -9.14
CA MET A 299 11.02 27.42 -8.07
C MET A 299 12.39 27.92 -8.53
N VAL A 300 12.74 29.15 -8.16
CA VAL A 300 14.00 29.84 -8.45
C VAL A 300 14.59 30.40 -7.14
N ILE A 301 15.88 30.49 -7.00
CA ILE A 301 16.69 31.04 -5.92
C ILE A 301 17.88 31.82 -6.52
N ASP A 302 18.10 33.06 -6.17
CA ASP A 302 19.16 33.91 -6.71
C ASP A 302 19.09 34.14 -8.19
N GLY A 303 17.97 34.10 -8.81
CA GLY A 303 17.84 34.19 -10.25
C GLY A 303 18.52 33.05 -11.00
N LYS A 304 19.39 32.26 -10.42
CA LYS A 304 20.15 31.19 -11.00
C LYS A 304 19.87 29.70 -10.81
N MET A 305 19.55 29.28 -9.60
CA MET A 305 19.29 27.86 -9.31
C MET A 305 17.79 27.65 -9.49
N VAL A 306 17.39 26.66 -10.28
CA VAL A 306 15.95 26.34 -10.47
C VAL A 306 15.58 24.88 -10.17
N LYS A 307 14.32 24.65 -9.84
CA LYS A 307 13.63 23.38 -9.59
C LYS A 307 12.49 23.25 -10.65
N VAL A 308 12.40 22.19 -11.42
CA VAL A 308 11.37 21.94 -12.46
C VAL A 308 10.94 20.51 -12.06
N VAL A 309 9.67 20.21 -12.03
CA VAL A 309 9.15 18.89 -11.59
C VAL A 309 8.36 18.33 -12.72
N SER A 310 8.69 17.25 -13.36
CA SER A 310 7.90 16.71 -14.53
C SER A 310 7.34 15.33 -14.24
N TRP A 311 6.12 15.10 -14.65
CA TRP A 311 5.37 13.87 -14.48
C TRP A 311 5.51 12.95 -15.67
N TYR A 312 5.66 11.63 -15.43
CA TYR A 312 5.65 10.71 -16.57
C TYR A 312 4.97 9.42 -16.16
N ASP A 313 4.08 8.99 -17.05
CA ASP A 313 3.47 7.63 -16.86
C ASP A 313 4.65 6.75 -17.35
N ASN A 314 5.50 6.24 -16.52
CA ASN A 314 6.62 5.44 -17.05
C ASN A 314 6.25 4.26 -17.89
N GLU A 315 5.10 3.62 -17.89
CA GLU A 315 4.81 2.52 -18.80
C GLU A 315 4.06 3.02 -20.04
N THR A 316 3.12 3.96 -19.86
CA THR A 316 2.38 4.46 -21.04
C THR A 316 3.11 5.37 -21.98
N GLY A 317 3.72 6.41 -21.58
CA GLY A 317 4.44 7.40 -22.44
C GLY A 317 5.58 6.74 -23.15
N TYR A 318 6.36 5.98 -22.42
CA TYR A 318 7.50 5.25 -23.03
C TYR A 318 7.05 4.35 -24.18
N SER A 319 5.97 3.64 -24.03
CA SER A 319 5.40 2.74 -25.03
C SER A 319 4.97 3.47 -26.28
N HIS A 320 4.32 4.63 -26.07
CA HIS A 320 3.82 5.44 -27.20
C HIS A 320 5.02 5.98 -27.97
N ARG A 321 6.07 6.26 -27.23
CA ARG A 321 7.31 6.73 -27.89
C ARG A 321 7.90 5.68 -28.82
N VAL A 322 7.97 4.42 -28.36
CA VAL A 322 8.49 3.31 -29.15
C VAL A 322 7.67 3.22 -30.45
N VAL A 323 6.37 3.35 -30.29
CA VAL A 323 5.43 3.29 -31.40
C VAL A 323 5.65 4.46 -32.34
N ASP A 324 5.87 5.62 -31.77
CA ASP A 324 6.14 6.88 -32.48
C ASP A 324 7.44 6.75 -33.27
N LEU A 325 8.41 6.20 -32.59
CA LEU A 325 9.75 5.99 -33.15
C LEU A 325 9.63 5.00 -34.29
N ALA A 326 8.92 3.90 -34.10
CA ALA A 326 8.71 2.89 -35.13
C ALA A 326 8.08 3.55 -36.36
N ALA A 327 7.14 4.43 -36.25
CA ALA A 327 6.46 5.17 -37.32
C ALA A 327 7.30 6.24 -37.99
N TYR A 328 8.20 6.86 -37.27
CA TYR A 328 9.14 7.87 -37.78
C TYR A 328 10.19 7.22 -38.71
N ILE A 329 10.87 6.22 -38.20
CA ILE A 329 11.91 5.44 -38.88
C ILE A 329 11.36 5.01 -40.25
N ALA A 330 10.21 4.34 -40.13
CA ALA A 330 9.48 3.87 -41.28
C ALA A 330 9.18 5.02 -42.23
N SER A 331 8.85 6.22 -41.78
CA SER A 331 8.48 7.32 -42.68
C SER A 331 9.68 7.75 -43.48
N LYS A 332 10.87 7.47 -43.00
CA LYS A 332 12.08 7.85 -43.71
C LYS A 332 12.53 6.84 -44.78
N GLY A 333 11.97 5.68 -44.88
CA GLY A 333 12.24 4.65 -45.82
C GLY A 333 12.91 3.43 -45.22
N LEU A 334 12.43 2.28 -45.67
CA LEU A 334 12.87 0.94 -45.29
C LEU A 334 13.28 0.08 -46.50
N ALA B 1 12.31 14.11 37.42
CA ALA B 1 12.87 15.26 38.19
C ALA B 1 12.19 16.50 37.60
N VAL B 2 12.35 16.75 36.32
CA VAL B 2 11.65 17.85 35.64
C VAL B 2 10.24 17.29 35.27
N LYS B 3 9.30 18.01 35.84
CA LYS B 3 7.87 17.70 35.69
C LYS B 3 7.37 18.42 34.47
N VAL B 4 6.82 17.67 33.56
CA VAL B 4 6.26 18.01 32.26
C VAL B 4 4.75 17.72 32.24
N GLY B 5 4.09 18.57 31.51
CA GLY B 5 2.63 18.48 31.25
C GLY B 5 2.55 18.42 29.70
N ILE B 6 1.63 17.63 29.20
CA ILE B 6 1.46 17.50 27.73
C ILE B 6 0.13 18.09 27.29
N ASN B 7 0.17 19.07 26.41
CA ASN B 7 -1.13 19.63 25.99
C ASN B 7 -1.46 18.90 24.68
N GLY B 8 -2.45 18.07 24.66
CA GLY B 8 -2.90 17.32 23.48
C GLY B 8 -2.26 15.96 23.42
N PHE B 9 -3.04 14.92 23.37
CA PHE B 9 -2.52 13.56 23.33
C PHE B 9 -2.73 12.94 21.96
N GLY B 10 -2.43 13.56 20.87
CA GLY B 10 -2.56 12.91 19.52
C GLY B 10 -1.22 12.22 19.27
N ARG B 11 -0.92 11.90 18.03
CA ARG B 11 0.38 11.25 17.69
C ARG B 11 1.56 11.96 18.29
N ILE B 12 1.82 13.25 18.12
CA ILE B 12 2.97 13.90 18.76
C ILE B 12 2.84 13.82 20.25
N GLY B 13 1.75 14.13 20.90
CA GLY B 13 1.70 14.01 22.36
C GLY B 13 2.10 12.58 22.76
N ARG B 14 1.41 11.56 22.20
CA ARG B 14 1.72 10.18 22.47
C ARG B 14 3.14 9.81 22.22
N ASN B 15 3.80 10.15 21.14
CA ASN B 15 5.21 9.83 20.88
C ASN B 15 6.10 10.56 21.86
N VAL B 16 5.79 11.85 22.12
CA VAL B 16 6.68 12.58 23.08
C VAL B 16 6.67 11.81 24.40
N PHE B 17 5.51 11.40 24.85
CA PHE B 17 5.26 10.59 26.06
C PHE B 17 6.11 9.30 26.05
N ARG B 18 5.98 8.56 24.95
CA ARG B 18 6.71 7.33 24.73
C ARG B 18 8.20 7.64 24.79
N ALA B 19 8.67 8.66 24.14
CA ALA B 19 10.06 9.12 24.18
C ALA B 19 10.51 9.39 25.61
N ALA B 20 9.67 10.11 26.35
CA ALA B 20 10.00 10.51 27.73
C ALA B 20 10.18 9.33 28.63
N LEU B 21 9.45 8.26 28.36
CA LEU B 21 9.55 7.07 29.21
C LEU B 21 11.00 6.66 29.34
N LYS B 22 11.83 6.90 28.35
CA LYS B 22 13.23 6.47 28.41
C LYS B 22 14.19 7.42 29.05
N ASN B 23 13.72 8.48 29.68
CA ASN B 23 14.57 9.47 30.36
C ASN B 23 14.06 9.51 31.81
N PRO B 24 14.86 8.99 32.73
CA PRO B 24 14.51 8.99 34.17
C PRO B 24 14.46 10.43 34.68
N ASP B 25 15.18 11.33 34.05
CA ASP B 25 15.18 12.75 34.38
C ASP B 25 13.94 13.50 33.90
N ILE B 26 12.98 12.91 33.21
CA ILE B 26 11.80 13.67 32.88
C ILE B 26 10.65 12.84 33.46
N GLU B 27 9.59 13.57 33.81
CA GLU B 27 8.42 12.86 34.43
C GLU B 27 7.17 13.51 33.87
N VAL B 28 6.34 12.86 33.09
CA VAL B 28 5.10 13.48 32.58
C VAL B 28 4.10 13.33 33.72
N VAL B 29 3.64 14.48 34.22
CA VAL B 29 2.68 14.35 35.34
C VAL B 29 1.25 14.45 34.86
N ALA B 30 1.08 15.09 33.68
CA ALA B 30 -0.34 15.24 33.27
C ALA B 30 -0.38 15.55 31.80
N VAL B 31 -1.50 15.15 31.18
CA VAL B 31 -1.74 15.38 29.75
C VAL B 31 -3.11 16.13 29.75
N ASN B 32 -3.41 16.87 28.74
CA ASN B 32 -4.68 17.58 28.55
C ASN B 32 -5.23 17.20 27.17
N ASP B 33 -6.40 16.60 27.19
CA ASP B 33 -7.02 16.10 25.94
C ASP B 33 -8.48 15.80 26.16
N LEU B 34 -9.28 16.11 25.20
CA LEU B 34 -10.72 15.83 25.23
C LEU B 34 -11.12 14.41 24.91
N THR B 35 -10.39 13.51 24.31
CA THR B 35 -10.81 12.10 24.04
C THR B 35 -10.88 11.32 25.33
N ASP B 36 -11.72 10.30 25.40
CA ASP B 36 -11.89 9.51 26.63
C ASP B 36 -10.61 8.74 26.95
N ALA B 37 -10.39 8.56 28.26
CA ALA B 37 -9.23 7.85 28.77
C ALA B 37 -9.14 6.43 28.25
N ASN B 38 -10.23 5.79 27.92
CA ASN B 38 -10.30 4.42 27.38
C ASN B 38 -9.74 4.49 25.97
N THR B 39 -10.19 5.47 25.22
CA THR B 39 -9.62 5.66 23.89
C THR B 39 -8.16 6.06 23.98
N LEU B 40 -7.71 6.86 24.88
CA LEU B 40 -6.27 7.21 24.98
C LEU B 40 -5.40 6.10 25.52
N ALA B 41 -5.84 5.25 26.45
CA ALA B 41 -4.97 4.16 26.97
C ALA B 41 -4.67 3.13 25.87
N HIS B 42 -5.67 2.87 25.03
CA HIS B 42 -5.72 2.01 23.88
C HIS B 42 -4.79 2.48 22.81
N LEU B 43 -4.91 3.78 22.48
CA LEU B 43 -3.98 4.37 21.51
C LEU B 43 -2.58 4.52 22.07
N LEU B 44 -2.36 4.52 23.36
CA LEU B 44 -0.98 4.61 23.91
C LEU B 44 -0.31 3.23 23.81
N LYS B 45 -1.08 2.20 24.08
CA LYS B 45 -0.70 0.80 24.11
C LYS B 45 -0.39 0.24 22.75
N TYR B 46 -1.23 0.46 21.76
CA TYR B 46 -1.00 -0.07 20.39
C TYR B 46 -0.84 1.06 19.39
N ASP B 47 0.15 1.00 18.58
CA ASP B 47 0.54 1.85 17.47
C ASP B 47 0.86 0.95 16.28
N SER B 48 0.40 1.30 15.09
CA SER B 48 0.55 0.60 13.84
C SER B 48 1.94 0.78 13.23
N VAL B 49 2.61 1.77 13.75
CA VAL B 49 3.93 2.15 13.27
C VAL B 49 4.96 1.71 14.29
N HIS B 50 4.76 2.22 15.48
CA HIS B 50 5.64 2.05 16.61
C HIS B 50 5.49 0.82 17.45
N GLY B 51 4.51 -0.02 17.21
CA GLY B 51 4.24 -1.26 17.96
C GLY B 51 3.70 -1.11 19.33
N ARG B 52 3.66 -2.21 20.09
CA ARG B 52 3.08 -2.18 21.46
C ARG B 52 3.96 -1.42 22.43
N LEU B 53 3.44 -0.52 23.24
CA LEU B 53 4.28 0.11 24.27
C LEU B 53 4.62 -0.95 25.33
N ASP B 54 5.89 -0.99 25.69
CA ASP B 54 6.31 -1.95 26.76
C ASP B 54 6.13 -1.21 28.09
N ALA B 55 4.92 -1.23 28.58
CA ALA B 55 4.58 -0.57 29.83
C ALA B 55 3.11 -0.93 30.08
N GLU B 56 2.90 -1.12 31.36
CA GLU B 56 1.54 -1.46 31.77
C GLU B 56 0.80 -0.14 31.78
N VAL B 57 -0.26 -0.20 31.02
CA VAL B 57 -1.14 0.97 30.85
C VAL B 57 -2.52 0.51 31.29
N SER B 58 -3.12 1.31 32.15
CA SER B 58 -4.51 1.08 32.57
C SER B 58 -5.11 2.46 32.82
N VAL B 59 -6.39 2.37 33.00
CA VAL B 59 -7.24 3.55 33.27
C VAL B 59 -7.66 3.44 34.74
N ASN B 60 -7.63 4.57 35.40
CA ASN B 60 -8.02 4.67 36.83
C ASN B 60 -8.97 5.86 36.92
N GLY B 61 -10.21 5.50 36.66
CA GLY B 61 -11.30 6.47 36.58
C GLY B 61 -11.19 7.29 35.27
N ASN B 62 -10.72 8.51 35.50
CA ASN B 62 -10.54 9.51 34.46
C ASN B 62 -9.04 9.60 34.11
N ASN B 63 -8.24 8.94 34.90
CA ASN B 63 -6.80 9.01 34.67
C ASN B 63 -6.15 7.75 34.09
N LEU B 64 -4.94 7.91 33.59
CA LEU B 64 -4.17 6.79 33.03
C LEU B 64 -3.28 6.31 34.14
N VAL B 65 -2.90 5.04 34.16
CA VAL B 65 -1.86 4.61 35.14
C VAL B 65 -0.75 4.03 34.28
N VAL B 66 0.45 4.49 34.21
CA VAL B 66 1.45 3.86 33.29
C VAL B 66 2.65 3.49 34.14
N ASN B 67 2.97 2.23 34.28
CA ASN B 67 4.10 1.71 35.02
C ASN B 67 4.09 2.11 36.48
N GLY B 68 2.99 2.01 37.21
CA GLY B 68 3.11 2.47 38.62
C GLY B 68 2.62 3.91 38.73
N LYS B 69 3.10 4.87 37.98
CA LYS B 69 2.72 6.26 38.02
C LYS B 69 1.30 6.49 37.46
N GLU B 70 0.61 7.44 38.04
CA GLU B 70 -0.70 7.86 37.67
C GLU B 70 -0.57 9.25 37.02
N ILE B 71 -1.01 9.33 35.80
CA ILE B 71 -0.96 10.51 34.98
C ILE B 71 -2.35 11.15 35.05
N ILE B 72 -2.41 12.40 35.49
CA ILE B 72 -3.71 13.07 35.53
C ILE B 72 -4.07 13.45 34.10
N VAL B 73 -5.26 13.16 33.67
CA VAL B 73 -5.71 13.57 32.32
C VAL B 73 -6.66 14.75 32.57
N LYS B 74 -6.46 15.80 31.85
CA LYS B 74 -7.34 16.97 31.94
C LYS B 74 -8.14 17.02 30.62
N ALA B 75 -9.23 17.75 30.68
CA ALA B 75 -10.10 17.90 29.49
C ALA B 75 -10.65 19.33 29.50
N GLU B 76 -9.72 20.23 29.29
CA GLU B 76 -9.84 21.66 29.15
C GLU B 76 -9.57 22.00 27.69
N ARG B 77 -10.49 22.79 27.20
CA ARG B 77 -10.57 23.36 25.87
C ARG B 77 -9.77 24.66 25.81
N ASP B 78 -9.48 25.21 26.98
CA ASP B 78 -8.83 26.46 27.31
C ASP B 78 -7.62 26.36 28.25
N PRO B 79 -6.45 26.64 27.68
CA PRO B 79 -5.18 26.51 28.39
C PRO B 79 -5.11 27.39 29.63
N GLU B 80 -5.86 28.46 29.61
CA GLU B 80 -5.95 29.46 30.69
C GLU B 80 -6.24 28.76 32.01
N ASN B 81 -7.14 27.82 31.89
CA ASN B 81 -7.65 26.99 32.95
C ASN B 81 -6.86 25.75 33.32
N LEU B 82 -5.66 25.53 32.89
CA LEU B 82 -4.99 24.27 33.13
C LEU B 82 -4.41 24.08 34.49
N ALA B 83 -4.16 25.09 35.26
CA ALA B 83 -3.57 25.00 36.60
C ALA B 83 -2.35 24.10 36.64
N TRP B 84 -1.41 24.45 35.79
CA TRP B 84 -0.11 23.72 35.70
C TRP B 84 0.60 23.87 37.04
N GLY B 85 0.56 25.12 37.48
CA GLY B 85 1.15 25.57 38.71
C GLY B 85 0.73 24.71 39.89
N GLU B 86 -0.53 24.40 40.05
CA GLU B 86 -0.93 23.62 41.22
C GLU B 86 -0.56 22.18 41.14
N ILE B 87 -0.27 21.59 39.98
CA ILE B 87 0.19 20.17 39.99
C ILE B 87 1.71 20.12 39.89
N GLY B 88 2.33 21.29 39.82
CA GLY B 88 3.77 21.44 39.84
C GLY B 88 4.52 21.23 38.57
N VAL B 89 3.78 21.30 37.49
CA VAL B 89 4.36 21.15 36.16
C VAL B 89 5.08 22.44 35.78
N ASP B 90 6.29 22.26 35.40
CA ASP B 90 7.27 23.25 35.01
C ASP B 90 7.38 23.51 33.53
N ILE B 91 7.39 22.47 32.72
CA ILE B 91 7.48 22.64 31.27
C ILE B 91 6.24 22.05 30.64
N VAL B 92 5.62 22.78 29.72
CA VAL B 92 4.46 22.26 29.04
C VAL B 92 4.85 21.97 27.59
N VAL B 93 4.63 20.74 27.13
CA VAL B 93 4.89 20.49 25.67
C VAL B 93 3.52 20.79 25.03
N GLU B 94 3.49 21.89 24.30
CA GLU B 94 2.25 22.32 23.64
C GLU B 94 2.22 21.64 22.31
N SER B 95 1.37 20.59 22.20
CA SER B 95 1.40 19.88 20.89
C SER B 95 0.05 19.66 20.30
N THR B 96 -0.86 20.62 20.56
CA THR B 96 -2.22 20.56 20.05
C THR B 96 -2.19 21.02 18.59
N GLY B 97 -1.34 21.97 18.26
CA GLY B 97 -1.31 22.48 16.89
C GLY B 97 -2.31 23.64 16.71
N ARG B 98 -2.97 24.00 17.77
CA ARG B 98 -3.91 25.04 17.96
C ARG B 98 -3.33 26.25 18.70
N PHE B 99 -2.20 26.20 19.37
CA PHE B 99 -1.67 27.36 20.12
C PHE B 99 -0.24 27.68 19.73
N THR B 100 -0.01 27.80 18.42
CA THR B 100 1.34 28.05 17.92
C THR B 100 1.70 29.49 17.83
N LYS B 101 0.78 30.34 18.23
CA LYS B 101 1.06 31.78 18.23
C LYS B 101 1.48 32.10 19.64
N ARG B 102 2.56 32.83 19.88
CA ARG B 102 3.02 33.16 21.22
C ARG B 102 1.95 33.44 22.23
N GLU B 103 1.02 34.27 21.88
CA GLU B 103 -0.11 34.73 22.66
C GLU B 103 -0.97 33.62 23.11
N ASP B 104 -1.25 32.64 22.26
CA ASP B 104 -2.10 31.50 22.71
C ASP B 104 -1.32 30.60 23.66
N ALA B 105 -0.09 30.31 23.23
CA ALA B 105 0.84 29.44 23.92
C ALA B 105 1.20 29.92 25.31
N ALA B 106 1.23 31.23 25.52
CA ALA B 106 1.53 31.96 26.74
C ALA B 106 0.50 31.77 27.83
N LYS B 107 -0.66 31.26 27.50
CA LYS B 107 -1.74 30.90 28.39
C LYS B 107 -1.37 29.79 29.35
N HIS B 108 -0.44 28.92 29.03
CA HIS B 108 0.11 27.85 29.86
C HIS B 108 0.98 28.43 30.99
N LEU B 109 1.51 29.61 30.76
CA LEU B 109 2.40 30.37 31.66
C LEU B 109 1.53 31.07 32.71
N GLU B 110 0.42 31.62 32.20
CA GLU B 110 -0.57 32.26 33.05
C GLU B 110 -1.11 31.25 34.03
N ALA B 111 -1.23 30.02 33.61
CA ALA B 111 -1.76 28.92 34.44
C ALA B 111 -0.69 28.20 35.23
N GLY B 112 0.54 28.72 35.27
CA GLY B 112 1.54 28.06 36.10
C GLY B 112 2.80 27.49 35.54
N ALA B 113 2.87 27.11 34.28
CA ALA B 113 4.12 26.57 33.72
C ALA B 113 5.17 27.67 33.77
N LYS B 114 6.42 27.30 33.65
CA LYS B 114 7.59 28.16 33.61
C LYS B 114 8.04 28.31 32.17
N LYS B 115 7.89 27.25 31.37
CA LYS B 115 8.28 27.30 29.95
C LYS B 115 7.28 26.52 29.12
N VAL B 116 7.26 26.83 27.82
CA VAL B 116 6.41 26.16 26.82
C VAL B 116 7.28 25.78 25.61
N ILE B 117 7.08 24.49 25.22
CA ILE B 117 7.76 23.96 24.01
C ILE B 117 6.63 23.73 23.00
N ILE B 118 6.67 24.38 21.91
CA ILE B 118 5.66 24.23 20.85
C ILE B 118 6.26 23.17 19.91
N SER B 119 5.52 22.06 19.76
CA SER B 119 6.12 20.98 18.91
C SER B 119 5.60 21.14 17.49
N ALA B 120 6.11 22.18 16.87
CA ALA B 120 5.80 22.60 15.53
C ALA B 120 6.29 24.06 15.37
N PRO B 121 6.35 24.49 14.14
CA PRO B 121 6.71 25.88 13.82
C PRO B 121 5.66 26.76 14.51
N ALA B 122 6.15 27.85 15.05
CA ALA B 122 5.41 28.85 15.80
C ALA B 122 5.64 30.21 15.14
N LYS B 123 4.77 31.09 15.67
CA LYS B 123 4.72 32.51 15.29
C LYS B 123 5.02 33.31 16.55
N ASN B 124 5.99 34.17 16.47
CA ASN B 124 6.41 35.06 17.57
C ASN B 124 6.98 34.40 18.82
N GLU B 125 7.51 33.23 18.64
CA GLU B 125 8.10 32.47 19.75
C GLU B 125 9.27 33.30 20.22
N ASP B 126 9.80 32.99 21.35
CA ASP B 126 10.97 33.71 21.91
C ASP B 126 12.16 33.30 21.10
N ILE B 127 12.20 32.01 20.81
CA ILE B 127 13.24 31.36 20.00
C ILE B 127 12.70 30.01 19.49
N THR B 128 13.27 29.59 18.37
CA THR B 128 13.08 28.37 17.65
C THR B 128 14.43 27.61 17.70
N ILE B 129 14.45 26.48 18.38
CA ILE B 129 15.66 25.68 18.53
C ILE B 129 15.70 24.34 17.80
N VAL B 130 16.77 24.12 17.06
CA VAL B 130 17.02 22.81 16.47
C VAL B 130 18.20 22.33 17.34
N MET B 131 17.94 21.38 18.19
CA MET B 131 18.94 20.81 19.11
C MET B 131 20.15 20.32 18.33
N GLY B 132 21.28 20.93 18.54
CA GLY B 132 22.57 20.54 17.93
C GLY B 132 23.06 21.66 17.01
N VAL B 133 22.09 22.52 16.69
CA VAL B 133 22.31 23.64 15.82
C VAL B 133 22.36 24.95 16.60
N ASN B 134 21.43 25.29 17.47
CA ASN B 134 21.47 26.55 18.20
C ASN B 134 20.90 26.48 19.59
N GLN B 135 21.14 25.47 20.38
CA GLN B 135 20.53 25.50 21.74
C GLN B 135 21.31 26.44 22.64
N ASP B 136 22.50 26.76 22.18
CA ASP B 136 23.47 27.61 22.88
C ASP B 136 22.97 29.04 22.86
N LYS B 137 22.16 29.42 21.89
CA LYS B 137 21.55 30.73 21.75
C LYS B 137 20.32 30.94 22.67
N TYR B 138 19.86 29.90 23.34
CA TYR B 138 18.75 29.82 24.27
C TYR B 138 19.11 30.69 25.46
N ASP B 139 18.15 31.50 25.86
CA ASP B 139 18.45 32.37 27.04
C ASP B 139 17.36 32.19 28.08
N PRO B 140 17.74 31.60 29.20
CA PRO B 140 16.81 31.29 30.28
C PRO B 140 16.12 32.50 30.86
N LYS B 141 16.70 33.69 30.69
CA LYS B 141 16.08 34.88 31.27
C LYS B 141 15.11 35.53 30.32
N ALA B 142 15.35 35.40 29.03
CA ALA B 142 14.55 35.98 27.96
C ALA B 142 13.69 35.00 27.17
N HIS B 143 13.98 33.70 27.18
CA HIS B 143 13.21 32.75 26.31
C HIS B 143 12.34 31.81 27.12
N HIS B 144 11.02 31.96 26.94
CA HIS B 144 9.97 31.27 27.67
C HIS B 144 8.98 30.50 26.81
N VAL B 145 8.78 30.90 25.59
CA VAL B 145 7.89 30.21 24.65
C VAL B 145 8.78 29.87 23.44
N ILE B 146 9.24 28.64 23.44
CA ILE B 146 10.15 28.02 22.52
C ILE B 146 9.43 27.05 21.55
N SER B 147 9.94 27.12 20.35
CA SER B 147 9.62 26.30 19.23
C SER B 147 10.72 25.27 18.91
N ASN B 148 10.24 24.08 18.52
CA ASN B 148 11.20 22.97 18.23
C ASN B 148 11.21 22.76 16.75
N ALA B 149 10.75 23.76 16.01
CA ALA B 149 10.70 23.70 14.52
C ALA B 149 9.92 22.46 14.11
N SER B 150 10.10 22.00 12.89
CA SER B 150 9.40 20.78 12.44
C SER B 150 10.36 19.61 12.34
N CYS B 151 9.86 18.40 12.08
CA CYS B 151 10.60 17.18 11.88
C CYS B 151 11.64 17.36 10.77
N THR B 152 11.26 17.93 9.63
CA THR B 152 12.00 18.13 8.43
C THR B 152 13.08 19.15 8.66
N THR B 153 12.75 20.21 9.40
CA THR B 153 13.82 21.21 9.71
C THR B 153 14.86 20.57 10.61
N ASN B 154 14.46 19.65 11.51
CA ASN B 154 15.45 18.98 12.38
C ASN B 154 16.32 18.07 11.55
N CYS B 155 15.87 17.59 10.44
CA CYS B 155 16.67 16.69 9.56
C CYS B 155 17.72 17.43 8.74
N LEU B 156 17.27 18.51 8.14
CA LEU B 156 18.07 19.37 7.28
C LEU B 156 19.15 20.18 7.99
N ALA B 157 18.78 20.83 9.08
CA ALA B 157 19.55 21.75 9.88
C ALA B 157 20.90 21.27 10.28
N PRO B 158 20.99 20.13 10.94
CA PRO B 158 22.27 19.58 11.36
C PRO B 158 23.28 19.44 10.26
N PHE B 159 22.98 18.93 9.08
CA PHE B 159 23.95 18.76 7.97
C PHE B 159 24.03 19.98 7.07
N ALA B 160 23.06 20.90 7.13
CA ALA B 160 23.22 22.15 6.33
C ALA B 160 24.29 22.98 7.08
N LYS B 161 24.31 22.77 8.39
CA LYS B 161 25.27 23.38 9.29
C LYS B 161 26.70 23.10 8.83
N VAL B 162 27.03 21.84 8.91
CA VAL B 162 28.26 21.15 8.55
C VAL B 162 28.65 21.51 7.14
N LEU B 163 27.82 21.30 6.15
CA LEU B 163 28.06 21.69 4.75
C LEU B 163 28.44 23.18 4.62
N HIS B 164 27.65 24.06 5.19
CA HIS B 164 27.88 25.52 5.18
C HIS B 164 29.22 25.81 5.86
N GLU B 165 29.36 25.40 7.09
CA GLU B 165 30.57 25.58 7.85
C GLU B 165 31.80 25.18 7.09
N GLN B 166 31.86 23.95 6.61
CA GLN B 166 33.05 23.44 5.94
C GLN B 166 33.36 24.01 4.59
N PHE B 167 32.38 24.01 3.71
CA PHE B 167 32.49 24.39 2.31
C PHE B 167 31.72 25.65 1.94
N GLY B 168 30.70 25.98 2.69
CA GLY B 168 29.90 27.20 2.41
C GLY B 168 28.81 26.97 1.37
N ILE B 169 27.56 27.25 1.77
CA ILE B 169 26.42 27.10 0.87
C ILE B 169 26.18 28.42 0.17
N VAL B 170 26.01 28.41 -1.13
CA VAL B 170 25.70 29.63 -1.89
C VAL B 170 24.16 29.71 -2.07
N ARG B 171 23.69 28.59 -2.60
CA ARG B 171 22.28 28.35 -2.84
C ARG B 171 21.99 26.85 -2.79
N GLY B 172 20.78 26.50 -2.46
CA GLY B 172 20.41 25.08 -2.31
C GLY B 172 18.89 24.92 -2.40
N MET B 173 18.55 23.71 -2.78
CA MET B 173 17.12 23.35 -3.01
C MET B 173 16.90 21.99 -2.39
N MET B 174 15.82 21.82 -1.63
CA MET B 174 15.57 20.51 -1.04
C MET B 174 14.24 19.95 -1.53
N THR B 175 14.11 18.64 -1.50
CA THR B 175 12.87 17.95 -1.73
C THR B 175 12.81 16.98 -0.51
N THR B 176 11.65 16.84 0.08
CA THR B 176 11.60 15.80 1.18
C THR B 176 10.66 14.76 0.61
N VAL B 177 11.02 13.53 0.59
CA VAL B 177 10.11 12.42 0.13
C VAL B 177 9.60 11.93 1.48
N HIS B 178 8.37 12.36 1.74
CA HIS B 178 7.75 12.19 3.05
C HIS B 178 6.59 11.22 3.14
N SER B 179 6.50 10.57 4.29
CA SER B 179 5.41 9.69 4.67
C SER B 179 4.09 10.39 4.75
N TYR B 180 3.00 9.67 4.49
CA TYR B 180 1.68 10.36 4.66
C TYR B 180 1.57 10.69 6.14
N THR B 181 0.79 11.73 6.40
CA THR B 181 0.50 12.28 7.72
C THR B 181 -0.97 12.29 8.02
N ASN B 182 -1.34 12.64 9.24
CA ASN B 182 -2.71 12.63 9.73
C ASN B 182 -3.48 13.80 9.13
N ASP B 183 -2.79 14.64 8.45
CA ASP B 183 -3.21 15.81 7.73
C ASP B 183 -3.77 15.54 6.34
N GLN B 184 -3.51 14.37 5.81
CA GLN B 184 -3.94 13.96 4.45
C GLN B 184 -5.26 13.24 4.48
N ARG B 185 -5.83 12.85 3.37
CA ARG B 185 -7.11 12.15 3.28
C ARG B 185 -6.89 10.72 2.70
N ILE B 186 -7.59 9.80 3.28
CA ILE B 186 -7.78 8.42 3.07
C ILE B 186 -8.36 8.24 1.66
N LEU B 187 -9.42 8.99 1.43
CA LEU B 187 -10.07 8.97 0.12
C LEU B 187 -10.30 10.42 -0.27
N ASP B 188 -10.35 10.72 -1.55
CA ASP B 188 -10.54 12.10 -2.00
C ASP B 188 -11.65 12.75 -1.20
N LEU B 189 -11.23 13.75 -0.47
CA LEU B 189 -11.95 14.62 0.42
C LEU B 189 -11.40 16.06 0.44
N PRO B 190 -12.35 16.95 0.72
CA PRO B 190 -12.05 18.38 0.84
C PRO B 190 -10.95 18.57 1.88
N HIS B 191 -10.07 19.44 1.42
CA HIS B 191 -8.88 19.88 2.15
C HIS B 191 -8.49 21.25 1.59
N LYS B 192 -7.80 22.06 2.39
CA LYS B 192 -7.39 23.41 1.92
C LYS B 192 -6.37 23.20 0.75
N ASP B 193 -5.48 22.25 0.95
CA ASP B 193 -4.45 22.00 -0.10
C ASP B 193 -5.13 21.07 -1.08
N LEU B 194 -5.23 21.36 -2.35
CA LEU B 194 -5.98 20.48 -3.25
C LEU B 194 -5.20 19.19 -3.54
N ARG B 195 -3.91 19.25 -3.31
CA ARG B 195 -3.02 18.14 -3.48
C ARG B 195 -3.26 17.20 -2.29
N ARG B 196 -3.42 17.69 -1.07
CA ARG B 196 -3.55 16.83 0.10
C ARG B 196 -4.98 16.32 0.30
N ALA B 197 -5.88 16.63 -0.59
CA ALA B 197 -7.26 16.21 -0.60
C ALA B 197 -7.38 14.84 -1.24
N ARG B 198 -6.36 14.41 -1.96
CA ARG B 198 -6.31 13.12 -2.66
C ARG B 198 -5.77 12.00 -1.77
N ALA B 199 -6.35 10.84 -2.00
CA ALA B 199 -6.14 9.53 -1.41
C ALA B 199 -4.62 9.31 -1.31
N ALA B 200 -4.15 9.43 -0.08
CA ALA B 200 -2.80 9.40 0.36
C ALA B 200 -1.99 8.16 0.11
N ALA B 201 -2.66 7.00 0.16
CA ALA B 201 -1.89 5.75 0.01
C ALA B 201 -1.92 5.30 -1.46
N GLU B 202 -2.51 6.10 -2.37
CA GLU B 202 -2.62 5.79 -3.76
C GLU B 202 -1.73 6.63 -4.65
N SER B 203 -1.18 7.76 -4.20
CA SER B 203 -0.38 8.55 -5.16
C SER B 203 0.89 9.16 -4.57
N ILE B 204 1.69 9.71 -5.52
CA ILE B 204 2.87 10.51 -5.17
C ILE B 204 2.29 11.96 -5.18
N ILE B 205 2.35 12.63 -4.05
CA ILE B 205 1.75 13.96 -3.86
C ILE B 205 2.70 15.11 -3.58
N PRO B 206 2.89 15.95 -4.59
CA PRO B 206 3.68 17.19 -4.46
C PRO B 206 3.01 18.10 -3.47
N THR B 207 3.72 18.69 -2.53
CA THR B 207 3.07 19.56 -1.53
C THR B 207 4.08 20.54 -1.02
N THR B 208 3.72 21.42 -0.11
CA THR B 208 4.70 22.49 0.27
C THR B 208 5.40 22.14 1.54
N THR B 209 6.50 22.80 1.78
CA THR B 209 7.28 22.60 3.02
C THR B 209 7.95 23.94 3.41
N GLY B 210 7.84 24.23 4.68
CA GLY B 210 8.39 25.43 5.32
C GLY B 210 9.83 25.18 5.73
N ALA B 211 10.11 23.91 5.95
CA ALA B 211 11.39 23.34 6.34
C ALA B 211 12.65 24.07 5.94
N ALA B 212 12.88 24.23 4.67
CA ALA B 212 14.00 24.87 4.00
C ALA B 212 14.17 26.32 4.42
N LYS B 213 13.12 27.11 4.27
CA LYS B 213 13.12 28.52 4.72
C LYS B 213 13.29 28.65 6.22
N ALA B 214 12.77 27.79 7.08
CA ALA B 214 12.92 27.79 8.52
C ALA B 214 14.30 27.44 9.04
N VAL B 215 15.21 27.02 8.17
CA VAL B 215 16.60 26.72 8.64
C VAL B 215 17.24 28.02 9.11
N ALA B 216 16.90 29.16 8.50
CA ALA B 216 17.36 30.51 8.71
C ALA B 216 17.13 30.97 10.13
N LEU B 217 16.08 30.43 10.74
CA LEU B 217 15.83 30.71 12.14
C LEU B 217 16.94 30.05 12.97
N VAL B 218 17.48 28.93 12.56
CA VAL B 218 18.54 28.31 13.39
C VAL B 218 19.94 28.65 12.88
N LEU B 219 20.07 28.92 11.58
CA LEU B 219 21.36 29.25 10.92
C LEU B 219 21.05 30.51 10.12
N PRO B 220 21.12 31.65 10.79
CA PRO B 220 20.77 32.94 10.15
C PRO B 220 21.48 33.17 8.84
N GLU B 221 22.73 32.73 8.73
CA GLU B 221 23.43 32.89 7.48
C GLU B 221 22.77 32.23 6.29
N LEU B 222 21.85 31.27 6.43
CA LEU B 222 21.24 30.63 5.25
C LEU B 222 19.96 31.34 4.84
N LYS B 223 19.74 32.49 5.48
CA LYS B 223 18.56 33.31 5.14
C LYS B 223 18.59 33.63 3.66
N GLY B 224 17.56 33.29 2.93
CA GLY B 224 17.45 33.49 1.49
C GLY B 224 18.25 32.51 0.66
N LYS B 225 18.92 31.53 1.24
CA LYS B 225 19.73 30.58 0.50
C LYS B 225 19.13 29.24 0.18
N LEU B 226 18.17 28.75 0.95
CA LEU B 226 17.63 27.39 0.62
C LEU B 226 16.19 27.52 0.18
N ASN B 227 15.68 26.56 -0.53
CA ASN B 227 14.24 26.49 -0.90
C ASN B 227 13.92 24.99 -1.09
N GLY B 228 12.63 24.67 -1.11
CA GLY B 228 12.29 23.23 -1.24
C GLY B 228 10.82 22.97 -1.22
N MET B 229 10.43 21.76 -1.55
CA MET B 229 9.05 21.26 -1.55
C MET B 229 9.13 19.87 -0.90
N ALA B 230 7.98 19.26 -0.83
CA ALA B 230 7.76 17.91 -0.29
C ALA B 230 6.96 17.11 -1.33
N MET B 231 7.16 15.81 -1.29
CA MET B 231 6.36 14.87 -2.06
C MET B 231 5.88 13.84 -1.01
N ARG B 232 4.59 13.78 -0.80
CA ARG B 232 4.14 12.72 0.18
C ARG B 232 3.94 11.46 -0.68
N VAL B 233 4.36 10.34 -0.13
CA VAL B 233 4.34 8.99 -0.74
C VAL B 233 3.60 8.00 0.17
N PRO B 234 3.15 6.87 -0.40
CA PRO B 234 2.39 5.86 0.31
C PRO B 234 3.06 5.05 1.37
N THR B 235 3.85 5.60 2.29
CA THR B 235 4.49 4.90 3.47
C THR B 235 3.98 5.59 4.70
N PRO B 236 3.86 4.92 5.82
CA PRO B 236 3.27 5.52 7.00
C PRO B 236 4.21 6.22 7.95
N ASN B 237 5.51 6.03 7.77
CA ASN B 237 6.51 6.65 8.64
C ASN B 237 7.90 6.49 8.01
N VAL B 238 8.83 7.37 8.31
CA VAL B 238 10.19 7.48 7.82
C VAL B 238 10.15 8.36 6.56
N SER B 239 11.09 9.32 6.58
CA SER B 239 11.18 10.25 5.46
C SER B 239 12.62 10.49 5.07
N VAL B 240 12.76 11.21 3.97
CA VAL B 240 14.13 11.45 3.45
C VAL B 240 14.28 12.82 2.85
N VAL B 241 15.37 13.49 3.30
CA VAL B 241 15.65 14.82 2.73
C VAL B 241 16.74 14.61 1.66
N ASP B 242 16.49 15.25 0.56
CA ASP B 242 17.37 15.27 -0.61
C ASP B 242 17.84 16.69 -0.82
N LEU B 243 19.07 17.03 -0.53
CA LEU B 243 19.54 18.40 -0.77
C LEU B 243 20.54 18.49 -1.92
N VAL B 244 20.33 19.31 -2.91
CA VAL B 244 21.24 19.63 -4.01
C VAL B 244 21.76 21.05 -3.67
N ALA B 245 23.03 21.23 -3.39
CA ALA B 245 23.53 22.57 -3.03
C ALA B 245 24.77 22.94 -3.84
N GLU B 246 24.86 24.23 -4.12
CA GLU B 246 26.01 24.81 -4.88
C GLU B 246 26.96 25.29 -3.82
N LEU B 247 28.19 24.80 -3.79
CA LEU B 247 29.12 25.16 -2.68
C LEU B 247 30.08 26.25 -3.12
N GLU B 248 30.76 26.89 -2.17
CA GLU B 248 31.71 27.91 -2.67
C GLU B 248 33.06 27.32 -3.02
N LYS B 249 33.48 26.30 -2.33
CA LYS B 249 34.73 25.56 -2.49
C LYS B 249 34.56 24.35 -3.39
N GLU B 250 35.66 23.90 -3.95
CA GLU B 250 35.74 22.72 -4.82
C GLU B 250 35.81 21.50 -3.88
N VAL B 251 34.96 20.52 -4.09
CA VAL B 251 34.94 19.33 -3.23
C VAL B 251 34.74 18.04 -4.03
N THR B 252 34.97 16.95 -3.30
CA THR B 252 34.81 15.57 -3.77
C THR B 252 33.82 14.90 -2.82
N VAL B 253 33.27 13.77 -3.19
CA VAL B 253 32.36 12.95 -2.42
C VAL B 253 32.99 12.50 -1.10
N GLU B 254 34.24 12.09 -1.30
CA GLU B 254 35.01 11.62 -0.14
C GLU B 254 35.17 12.75 0.85
N GLU B 255 35.33 13.96 0.34
CA GLU B 255 35.52 15.16 1.16
C GLU B 255 34.31 15.51 2.01
N VAL B 256 33.18 15.65 1.37
CA VAL B 256 31.86 15.84 1.90
C VAL B 256 31.49 14.63 2.73
N ASN B 257 31.61 13.37 2.32
CA ASN B 257 31.25 12.32 3.31
C ASN B 257 32.04 12.33 4.60
N ALA B 258 33.35 12.58 4.51
CA ALA B 258 34.26 12.61 5.66
C ALA B 258 33.88 13.71 6.65
N ALA B 259 33.48 14.86 6.19
CA ALA B 259 33.05 16.01 7.00
C ALA B 259 31.76 15.67 7.78
N LEU B 260 30.84 15.10 7.01
CA LEU B 260 29.53 14.63 7.49
C LEU B 260 29.79 13.60 8.56
N LYS B 261 30.64 12.63 8.23
CA LYS B 261 31.01 11.59 9.17
C LYS B 261 31.71 12.03 10.44
N ALA B 262 32.54 13.08 10.34
CA ALA B 262 33.33 13.65 11.45
C ALA B 262 32.36 14.30 12.40
N ALA B 263 31.44 15.09 11.84
CA ALA B 263 30.43 15.77 12.71
C ALA B 263 29.58 14.76 13.40
N ALA B 264 29.12 13.71 12.76
CA ALA B 264 28.27 12.70 13.41
C ALA B 264 28.94 11.98 14.56
N GLU B 265 30.24 11.82 14.42
CA GLU B 265 30.97 11.06 15.46
C GLU B 265 31.54 11.94 16.54
N GLY B 266 31.53 13.23 16.19
CA GLY B 266 32.02 14.30 17.05
C GLY B 266 30.89 15.13 17.59
N GLU B 267 30.88 16.37 17.25
CA GLU B 267 29.95 17.40 17.70
C GLU B 267 28.50 17.05 17.58
N LEU B 268 28.02 16.44 16.50
CA LEU B 268 26.60 16.13 16.33
C LEU B 268 26.18 14.77 16.76
N LYS B 269 27.00 14.01 17.42
CA LYS B 269 26.65 12.63 17.80
C LYS B 269 25.29 12.61 18.45
N GLY B 270 24.43 11.66 18.14
CA GLY B 270 23.13 11.51 18.73
C GLY B 270 22.09 12.37 18.10
N ILE B 271 22.46 13.25 17.22
CA ILE B 271 21.59 14.17 16.48
C ILE B 271 21.77 13.89 14.98
N LEU B 272 23.01 13.79 14.54
CA LEU B 272 23.35 13.48 13.15
C LEU B 272 23.97 12.09 13.15
N ALA B 273 23.66 11.31 12.15
CA ALA B 273 24.28 9.93 12.12
C ALA B 273 24.68 9.74 10.66
N TYR B 274 25.55 8.81 10.44
CA TYR B 274 26.16 8.56 9.11
C TYR B 274 26.15 7.11 8.78
N SER B 275 25.73 6.77 7.57
CA SER B 275 25.60 5.37 7.19
C SER B 275 26.13 5.07 5.82
N GLU B 276 27.02 4.08 5.78
CA GLU B 276 27.54 3.62 4.47
C GLU B 276 26.86 2.35 3.99
N GLU B 277 25.75 1.93 4.61
CA GLU B 277 25.01 0.76 4.23
C GLU B 277 23.84 1.09 3.33
N PRO B 278 23.51 0.12 2.48
CA PRO B 278 22.44 0.31 1.49
C PRO B 278 21.07 -0.03 2.06
N LEU B 279 20.59 0.77 3.00
CA LEU B 279 19.35 0.51 3.73
C LEU B 279 18.19 1.12 3.03
N VAL B 280 16.99 0.81 3.42
CA VAL B 280 15.73 1.39 2.87
C VAL B 280 14.90 2.00 3.99
N SER B 281 13.89 2.76 3.66
CA SER B 281 13.02 3.50 4.62
C SER B 281 12.63 2.69 5.80
N ARG B 282 12.14 1.49 5.67
CA ARG B 282 11.72 0.66 6.82
C ARG B 282 12.78 0.45 7.87
N ASP B 283 14.04 0.49 7.49
CA ASP B 283 15.14 0.22 8.40
C ASP B 283 15.36 1.38 9.33
N TYR B 284 14.83 2.52 9.01
CA TYR B 284 14.93 3.72 9.87
C TYR B 284 13.72 3.94 10.79
N ASN B 285 12.78 3.03 10.84
CA ASN B 285 11.58 3.12 11.72
C ASN B 285 12.06 2.82 13.14
N GLY B 286 11.77 3.72 14.08
CA GLY B 286 12.26 3.52 15.45
C GLY B 286 13.51 4.29 15.76
N SER B 287 14.20 4.83 14.78
CA SER B 287 15.45 5.58 14.84
C SER B 287 15.32 6.84 15.68
N THR B 288 16.07 7.06 16.71
CA THR B 288 15.91 8.29 17.51
C THR B 288 16.69 9.47 17.02
N VAL B 289 17.70 9.31 16.17
CA VAL B 289 18.49 10.44 15.75
C VAL B 289 17.65 11.39 14.90
N SER B 290 18.21 12.60 14.75
CA SER B 290 17.43 13.54 13.96
C SER B 290 17.71 13.39 12.49
N SER B 291 18.88 13.00 12.07
CA SER B 291 19.27 12.94 10.65
C SER B 291 20.37 11.89 10.44
N THR B 292 20.14 11.01 9.44
CA THR B 292 21.12 10.00 9.09
C THR B 292 21.55 10.14 7.61
N ILE B 293 22.80 10.49 7.40
CA ILE B 293 23.34 10.68 6.06
C ILE B 293 23.43 9.39 5.29
N ASP B 294 22.74 9.29 4.17
CA ASP B 294 22.87 8.02 3.38
C ASP B 294 24.12 8.24 2.53
N ALA B 295 25.27 7.86 3.07
CA ALA B 295 26.61 8.05 2.56
C ALA B 295 26.80 7.53 1.16
N LEU B 296 26.21 6.39 0.82
CA LEU B 296 26.30 5.84 -0.54
C LEU B 296 25.56 6.74 -1.51
N SER B 297 24.78 7.73 -1.14
CA SER B 297 24.04 8.58 -2.12
C SER B 297 24.74 9.92 -2.34
N THR B 298 25.72 10.29 -1.50
CA THR B 298 26.41 11.58 -1.83
C THR B 298 27.00 11.53 -3.24
N MET B 299 26.80 12.56 -3.97
CA MET B 299 27.09 12.78 -5.43
C MET B 299 27.63 14.18 -5.65
N VAL B 300 28.65 14.40 -6.48
CA VAL B 300 29.21 15.70 -6.83
C VAL B 300 29.27 15.90 -8.36
N ILE B 301 29.14 17.14 -8.76
CA ILE B 301 29.18 17.64 -10.12
C ILE B 301 29.99 18.96 -10.19
N ASP B 302 30.95 19.01 -11.10
CA ASP B 302 31.87 20.14 -11.30
C ASP B 302 32.58 20.55 -10.04
N GLY B 303 32.74 19.66 -9.09
CA GLY B 303 33.34 19.90 -7.81
C GLY B 303 32.54 20.84 -6.94
N LYS B 304 31.51 21.50 -7.39
CA LYS B 304 30.75 22.47 -6.66
C LYS B 304 29.31 22.16 -6.32
N MET B 305 28.63 21.30 -7.03
CA MET B 305 27.21 20.99 -6.78
C MET B 305 27.10 19.61 -6.15
N VAL B 306 26.69 19.55 -4.92
CA VAL B 306 26.58 18.28 -4.19
C VAL B 306 25.10 17.95 -3.99
N LYS B 307 24.80 16.70 -3.88
CA LYS B 307 23.54 16.07 -3.59
C LYS B 307 23.81 15.24 -2.31
N VAL B 308 23.08 15.55 -1.27
CA VAL B 308 23.19 14.86 0.01
C VAL B 308 21.77 14.38 0.34
N VAL B 309 21.69 13.13 0.79
CA VAL B 309 20.37 12.50 1.06
C VAL B 309 20.50 12.09 2.49
N SER B 310 19.51 12.42 3.29
CA SER B 310 19.58 12.10 4.72
C SER B 310 18.21 11.58 5.15
N TRP B 311 18.24 10.59 6.02
CA TRP B 311 17.03 10.00 6.54
C TRP B 311 16.55 10.62 7.84
N TYR B 312 15.23 10.49 8.01
CA TYR B 312 14.71 10.85 9.36
C TYR B 312 13.48 10.03 9.70
N ASP B 313 13.40 9.56 10.93
CA ASP B 313 12.10 8.86 11.31
C ASP B 313 11.32 10.13 11.71
N ASN B 314 10.40 10.59 10.96
CA ASN B 314 9.73 11.86 11.28
C ASN B 314 8.84 11.81 12.49
N GLU B 315 8.57 10.66 13.07
CA GLU B 315 7.78 10.65 14.31
C GLU B 315 8.71 10.44 15.50
N THR B 316 9.65 9.49 15.41
CA THR B 316 10.55 9.20 16.54
C THR B 316 11.65 10.20 16.69
N GLY B 317 12.45 10.45 15.72
CA GLY B 317 13.59 11.42 15.90
C GLY B 317 13.01 12.65 16.64
N TYR B 318 12.04 13.28 16.03
CA TYR B 318 11.36 14.47 16.50
C TYR B 318 10.86 14.40 17.92
N SER B 319 10.31 13.26 18.29
CA SER B 319 9.86 13.06 19.68
C SER B 319 11.05 13.02 20.61
N HIS B 320 12.15 12.39 20.18
CA HIS B 320 13.32 12.37 21.07
C HIS B 320 13.84 13.78 21.23
N ARG B 321 13.85 14.61 20.24
CA ARG B 321 14.26 16.02 20.26
C ARG B 321 13.47 16.86 21.24
N VAL B 322 12.16 16.73 21.26
CA VAL B 322 11.36 17.49 22.23
C VAL B 322 11.79 17.07 23.63
N VAL B 323 12.00 15.77 23.82
CA VAL B 323 12.41 15.31 25.15
C VAL B 323 13.75 15.88 25.56
N ASP B 324 14.71 15.88 24.68
CA ASP B 324 16.04 16.44 24.91
C ASP B 324 15.99 17.94 25.24
N LEU B 325 15.17 18.69 24.48
CA LEU B 325 15.09 20.14 24.71
C LEU B 325 14.53 20.45 26.07
N ALA B 326 13.52 19.75 26.52
CA ALA B 326 12.91 19.91 27.84
C ALA B 326 13.98 19.77 28.91
N ALA B 327 14.84 18.78 28.69
CA ALA B 327 15.94 18.46 29.60
C ALA B 327 17.07 19.45 29.45
N TYR B 328 17.28 19.98 28.27
CA TYR B 328 18.33 21.02 28.11
C TYR B 328 17.89 22.28 28.86
N ILE B 329 16.68 22.70 28.60
CA ILE B 329 16.04 23.90 29.18
C ILE B 329 15.99 23.78 30.67
N ALA B 330 15.51 22.61 31.16
CA ALA B 330 15.46 22.48 32.63
C ALA B 330 16.85 22.75 33.18
N SER B 331 17.85 22.16 32.57
CA SER B 331 19.24 22.18 32.95
C SER B 331 19.89 23.54 32.94
N LYS B 332 19.29 24.50 32.30
CA LYS B 332 19.86 25.85 32.25
C LYS B 332 19.24 26.72 33.33
N GLY B 333 18.29 26.18 34.07
CA GLY B 333 17.67 26.98 35.14
C GLY B 333 16.20 27.26 34.87
N LEU B 334 15.39 26.83 35.83
CA LEU B 334 13.93 26.99 35.68
C LEU B 334 13.36 27.98 36.70
N ALA C 1 -35.48 13.96 -16.93
CA ALA C 1 -36.87 14.28 -16.78
C ALA C 1 -37.14 14.42 -15.28
N VAL C 2 -36.95 13.39 -14.47
CA VAL C 2 -37.27 13.61 -13.03
C VAL C 2 -36.26 14.58 -12.46
N LYS C 3 -36.66 15.58 -11.67
CA LYS C 3 -35.61 16.49 -11.16
C LYS C 3 -35.13 16.02 -9.83
N VAL C 4 -33.82 15.90 -9.68
CA VAL C 4 -33.14 15.41 -8.50
C VAL C 4 -32.22 16.46 -7.90
N GLY C 5 -32.22 16.44 -6.57
CA GLY C 5 -31.34 17.27 -5.70
C GLY C 5 -30.56 16.30 -4.82
N ILE C 6 -29.31 16.55 -4.54
CA ILE C 6 -28.46 15.69 -3.72
C ILE C 6 -28.05 16.44 -2.45
N ASN C 7 -28.25 15.75 -1.33
CA ASN C 7 -27.81 16.41 -0.05
C ASN C 7 -26.45 15.76 0.31
N GLY C 8 -25.44 16.61 0.25
CA GLY C 8 -24.06 16.19 0.57
C GLY C 8 -23.42 15.73 -0.73
N PHE C 9 -22.33 16.38 -1.11
CA PHE C 9 -21.62 16.09 -2.38
C PHE C 9 -20.28 15.46 -2.02
N GLY C 10 -20.35 14.49 -1.09
CA GLY C 10 -19.03 13.83 -0.73
C GLY C 10 -18.89 12.71 -1.78
N ARG C 11 -18.18 11.67 -1.47
CA ARG C 11 -17.96 10.54 -2.37
C ARG C 11 -19.22 9.97 -2.91
N ILE C 12 -20.22 9.63 -2.11
CA ILE C 12 -21.50 9.05 -2.58
C ILE C 12 -22.22 10.07 -3.43
N GLY C 13 -22.31 11.28 -2.93
CA GLY C 13 -22.91 12.37 -3.72
C GLY C 13 -22.19 12.58 -5.04
N ARG C 14 -20.90 12.60 -5.13
CA ARG C 14 -20.18 12.77 -6.43
C ARG C 14 -20.37 11.56 -7.34
N ASN C 15 -20.38 10.38 -6.79
CA ASN C 15 -20.60 9.06 -7.31
C ASN C 15 -22.01 8.88 -7.87
N VAL C 16 -22.98 9.37 -7.14
CA VAL C 16 -24.36 9.34 -7.62
C VAL C 16 -24.42 10.27 -8.84
N PHE C 17 -23.85 11.44 -8.64
CA PHE C 17 -23.74 12.49 -9.68
C PHE C 17 -23.13 11.91 -10.95
N ARG C 18 -21.99 11.23 -10.85
CA ARG C 18 -21.33 10.58 -11.97
C ARG C 18 -22.25 9.60 -12.68
N ALA C 19 -22.98 8.77 -11.96
CA ALA C 19 -23.88 7.76 -12.45
C ALA C 19 -25.06 8.40 -13.16
N ALA C 20 -25.53 9.54 -12.66
CA ALA C 20 -26.68 10.25 -13.20
C ALA C 20 -26.43 10.85 -14.57
N LEU C 21 -25.19 11.13 -14.90
CA LEU C 21 -24.86 11.74 -16.21
C LEU C 21 -25.24 10.76 -17.29
N LYS C 22 -25.16 9.50 -17.00
CA LYS C 22 -25.47 8.38 -17.83
C LYS C 22 -26.94 8.03 -17.86
N ASN C 23 -27.78 8.58 -17.02
CA ASN C 23 -29.20 8.18 -17.07
C ASN C 23 -29.93 9.43 -17.54
N PRO C 24 -30.45 9.33 -18.76
CA PRO C 24 -31.14 10.40 -19.46
C PRO C 24 -32.48 10.78 -18.86
N ASP C 25 -33.10 9.84 -18.16
CA ASP C 25 -34.34 10.10 -17.42
C ASP C 25 -34.13 10.96 -16.17
N ILE C 26 -32.94 10.87 -15.59
CA ILE C 26 -32.66 11.66 -14.41
C ILE C 26 -31.97 12.96 -14.84
N GLU C 27 -32.17 13.94 -13.99
CA GLU C 27 -31.63 15.25 -14.17
C GLU C 27 -31.38 15.93 -12.82
N VAL C 28 -30.11 15.92 -12.46
CA VAL C 28 -29.65 16.52 -11.20
C VAL C 28 -29.65 18.04 -11.37
N VAL C 29 -30.50 18.72 -10.60
CA VAL C 29 -30.59 20.17 -10.69
C VAL C 29 -29.96 20.87 -9.52
N ALA C 30 -29.61 20.15 -8.46
CA ALA C 30 -29.02 20.88 -7.33
C ALA C 30 -28.35 19.94 -6.39
N VAL C 31 -27.35 20.45 -5.71
CA VAL C 31 -26.59 19.67 -4.73
C VAL C 31 -26.44 20.61 -3.52
N ASN C 32 -26.42 20.05 -2.34
CA ASN C 32 -26.23 20.82 -1.11
C ASN C 32 -24.98 20.29 -0.38
N ASP C 33 -24.12 21.25 -0.12
CA ASP C 33 -22.86 21.08 0.50
C ASP C 33 -22.28 22.46 0.88
N LEU C 34 -21.63 22.46 2.04
CA LEU C 34 -20.93 23.48 2.73
C LEU C 34 -19.58 23.78 2.08
N THR C 35 -18.88 22.84 1.48
CA THR C 35 -17.58 23.10 0.81
C THR C 35 -17.68 24.12 -0.30
N ASP C 36 -16.62 24.90 -0.49
CA ASP C 36 -16.71 25.92 -1.57
C ASP C 36 -16.75 25.24 -2.91
N ALA C 37 -17.43 25.89 -3.85
CA ALA C 37 -17.62 25.31 -5.17
C ALA C 37 -16.32 25.04 -5.85
N ASN C 38 -15.22 25.75 -5.63
CA ASN C 38 -13.98 25.46 -6.34
C ASN C 38 -13.42 24.04 -6.15
N THR C 39 -13.39 23.61 -4.92
CA THR C 39 -12.99 22.35 -4.36
C THR C 39 -13.94 21.25 -4.79
N LEU C 40 -15.22 21.55 -4.77
CA LEU C 40 -16.20 20.53 -5.19
C LEU C 40 -15.95 20.19 -6.66
N ALA C 41 -15.70 21.21 -7.47
CA ALA C 41 -15.49 21.03 -8.89
C ALA C 41 -14.15 20.36 -9.11
N HIS C 42 -13.18 20.60 -8.27
CA HIS C 42 -11.87 19.93 -8.39
C HIS C 42 -12.07 18.45 -8.09
N LEU C 43 -12.80 18.19 -7.03
CA LEU C 43 -13.14 16.85 -6.60
C LEU C 43 -14.07 16.12 -7.57
N LEU C 44 -14.96 16.76 -8.25
CA LEU C 44 -15.87 16.09 -9.22
C LEU C 44 -15.08 15.69 -10.46
N LYS C 45 -14.28 16.57 -10.99
CA LYS C 45 -13.42 16.41 -12.14
C LYS C 45 -12.38 15.29 -11.95
N TYR C 46 -11.61 15.43 -10.87
CA TYR C 46 -10.52 14.47 -10.60
C TYR C 46 -10.75 13.49 -9.48
N ASP C 47 -10.75 12.20 -9.76
CA ASP C 47 -10.94 11.24 -8.64
C ASP C 47 -9.89 10.14 -8.69
N SER C 48 -9.23 9.84 -7.58
CA SER C 48 -8.22 8.83 -7.38
C SER C 48 -8.61 7.40 -7.68
N VAL C 49 -9.85 7.05 -7.56
CA VAL C 49 -10.30 5.68 -7.80
C VAL C 49 -10.92 5.61 -9.19
N HIS C 50 -11.75 6.58 -9.49
CA HIS C 50 -12.55 6.64 -10.70
C HIS C 50 -12.00 7.41 -11.84
N GLY C 51 -10.93 8.17 -11.71
CA GLY C 51 -10.34 8.89 -12.85
C GLY C 51 -11.14 10.15 -13.11
N ARG C 52 -10.78 10.86 -14.16
CA ARG C 52 -11.29 12.12 -14.62
C ARG C 52 -12.70 12.04 -15.13
N LEU C 53 -13.56 12.91 -14.58
CA LEU C 53 -14.93 12.89 -15.14
C LEU C 53 -14.76 13.36 -16.62
N ASP C 54 -15.49 12.66 -17.42
CA ASP C 54 -15.65 12.86 -18.89
C ASP C 54 -16.83 13.84 -19.04
N ALA C 55 -16.53 15.15 -18.99
CA ALA C 55 -17.59 16.18 -19.02
C ALA C 55 -16.91 17.51 -18.79
N GLU C 56 -17.35 18.60 -19.35
CA GLU C 56 -16.63 19.86 -18.98
C GLU C 56 -17.27 20.27 -17.65
N VAL C 57 -16.49 20.57 -16.67
CA VAL C 57 -16.92 21.04 -15.35
C VAL C 57 -16.34 22.43 -15.10
N SER C 58 -17.11 23.41 -14.76
CA SER C 58 -16.57 24.76 -14.45
C SER C 58 -17.37 25.32 -13.28
N VAL C 59 -16.95 26.45 -12.80
CA VAL C 59 -17.62 27.13 -11.72
C VAL C 59 -18.11 28.50 -12.24
N ASN C 60 -19.39 28.75 -12.14
CA ASN C 60 -20.07 29.98 -12.46
C ASN C 60 -20.65 30.57 -11.15
N GLY C 61 -19.81 31.37 -10.53
CA GLY C 61 -20.17 32.01 -9.27
C GLY C 61 -19.93 31.02 -8.12
N ASN C 62 -21.05 30.55 -7.58
CA ASN C 62 -21.07 29.60 -6.46
C ASN C 62 -21.54 28.24 -6.96
N ASN C 63 -21.84 28.16 -8.23
CA ASN C 63 -22.35 26.97 -8.88
C ASN C 63 -21.35 26.25 -9.77
N LEU C 64 -21.73 25.07 -10.18
CA LEU C 64 -20.98 24.21 -11.09
C LEU C 64 -21.75 24.22 -12.42
N VAL C 65 -20.98 24.16 -13.48
CA VAL C 65 -21.47 24.09 -14.86
C VAL C 65 -20.91 22.76 -15.38
N VAL C 66 -21.81 21.82 -15.57
CA VAL C 66 -21.36 20.48 -16.00
C VAL C 66 -22.02 20.26 -17.34
N ASN C 67 -21.21 20.29 -18.37
CA ASN C 67 -21.71 20.09 -19.76
C ASN C 67 -22.62 21.25 -20.15
N GLY C 68 -22.37 22.42 -19.56
CA GLY C 68 -23.12 23.61 -19.79
C GLY C 68 -24.44 23.72 -19.06
N LYS C 69 -24.74 22.82 -18.17
CA LYS C 69 -25.95 22.80 -17.34
C LYS C 69 -25.58 23.37 -15.97
N GLU C 70 -26.31 24.43 -15.59
CA GLU C 70 -26.00 25.08 -14.30
C GLU C 70 -26.58 24.20 -13.18
N ILE C 71 -25.73 23.90 -12.22
CA ILE C 71 -26.10 23.09 -11.06
C ILE C 71 -26.15 24.05 -9.87
N ILE C 72 -27.29 24.26 -9.21
CA ILE C 72 -27.36 25.17 -8.05
C ILE C 72 -26.58 24.60 -6.89
N VAL C 73 -25.66 25.30 -6.27
CA VAL C 73 -24.90 24.69 -5.14
C VAL C 73 -25.46 25.37 -3.90
N LYS C 74 -26.27 24.72 -3.11
CA LYS C 74 -26.76 25.37 -1.88
C LYS C 74 -25.73 25.02 -0.81
N ALA C 75 -25.81 25.76 0.29
CA ALA C 75 -24.83 25.49 1.38
C ALA C 75 -25.53 25.61 2.71
N GLU C 76 -26.70 24.97 2.76
CA GLU C 76 -27.54 24.99 3.96
C GLU C 76 -27.20 23.98 5.02
N ARG C 77 -26.99 24.37 6.25
CA ARG C 77 -26.74 23.40 7.34
C ARG C 77 -27.96 22.59 7.73
N ASP C 78 -29.18 23.09 7.64
CA ASP C 78 -30.43 22.42 7.96
C ASP C 78 -31.33 22.13 6.75
N PRO C 79 -31.71 20.86 6.63
CA PRO C 79 -32.60 20.35 5.62
C PRO C 79 -33.92 21.09 5.51
N GLU C 80 -34.45 21.63 6.58
CA GLU C 80 -35.69 22.41 6.59
C GLU C 80 -35.59 23.59 5.66
N ASN C 81 -34.43 24.17 5.48
CA ASN C 81 -34.18 25.33 4.62
C ASN C 81 -33.80 25.09 3.17
N LEU C 82 -33.67 23.86 2.69
CA LEU C 82 -33.23 23.65 1.29
C LEU C 82 -34.25 24.12 0.28
N ALA C 83 -35.50 24.17 0.72
CA ALA C 83 -36.52 24.69 -0.21
C ALA C 83 -36.29 24.06 -1.57
N TRP C 84 -36.58 22.77 -1.60
CA TRP C 84 -36.45 21.94 -2.81
C TRP C 84 -37.49 22.38 -3.81
N GLY C 85 -38.69 22.47 -3.32
CA GLY C 85 -39.92 22.85 -4.01
C GLY C 85 -39.84 24.12 -4.82
N GLU C 86 -39.21 25.20 -4.32
CA GLU C 86 -39.10 26.40 -5.18
C GLU C 86 -38.38 26.06 -6.49
N ILE C 87 -37.28 25.34 -6.43
CA ILE C 87 -36.52 24.93 -7.59
C ILE C 87 -37.14 23.78 -8.32
N GLY C 88 -38.16 23.13 -7.87
CA GLY C 88 -38.75 22.02 -8.65
C GLY C 88 -38.16 20.65 -8.48
N VAL C 89 -37.44 20.39 -7.41
CA VAL C 89 -36.81 19.09 -7.14
C VAL C 89 -37.82 18.12 -6.59
N ASP C 90 -37.97 17.00 -7.25
CA ASP C 90 -38.90 15.94 -6.90
C ASP C 90 -38.25 14.94 -5.93
N ILE C 91 -37.07 14.41 -6.33
CA ILE C 91 -36.40 13.40 -5.49
C ILE C 91 -35.11 14.03 -4.97
N VAL C 92 -34.82 13.67 -3.72
CA VAL C 92 -33.63 14.10 -3.05
C VAL C 92 -32.84 12.85 -2.64
N VAL C 93 -31.56 12.88 -3.03
CA VAL C 93 -30.68 11.75 -2.59
C VAL C 93 -30.00 12.28 -1.32
N GLU C 94 -30.38 11.61 -0.26
CA GLU C 94 -29.84 12.06 1.06
C GLU C 94 -28.58 11.24 1.28
N SER C 95 -27.46 11.93 1.01
CA SER C 95 -26.16 11.19 1.16
C SER C 95 -25.24 11.81 2.15
N THR C 96 -25.67 12.62 3.10
CA THR C 96 -24.72 13.23 4.05
C THR C 96 -24.17 12.16 4.98
N GLY C 97 -25.06 11.25 5.36
CA GLY C 97 -24.74 10.15 6.29
C GLY C 97 -25.29 10.62 7.65
N ARG C 98 -25.76 11.85 7.71
CA ARG C 98 -26.23 12.41 8.96
C ARG C 98 -27.72 12.30 9.18
N PHE C 99 -28.54 12.34 8.15
CA PHE C 99 -29.99 12.28 8.24
C PHE C 99 -30.59 10.94 7.88
N THR C 100 -30.08 9.85 8.45
CA THR C 100 -30.58 8.52 8.18
C THR C 100 -31.76 8.12 9.03
N LYS C 101 -32.08 8.87 10.03
CA LYS C 101 -33.28 8.61 10.89
C LYS C 101 -34.47 9.33 10.22
N ARG C 102 -35.62 8.72 10.10
CA ARG C 102 -36.84 9.30 9.53
C ARG C 102 -37.03 10.78 9.83
N GLU C 103 -36.84 11.14 11.07
CA GLU C 103 -36.90 12.38 11.80
C GLU C 103 -36.16 13.46 11.02
N ASP C 104 -34.93 13.18 10.62
CA ASP C 104 -34.12 14.09 9.82
C ASP C 104 -34.43 14.05 8.33
N ALA C 105 -34.49 12.89 7.72
CA ALA C 105 -34.73 12.59 6.33
C ALA C 105 -36.05 13.13 5.83
N ALA C 106 -37.09 13.13 6.66
CA ALA C 106 -38.43 13.63 6.39
C ALA C 106 -38.45 15.15 6.31
N LYS C 107 -37.51 15.89 6.82
CA LYS C 107 -37.39 17.32 6.73
C LYS C 107 -37.37 17.79 5.29
N HIS C 108 -36.79 17.02 4.37
CA HIS C 108 -36.68 17.37 2.95
C HIS C 108 -38.08 17.44 2.34
N LEU C 109 -38.93 16.52 2.76
CA LEU C 109 -40.34 16.46 2.32
C LEU C 109 -41.00 17.75 2.84
N GLU C 110 -40.69 18.15 4.05
CA GLU C 110 -41.17 19.42 4.60
C GLU C 110 -40.69 20.50 3.70
N ALA C 111 -39.44 20.43 3.26
CA ALA C 111 -38.88 21.44 2.33
C ALA C 111 -39.45 21.33 0.94
N GLY C 112 -40.34 20.44 0.58
CA GLY C 112 -40.89 20.41 -0.76
C GLY C 112 -40.50 19.30 -1.67
N ALA C 113 -39.76 18.31 -1.21
CA ALA C 113 -39.39 17.24 -2.19
C ALA C 113 -40.58 16.30 -2.11
N LYS C 114 -40.90 15.63 -3.16
CA LYS C 114 -41.92 14.61 -3.17
C LYS C 114 -41.45 13.33 -2.55
N LYS C 115 -40.20 12.93 -2.64
CA LYS C 115 -39.57 11.71 -2.13
C LYS C 115 -38.10 11.89 -1.74
N VAL C 116 -37.65 11.02 -0.86
CA VAL C 116 -36.29 10.99 -0.32
C VAL C 116 -35.80 9.51 -0.36
N ILE C 117 -34.57 9.45 -0.90
CA ILE C 117 -33.83 8.20 -1.00
C ILE C 117 -32.61 8.36 -0.06
N ILE C 118 -32.68 7.56 1.01
CA ILE C 118 -31.52 7.66 1.92
C ILE C 118 -30.47 6.70 1.38
N SER C 119 -29.29 7.16 1.03
CA SER C 119 -28.22 6.36 0.48
C SER C 119 -27.41 5.66 1.55
N ALA C 120 -28.12 5.08 2.51
CA ALA C 120 -27.57 4.29 3.62
C ALA C 120 -28.69 3.52 4.33
N PRO C 121 -28.29 2.54 5.12
CA PRO C 121 -29.27 1.81 5.96
C PRO C 121 -29.99 2.91 6.76
N ALA C 122 -31.30 2.95 6.90
CA ALA C 122 -31.97 4.05 7.61
C ALA C 122 -32.62 3.57 8.87
N LYS C 123 -33.31 4.45 9.57
CA LYS C 123 -34.06 4.14 10.77
C LYS C 123 -35.45 4.78 10.56
N ASN C 124 -36.48 3.99 10.66
CA ASN C 124 -37.91 4.36 10.57
C ASN C 124 -38.31 4.77 9.15
N GLU C 125 -37.55 4.31 8.17
CA GLU C 125 -37.79 4.60 6.76
C GLU C 125 -39.13 3.95 6.46
N ASP C 126 -39.76 4.37 5.42
CA ASP C 126 -41.03 3.84 4.93
C ASP C 126 -40.83 2.43 4.41
N ILE C 127 -39.73 2.20 3.70
CA ILE C 127 -39.33 0.91 3.18
C ILE C 127 -37.86 0.98 2.78
N THR C 128 -37.21 -0.16 2.87
CA THR C 128 -35.81 -0.35 2.47
C THR C 128 -35.86 -1.21 1.21
N ILE C 129 -35.21 -0.77 0.14
CA ILE C 129 -35.25 -1.46 -1.14
C ILE C 129 -33.89 -1.90 -1.68
N VAL C 130 -33.82 -3.07 -2.26
CA VAL C 130 -32.64 -3.60 -2.98
C VAL C 130 -33.17 -3.92 -4.38
N MET C 131 -32.70 -3.09 -5.28
CA MET C 131 -33.16 -3.18 -6.70
C MET C 131 -32.92 -4.60 -7.17
N GLY C 132 -33.88 -5.31 -7.70
CA GLY C 132 -33.67 -6.71 -8.15
C GLY C 132 -34.24 -7.67 -7.12
N VAL C 133 -34.45 -7.20 -5.89
CA VAL C 133 -34.97 -8.06 -4.82
C VAL C 133 -36.40 -7.70 -4.46
N ASN C 134 -36.74 -6.51 -4.05
CA ASN C 134 -38.10 -6.14 -3.66
C ASN C 134 -38.61 -4.79 -4.12
N GLN C 135 -38.18 -4.24 -5.25
CA GLN C 135 -38.66 -2.97 -5.77
C GLN C 135 -40.17 -3.11 -6.06
N ASP C 136 -40.60 -4.35 -6.19
CA ASP C 136 -41.97 -4.74 -6.45
C ASP C 136 -42.80 -4.17 -5.28
N LYS C 137 -42.28 -4.24 -4.08
CA LYS C 137 -42.89 -3.81 -2.85
C LYS C 137 -43.11 -2.31 -2.71
N TYR C 138 -42.54 -1.47 -3.53
CA TYR C 138 -42.73 -0.04 -3.42
C TYR C 138 -44.15 0.40 -3.79
N ASP C 139 -44.70 1.18 -2.89
CA ASP C 139 -46.03 1.81 -2.96
C ASP C 139 -45.79 3.33 -2.99
N PRO C 140 -46.11 3.85 -4.16
CA PRO C 140 -45.95 5.27 -4.45
C PRO C 140 -46.78 6.17 -3.55
N LYS C 141 -47.93 5.67 -3.16
CA LYS C 141 -48.92 6.33 -2.34
C LYS C 141 -48.53 6.37 -0.88
N ALA C 142 -47.83 5.41 -0.32
CA ALA C 142 -47.46 5.35 1.08
C ALA C 142 -45.99 5.40 1.43
N HIS C 143 -45.08 5.13 0.52
CA HIS C 143 -43.63 5.09 0.80
C HIS C 143 -42.97 6.35 0.25
N HIS C 144 -42.58 7.29 1.15
CA HIS C 144 -41.97 8.55 0.75
C HIS C 144 -40.54 8.78 1.15
N VAL C 145 -40.04 8.15 2.18
CA VAL C 145 -38.68 8.18 2.70
C VAL C 145 -38.24 6.70 2.56
N ILE C 146 -37.51 6.47 1.49
CA ILE C 146 -37.01 5.14 1.09
C ILE C 146 -35.54 5.00 1.39
N SER C 147 -35.09 3.83 1.73
CA SER C 147 -33.66 3.58 2.05
C SER C 147 -33.17 2.68 0.91
N ASN C 148 -31.94 2.90 0.50
CA ASN C 148 -31.30 2.12 -0.56
C ASN C 148 -30.41 1.06 0.10
N ALA C 149 -30.42 0.93 1.39
CA ALA C 149 -29.62 -0.03 2.20
C ALA C 149 -28.16 0.24 1.94
N SER C 150 -27.30 -0.76 2.03
CA SER C 150 -25.86 -0.53 1.80
C SER C 150 -25.37 -1.26 0.56
N CYS C 151 -24.12 -0.98 0.28
CA CYS C 151 -23.32 -1.54 -0.83
C CYS C 151 -23.29 -3.06 -0.60
N THR C 152 -22.96 -3.48 0.65
CA THR C 152 -22.86 -4.88 1.00
C THR C 152 -24.20 -5.61 0.96
N THR C 153 -25.25 -4.95 1.41
CA THR C 153 -26.59 -5.57 1.32
C THR C 153 -27.01 -5.65 -0.14
N ASN C 154 -26.70 -4.71 -1.00
CA ASN C 154 -27.02 -4.84 -2.42
C ASN C 154 -26.25 -5.98 -3.09
N CYS C 155 -25.11 -6.35 -2.57
CA CYS C 155 -24.26 -7.42 -3.06
C CYS C 155 -24.83 -8.78 -2.69
N LEU C 156 -25.13 -9.01 -1.48
CA LEU C 156 -25.60 -10.31 -0.98
C LEU C 156 -27.03 -10.65 -1.33
N ALA C 157 -27.91 -9.67 -1.13
CA ALA C 157 -29.34 -9.84 -1.34
C ALA C 157 -29.65 -10.52 -2.65
N PRO C 158 -29.28 -9.99 -3.80
CA PRO C 158 -29.57 -10.65 -5.08
C PRO C 158 -29.15 -12.10 -5.16
N PHE C 159 -28.03 -12.63 -4.74
CA PHE C 159 -27.64 -14.03 -4.80
C PHE C 159 -28.17 -14.83 -3.62
N ALA C 160 -28.49 -14.21 -2.48
CA ALA C 160 -29.18 -14.91 -1.39
C ALA C 160 -30.60 -15.24 -1.88
N LYS C 161 -31.19 -14.37 -2.67
CA LYS C 161 -32.56 -14.64 -3.21
C LYS C 161 -32.58 -15.94 -4.00
N VAL C 162 -31.79 -16.08 -5.04
CA VAL C 162 -31.60 -17.25 -5.85
C VAL C 162 -31.36 -18.48 -4.99
N LEU C 163 -30.31 -18.51 -4.19
CA LEU C 163 -30.03 -19.67 -3.33
C LEU C 163 -31.25 -20.12 -2.54
N HIS C 164 -31.90 -19.16 -1.93
CA HIS C 164 -33.04 -19.33 -1.06
C HIS C 164 -34.22 -19.89 -1.81
N GLU C 165 -34.48 -19.32 -2.97
CA GLU C 165 -35.55 -19.80 -3.82
C GLU C 165 -35.29 -21.12 -4.50
N GLN C 166 -34.06 -21.51 -4.75
CA GLN C 166 -33.75 -22.73 -5.45
C GLN C 166 -33.62 -23.90 -4.48
N PHE C 167 -32.80 -23.72 -3.45
CA PHE C 167 -32.48 -24.77 -2.48
C PHE C 167 -32.78 -24.42 -1.04
N GLY C 168 -33.26 -23.23 -0.78
CA GLY C 168 -33.61 -22.77 0.57
C GLY C 168 -32.40 -22.72 1.49
N ILE C 169 -32.19 -21.60 2.16
CA ILE C 169 -31.10 -21.39 3.11
C ILE C 169 -31.56 -21.81 4.50
N VAL C 170 -30.77 -22.60 5.19
CA VAL C 170 -31.12 -22.99 6.57
C VAL C 170 -30.59 -21.85 7.46
N ARG C 171 -29.30 -21.66 7.32
CA ARG C 171 -28.60 -20.57 8.04
C ARG C 171 -27.34 -20.29 7.24
N GLY C 172 -26.80 -19.11 7.28
CA GLY C 172 -25.60 -18.77 6.48
C GLY C 172 -24.78 -17.80 7.34
N MET C 173 -23.57 -17.57 6.90
CA MET C 173 -22.69 -16.62 7.63
C MET C 173 -21.84 -15.92 6.60
N MET C 174 -21.66 -14.62 6.70
CA MET C 174 -20.81 -13.98 5.65
C MET C 174 -19.64 -13.18 6.24
N THR C 175 -18.69 -12.94 5.34
CA THR C 175 -17.56 -12.05 5.62
C THR C 175 -17.42 -11.23 4.32
N THR C 176 -17.22 -9.94 4.51
CA THR C 176 -16.98 -9.11 3.33
C THR C 176 -15.53 -8.63 3.46
N VAL C 177 -14.68 -8.95 2.51
CA VAL C 177 -13.30 -8.45 2.46
C VAL C 177 -13.49 -7.14 1.69
N HIS C 178 -13.49 -6.09 2.52
CA HIS C 178 -13.82 -4.75 2.03
C HIS C 178 -12.72 -3.75 2.02
N SER C 179 -12.67 -2.94 1.01
CA SER C 179 -11.73 -1.81 0.77
C SER C 179 -11.90 -0.74 1.83
N TYR C 180 -10.89 0.02 2.17
CA TYR C 180 -11.07 1.02 3.29
C TYR C 180 -11.95 2.15 2.76
N THR C 181 -12.65 2.78 3.71
CA THR C 181 -13.58 3.89 3.34
C THR C 181 -13.15 5.13 4.09
N ASN C 182 -13.87 6.24 3.99
CA ASN C 182 -13.50 7.48 4.68
C ASN C 182 -13.76 7.49 6.17
N ASP C 183 -14.42 6.52 6.67
CA ASP C 183 -14.78 6.28 8.05
C ASP C 183 -13.58 5.79 8.85
N GLN C 184 -12.52 5.42 8.16
CA GLN C 184 -11.36 4.83 8.93
C GLN C 184 -10.33 5.94 9.15
N ARG C 185 -9.27 5.73 9.90
CA ARG C 185 -8.23 6.75 10.09
C ARG C 185 -6.96 6.31 9.34
N ILE C 186 -6.26 7.30 8.84
CA ILE C 186 -5.01 7.29 8.14
C ILE C 186 -3.92 6.74 9.08
N LEU C 187 -3.75 7.39 10.22
CA LEU C 187 -2.74 6.90 11.19
C LEU C 187 -3.53 6.53 12.42
N ASP C 188 -3.02 5.94 13.45
CA ASP C 188 -3.85 5.69 14.67
C ASP C 188 -4.28 7.06 15.24
N LEU C 189 -5.57 7.28 15.23
CA LEU C 189 -6.36 8.38 15.65
C LEU C 189 -7.68 7.84 16.24
N PRO C 190 -8.17 8.64 17.16
CA PRO C 190 -9.43 8.31 17.87
C PRO C 190 -10.54 7.99 16.89
N HIS C 191 -11.44 7.20 17.39
CA HIS C 191 -12.60 6.72 16.64
C HIS C 191 -13.48 6.01 17.65
N LYS C 192 -14.77 5.91 17.36
CA LYS C 192 -15.71 5.21 18.24
C LYS C 192 -15.40 3.71 18.22
N ASP C 193 -15.06 3.23 17.00
CA ASP C 193 -14.71 1.79 16.89
C ASP C 193 -13.21 1.71 17.04
N LEU C 194 -12.70 1.15 18.10
CA LEU C 194 -11.23 1.04 18.31
C LEU C 194 -10.53 0.26 17.22
N ARG C 195 -11.25 -0.48 16.41
CA ARG C 195 -10.69 -1.20 15.28
C ARG C 195 -10.43 -0.20 14.13
N ARG C 196 -11.44 0.59 13.84
CA ARG C 196 -11.43 1.58 12.78
C ARG C 196 -10.54 2.77 13.05
N ALA C 197 -10.03 2.98 14.24
CA ALA C 197 -9.10 3.95 14.72
C ALA C 197 -7.67 3.76 14.21
N ARG C 198 -7.32 2.57 13.78
CA ARG C 198 -5.97 2.21 13.27
C ARG C 198 -5.75 2.50 11.82
N ALA C 199 -4.49 2.87 11.55
CA ALA C 199 -3.97 3.15 10.20
C ALA C 199 -4.61 2.22 9.21
N ALA C 200 -5.56 2.64 8.41
CA ALA C 200 -6.30 1.86 7.45
C ALA C 200 -5.52 1.14 6.35
N ALA C 201 -4.40 1.68 5.92
CA ALA C 201 -3.67 1.11 4.77
C ALA C 201 -2.59 0.17 5.22
N GLU C 202 -2.43 0.01 6.53
CA GLU C 202 -1.42 -0.84 7.09
C GLU C 202 -1.87 -2.18 7.62
N SER C 203 -3.17 -2.38 7.65
CA SER C 203 -3.66 -3.62 8.29
C SER C 203 -4.89 -4.23 7.66
N ILE C 204 -5.21 -5.34 8.22
CA ILE C 204 -6.41 -6.17 8.06
C ILE C 204 -7.19 -5.90 9.41
N ILE C 205 -8.29 -5.23 9.29
CA ILE C 205 -9.07 -4.83 10.47
C ILE C 205 -10.47 -5.39 10.49
N PRO C 206 -10.73 -6.34 11.35
CA PRO C 206 -12.07 -6.91 11.50
C PRO C 206 -12.95 -5.74 11.99
N THR C 207 -14.17 -5.72 11.54
CA THR C 207 -15.12 -4.68 11.94
C THR C 207 -16.49 -5.27 11.74
N THR C 208 -17.49 -4.68 12.32
CA THR C 208 -18.87 -5.25 12.24
C THR C 208 -19.53 -4.78 10.97
N THR C 209 -20.61 -5.46 10.64
CA THR C 209 -21.42 -5.14 9.46
C THR C 209 -22.89 -5.53 9.81
N GLY C 210 -23.82 -4.77 9.29
CA GLY C 210 -25.26 -4.99 9.52
C GLY C 210 -25.89 -5.50 8.21
N ALA C 211 -24.97 -5.62 7.26
CA ALA C 211 -25.37 -6.05 5.92
C ALA C 211 -26.02 -7.41 6.00
N ALA C 212 -25.65 -8.35 6.83
CA ALA C 212 -26.27 -9.68 6.87
C ALA C 212 -27.69 -9.66 7.38
N LYS C 213 -27.84 -9.12 8.56
CA LYS C 213 -29.14 -8.97 9.21
C LYS C 213 -30.05 -8.13 8.37
N ALA C 214 -29.55 -7.13 7.67
CA ALA C 214 -30.36 -6.26 6.81
C ALA C 214 -30.95 -6.88 5.57
N VAL C 215 -30.62 -8.13 5.29
CA VAL C 215 -31.13 -8.86 4.15
C VAL C 215 -32.59 -9.20 4.45
N ALA C 216 -32.85 -9.40 5.72
CA ALA C 216 -34.18 -9.71 6.28
C ALA C 216 -35.19 -8.64 6.00
N LEU C 217 -34.79 -7.41 5.75
CA LEU C 217 -35.65 -6.27 5.41
C LEU C 217 -36.21 -6.42 3.99
N VAL C 218 -35.41 -6.96 3.08
CA VAL C 218 -35.71 -7.14 1.67
C VAL C 218 -36.18 -8.56 1.42
N LEU C 219 -35.76 -9.52 2.20
CA LEU C 219 -36.17 -10.94 2.06
C LEU C 219 -36.60 -11.40 3.46
N PRO C 220 -37.80 -11.06 3.80
CA PRO C 220 -38.34 -11.38 5.13
C PRO C 220 -38.08 -12.79 5.58
N GLU C 221 -38.08 -13.76 4.70
CA GLU C 221 -37.88 -15.17 5.02
C GLU C 221 -36.51 -15.51 5.55
N LEU C 222 -35.54 -14.62 5.41
CA LEU C 222 -34.18 -14.95 5.89
C LEU C 222 -33.88 -14.39 7.26
N LYS C 223 -34.89 -13.87 7.86
CA LYS C 223 -34.96 -13.24 9.20
C LYS C 223 -34.38 -14.23 10.18
N GLY C 224 -33.36 -13.87 10.88
CA GLY C 224 -32.61 -14.61 11.85
C GLY C 224 -31.81 -15.74 11.29
N LYS C 225 -31.53 -15.80 10.02
CA LYS C 225 -30.75 -16.89 9.41
C LYS C 225 -29.38 -16.46 8.93
N LEU C 226 -29.08 -15.18 8.76
CA LEU C 226 -27.75 -14.70 8.31
C LEU C 226 -27.15 -13.77 9.37
N ASN C 227 -25.84 -13.80 9.39
CA ASN C 227 -24.98 -13.00 10.27
C ASN C 227 -23.61 -12.95 9.53
N GLY C 228 -22.80 -11.99 9.91
CA GLY C 228 -21.57 -11.63 9.29
C GLY C 228 -20.80 -10.53 9.98
N MET C 229 -19.64 -10.29 9.41
CA MET C 229 -18.68 -9.30 9.90
C MET C 229 -17.96 -8.82 8.67
N ALA C 230 -17.14 -7.81 8.78
CA ALA C 230 -16.34 -7.28 7.67
C ALA C 230 -14.90 -7.30 8.14
N MET C 231 -14.07 -7.22 7.13
CA MET C 231 -12.63 -7.08 7.30
C MET C 231 -12.24 -5.98 6.30
N ARG C 232 -11.87 -4.83 6.82
CA ARG C 232 -11.38 -3.79 5.83
C ARG C 232 -9.91 -4.11 5.53
N VAL C 233 -9.51 -4.04 4.28
CA VAL C 233 -8.10 -4.34 3.90
C VAL C 233 -7.60 -3.09 3.17
N PRO C 234 -6.29 -3.06 2.93
CA PRO C 234 -5.60 -1.97 2.27
C PRO C 234 -5.78 -1.79 0.80
N THR C 235 -7.03 -1.69 0.34
CA THR C 235 -7.43 -1.43 -1.06
C THR C 235 -8.46 -0.31 -0.93
N PRO C 236 -8.36 0.54 -1.95
CA PRO C 236 -9.18 1.76 -2.02
C PRO C 236 -10.56 1.61 -2.54
N ASN C 237 -10.88 0.51 -3.20
CA ASN C 237 -12.24 0.33 -3.80
C ASN C 237 -12.30 -1.11 -4.25
N VAL C 238 -13.50 -1.62 -4.27
CA VAL C 238 -13.86 -2.97 -4.70
C VAL C 238 -13.82 -3.94 -3.52
N SER C 239 -14.91 -4.67 -3.31
CA SER C 239 -15.02 -5.62 -2.21
C SER C 239 -15.54 -6.98 -2.66
N VAL C 240 -15.52 -7.90 -1.67
CA VAL C 240 -15.99 -9.26 -1.97
C VAL C 240 -16.72 -9.88 -0.82
N VAL C 241 -17.89 -10.43 -1.05
CA VAL C 241 -18.71 -11.08 0.01
C VAL C 241 -18.45 -12.57 -0.08
N ASP C 242 -18.26 -13.19 1.03
CA ASP C 242 -17.98 -14.65 1.12
C ASP C 242 -19.11 -15.25 1.99
N LEU C 243 -19.95 -15.99 1.26
CA LEU C 243 -21.08 -16.60 1.96
C LEU C 243 -20.95 -18.11 2.09
N VAL C 244 -21.08 -18.50 3.34
CA VAL C 244 -21.11 -19.92 3.74
C VAL C 244 -22.55 -20.22 4.21
N ALA C 245 -23.25 -21.12 3.53
CA ALA C 245 -24.65 -21.34 3.94
C ALA C 245 -24.98 -22.81 3.94
N GLU C 246 -25.89 -23.19 4.80
CA GLU C 246 -26.42 -24.57 4.97
C GLU C 246 -27.74 -24.58 4.20
N LEU C 247 -27.82 -25.30 3.11
CA LEU C 247 -28.99 -25.38 2.22
C LEU C 247 -29.88 -26.53 2.71
N GLU C 248 -31.05 -26.58 2.10
CA GLU C 248 -32.04 -27.62 2.46
C GLU C 248 -31.98 -28.86 1.60
N LYS C 249 -31.72 -28.67 0.32
CA LYS C 249 -31.53 -29.73 -0.67
C LYS C 249 -30.02 -30.03 -0.75
N GLU C 250 -29.73 -31.26 -1.16
CA GLU C 250 -28.29 -31.64 -1.32
C GLU C 250 -28.04 -31.17 -2.76
N VAL C 251 -26.92 -30.48 -2.98
CA VAL C 251 -26.66 -29.88 -4.30
C VAL C 251 -25.23 -30.10 -4.76
N THR C 252 -24.98 -29.66 -5.95
CA THR C 252 -23.69 -29.69 -6.59
C THR C 252 -23.27 -28.24 -6.88
N VAL C 253 -21.98 -28.13 -7.17
CA VAL C 253 -21.33 -26.87 -7.52
C VAL C 253 -21.90 -26.40 -8.86
N GLU C 254 -22.01 -27.40 -9.72
CA GLU C 254 -22.57 -27.14 -11.06
C GLU C 254 -23.99 -26.70 -10.89
N GLU C 255 -24.77 -27.35 -10.02
CA GLU C 255 -26.18 -26.94 -9.89
C GLU C 255 -26.30 -25.52 -9.30
N VAL C 256 -25.46 -25.24 -8.30
CA VAL C 256 -25.36 -23.94 -7.66
C VAL C 256 -24.93 -22.88 -8.66
N ASN C 257 -23.93 -23.10 -9.50
CA ASN C 257 -23.51 -22.07 -10.47
C ASN C 257 -24.47 -21.92 -11.64
N ALA C 258 -25.18 -22.98 -11.98
CA ALA C 258 -26.19 -22.88 -13.09
C ALA C 258 -27.39 -22.11 -12.58
N ALA C 259 -27.77 -22.28 -11.31
CA ALA C 259 -28.89 -21.45 -10.80
C ALA C 259 -28.47 -19.98 -10.90
N LEU C 260 -27.32 -19.64 -10.33
CA LEU C 260 -26.82 -18.26 -10.34
C LEU C 260 -26.63 -17.77 -11.76
N LYS C 261 -26.01 -18.53 -12.64
CA LYS C 261 -25.83 -18.06 -14.04
C LYS C 261 -27.14 -17.75 -14.70
N ALA C 262 -28.11 -18.62 -14.52
CA ALA C 262 -29.46 -18.48 -15.07
C ALA C 262 -30.08 -17.14 -14.67
N ALA C 263 -30.00 -16.83 -13.40
CA ALA C 263 -30.51 -15.62 -12.72
C ALA C 263 -29.89 -14.35 -13.25
N ALA C 264 -28.60 -14.37 -13.40
CA ALA C 264 -27.70 -13.34 -13.91
C ALA C 264 -28.05 -12.99 -15.34
N GLU C 265 -28.49 -14.02 -16.04
CA GLU C 265 -28.85 -13.92 -17.46
C GLU C 265 -30.31 -13.68 -17.76
N GLY C 266 -31.14 -13.96 -16.81
CA GLY C 266 -32.59 -13.81 -16.88
C GLY C 266 -33.07 -12.66 -16.02
N GLU C 267 -33.83 -12.97 -15.00
CA GLU C 267 -34.42 -12.01 -14.10
C GLU C 267 -33.54 -10.95 -13.49
N LEU C 268 -32.40 -11.30 -12.92
CA LEU C 268 -31.46 -10.39 -12.24
C LEU C 268 -30.44 -9.70 -13.11
N LYS C 269 -30.50 -9.94 -14.39
CA LYS C 269 -29.63 -9.34 -15.39
C LYS C 269 -29.52 -7.85 -15.08
N GLY C 270 -28.32 -7.33 -15.03
CA GLY C 270 -28.01 -5.92 -14.78
C GLY C 270 -27.66 -5.72 -13.30
N ILE C 271 -28.18 -6.60 -12.46
CA ILE C 271 -27.99 -6.55 -11.03
C ILE C 271 -26.97 -7.59 -10.58
N LEU C 272 -27.23 -8.81 -11.03
CA LEU C 272 -26.35 -9.94 -10.73
C LEU C 272 -25.61 -10.34 -12.00
N ALA C 273 -24.29 -10.51 -11.87
CA ALA C 273 -23.45 -10.90 -13.01
C ALA C 273 -22.79 -12.24 -12.64
N TYR C 274 -22.33 -12.92 -13.67
CA TYR C 274 -21.69 -14.25 -13.43
C TYR C 274 -20.41 -14.33 -14.19
N SER C 275 -19.35 -14.64 -13.47
CA SER C 275 -18.02 -14.71 -14.13
C SER C 275 -17.31 -16.03 -13.95
N GLU C 276 -16.81 -16.55 -15.06
CA GLU C 276 -16.05 -17.81 -14.93
C GLU C 276 -14.56 -17.58 -15.10
N GLU C 277 -14.12 -16.35 -14.96
CA GLU C 277 -12.69 -16.01 -15.10
C GLU C 277 -11.96 -15.77 -13.83
N PRO C 278 -10.67 -16.11 -13.79
CA PRO C 278 -9.84 -15.92 -12.58
C PRO C 278 -9.42 -14.48 -12.48
N LEU C 279 -10.36 -13.57 -12.15
CA LEU C 279 -10.03 -12.15 -12.06
C LEU C 279 -9.73 -11.83 -10.60
N VAL C 280 -9.27 -10.60 -10.44
CA VAL C 280 -8.91 -10.08 -9.12
C VAL C 280 -9.65 -8.78 -8.90
N SER C 281 -9.62 -8.28 -7.67
CA SER C 281 -10.26 -6.98 -7.31
C SER C 281 -10.05 -5.82 -8.24
N ARG C 282 -8.87 -5.39 -8.63
CA ARG C 282 -8.70 -4.27 -9.58
C ARG C 282 -9.49 -4.43 -10.86
N ASP C 283 -9.82 -5.66 -11.24
CA ASP C 283 -10.57 -5.90 -12.48
C ASP C 283 -12.03 -5.48 -12.36
N TYR C 284 -12.53 -5.26 -11.16
CA TYR C 284 -13.95 -4.89 -10.96
C TYR C 284 -14.22 -3.43 -10.71
N ASN C 285 -13.14 -2.66 -10.65
CA ASN C 285 -13.22 -1.22 -10.42
C ASN C 285 -13.86 -0.67 -11.70
N GLY C 286 -14.98 0.00 -11.49
CA GLY C 286 -15.75 0.59 -12.55
C GLY C 286 -16.94 -0.26 -12.97
N SER C 287 -17.09 -1.40 -12.37
CA SER C 287 -18.21 -2.32 -12.62
C SER C 287 -19.48 -1.76 -11.96
N THR C 288 -20.52 -1.63 -12.75
CA THR C 288 -21.80 -1.06 -12.35
C THR C 288 -22.80 -2.03 -11.80
N VAL C 289 -22.65 -3.32 -11.82
CA VAL C 289 -23.63 -4.30 -11.30
C VAL C 289 -23.52 -4.31 -9.78
N SER C 290 -24.49 -4.94 -9.13
CA SER C 290 -24.45 -4.99 -7.67
C SER C 290 -23.62 -6.13 -7.09
N SER C 291 -23.58 -7.23 -7.83
CA SER C 291 -22.96 -8.51 -7.44
C SER C 291 -22.53 -9.23 -8.73
N THR C 292 -21.32 -9.72 -8.73
CA THR C 292 -20.75 -10.54 -9.80
C THR C 292 -20.31 -11.86 -9.13
N ILE C 293 -20.88 -12.99 -9.53
CA ILE C 293 -20.48 -14.27 -8.91
C ILE C 293 -19.09 -14.67 -9.40
N ASP C 294 -18.19 -14.97 -8.50
CA ASP C 294 -16.85 -15.46 -8.86
C ASP C 294 -17.08 -16.99 -8.93
N ALA C 295 -17.66 -17.41 -10.03
CA ALA C 295 -18.00 -18.79 -10.34
C ALA C 295 -16.87 -19.74 -10.04
N LEU C 296 -15.61 -19.44 -10.28
CA LEU C 296 -14.51 -20.34 -9.96
C LEU C 296 -14.34 -20.65 -8.49
N SER C 297 -14.93 -19.95 -7.55
CA SER C 297 -14.86 -20.11 -6.11
C SER C 297 -15.99 -20.89 -5.48
N THR C 298 -17.04 -21.20 -6.24
CA THR C 298 -18.12 -21.98 -5.59
C THR C 298 -17.58 -23.30 -5.06
N MET C 299 -17.99 -23.65 -3.89
CA MET C 299 -17.67 -24.84 -3.07
C MET C 299 -18.91 -25.38 -2.34
N VAL C 300 -19.01 -26.63 -2.10
CA VAL C 300 -20.01 -27.42 -1.41
C VAL C 300 -19.22 -28.45 -0.55
N ILE C 301 -19.68 -28.95 0.53
CA ILE C 301 -19.17 -29.99 1.40
C ILE C 301 -20.41 -30.77 1.86
N ASP C 302 -20.35 -32.07 1.89
CA ASP C 302 -21.50 -32.89 2.33
C ASP C 302 -22.77 -32.58 1.60
N GLY C 303 -22.81 -32.04 0.45
CA GLY C 303 -23.94 -31.69 -0.39
C GLY C 303 -24.86 -30.64 0.16
N LYS C 304 -24.63 -30.17 1.36
CA LYS C 304 -25.43 -29.22 2.08
C LYS C 304 -24.81 -27.89 2.42
N MET C 305 -23.52 -27.78 2.62
CA MET C 305 -22.87 -26.47 2.91
C MET C 305 -22.25 -25.86 1.67
N VAL C 306 -22.62 -24.69 1.24
CA VAL C 306 -22.08 -24.02 0.06
C VAL C 306 -21.31 -22.76 0.43
N LYS C 307 -20.36 -22.37 -0.38
CA LYS C 307 -19.53 -21.18 -0.31
C LYS C 307 -19.64 -20.43 -1.65
N VAL C 308 -20.19 -19.23 -1.55
CA VAL C 308 -20.35 -18.35 -2.74
C VAL C 308 -19.57 -17.07 -2.45
N VAL C 309 -18.89 -16.64 -3.48
CA VAL C 309 -18.01 -15.47 -3.50
C VAL C 309 -18.51 -14.51 -4.55
N SER C 310 -18.84 -13.30 -4.08
CA SER C 310 -19.35 -12.30 -5.04
C SER C 310 -18.59 -10.98 -4.91
N TRP C 311 -18.20 -10.41 -6.02
CA TRP C 311 -17.44 -9.20 -6.20
C TRP C 311 -18.42 -8.03 -6.32
N TYR C 312 -17.95 -6.90 -5.83
CA TYR C 312 -18.64 -5.65 -5.93
C TYR C 312 -17.75 -4.45 -5.63
N ASP C 313 -18.02 -3.51 -6.50
CA ASP C 313 -17.35 -2.17 -6.45
C ASP C 313 -18.37 -1.38 -5.60
N ASN C 314 -17.98 -1.25 -4.39
CA ASN C 314 -18.78 -0.64 -3.34
C ASN C 314 -19.16 0.79 -3.65
N GLU C 315 -18.44 1.50 -4.48
CA GLU C 315 -18.75 2.87 -4.81
C GLU C 315 -19.45 2.99 -6.14
N THR C 316 -19.05 2.29 -7.17
CA THR C 316 -19.74 2.40 -8.48
C THR C 316 -21.08 1.69 -8.55
N GLY C 317 -21.22 0.50 -8.09
CA GLY C 317 -22.41 -0.31 -8.11
C GLY C 317 -23.51 0.34 -7.31
N TYR C 318 -23.17 0.63 -6.07
CA TYR C 318 -24.16 1.28 -5.20
C TYR C 318 -24.71 2.54 -5.83
N SER C 319 -23.90 3.44 -6.29
CA SER C 319 -24.28 4.68 -7.03
C SER C 319 -25.26 4.44 -8.16
N HIS C 320 -24.98 3.58 -9.09
CA HIS C 320 -25.84 3.20 -10.22
C HIS C 320 -27.18 2.77 -9.66
N ARG C 321 -27.15 1.98 -8.61
CA ARG C 321 -28.34 1.49 -7.93
C ARG C 321 -29.22 2.64 -7.44
N VAL C 322 -28.64 3.64 -6.82
CA VAL C 322 -29.33 4.82 -6.27
C VAL C 322 -30.09 5.48 -7.40
N VAL C 323 -29.41 5.70 -8.50
CA VAL C 323 -29.97 6.31 -9.73
C VAL C 323 -31.02 5.40 -10.32
N ASP C 324 -30.82 4.10 -10.25
CA ASP C 324 -31.82 3.11 -10.68
C ASP C 324 -33.13 3.28 -9.89
N LEU C 325 -33.01 3.36 -8.57
CA LEU C 325 -34.21 3.54 -7.72
C LEU C 325 -34.84 4.88 -8.04
N ALA C 326 -34.06 5.94 -8.18
CA ALA C 326 -34.63 7.25 -8.48
C ALA C 326 -35.53 7.15 -9.71
N ALA C 327 -34.97 6.62 -10.78
CA ALA C 327 -35.62 6.38 -12.07
C ALA C 327 -36.78 5.44 -11.87
N TYR C 328 -36.64 4.39 -11.07
CA TYR C 328 -37.74 3.47 -10.79
C TYR C 328 -38.92 4.19 -10.07
N ILE C 329 -38.71 4.84 -8.94
CA ILE C 329 -39.69 5.60 -8.19
C ILE C 329 -40.45 6.60 -9.07
N ALA C 330 -39.65 7.37 -9.84
CA ALA C 330 -40.26 8.37 -10.73
C ALA C 330 -41.20 7.71 -11.72
N SER C 331 -40.81 6.53 -12.20
CA SER C 331 -41.62 5.79 -13.17
C SER C 331 -42.95 5.35 -12.58
N LYS C 332 -43.15 5.25 -11.30
CA LYS C 332 -44.41 4.84 -10.69
C LYS C 332 -45.36 6.01 -10.49
N GLY C 333 -44.87 7.22 -10.46
CA GLY C 333 -45.62 8.44 -10.29
C GLY C 333 -45.22 9.33 -9.12
N LEU C 334 -45.14 10.61 -9.44
CA LEU C 334 -44.78 11.69 -8.49
C LEU C 334 -45.99 12.53 -8.07
N ALA D 1 22.61 -28.04 22.21
CA ALA D 1 22.07 -29.40 22.29
C ALA D 1 21.82 -29.99 20.91
N VAL D 2 20.59 -30.19 20.44
CA VAL D 2 20.49 -30.84 19.11
C VAL D 2 21.14 -29.92 18.09
N LYS D 3 22.08 -30.48 17.35
CA LYS D 3 22.81 -29.70 16.31
C LYS D 3 21.95 -29.84 15.07
N VAL D 4 21.53 -28.74 14.54
CA VAL D 4 20.61 -28.53 13.47
C VAL D 4 21.28 -27.91 12.23
N GLY D 5 20.69 -28.34 11.09
CA GLY D 5 21.17 -27.99 9.77
C GLY D 5 19.93 -27.51 9.00
N ILE D 6 20.22 -26.40 8.29
CA ILE D 6 19.17 -25.77 7.50
C ILE D 6 19.47 -25.77 6.00
N ASN D 7 18.59 -26.41 5.24
CA ASN D 7 18.79 -26.40 3.79
C ASN D 7 17.99 -25.26 3.19
N GLY D 8 18.58 -24.27 2.60
CA GLY D 8 17.80 -23.16 2.01
C GLY D 8 17.71 -22.02 3.01
N PHE D 9 18.34 -20.91 2.67
CA PHE D 9 18.36 -19.71 3.51
C PHE D 9 17.56 -18.54 2.90
N GLY D 10 16.38 -18.83 2.41
CA GLY D 10 15.33 -17.94 1.95
C GLY D 10 14.56 -17.52 3.23
N ARG D 11 13.44 -16.88 3.04
CA ARG D 11 12.60 -16.35 4.15
C ARG D 11 12.41 -17.38 5.26
N ILE D 12 11.87 -18.56 5.05
CA ILE D 12 11.62 -19.57 6.06
C ILE D 12 12.90 -20.02 6.72
N GLY D 13 13.96 -20.28 5.99
CA GLY D 13 15.20 -20.75 6.64
C GLY D 13 15.73 -19.63 7.52
N ARG D 14 15.72 -18.37 7.04
CA ARG D 14 16.18 -17.23 7.88
C ARG D 14 15.29 -16.98 9.08
N ASN D 15 14.00 -17.23 9.00
CA ASN D 15 13.06 -17.00 10.09
C ASN D 15 13.21 -18.09 11.13
N VAL D 16 13.57 -19.27 10.64
CA VAL D 16 13.79 -20.43 11.53
C VAL D 16 15.07 -20.18 12.30
N PHE D 17 16.07 -19.64 11.63
CA PHE D 17 17.36 -19.28 12.19
C PHE D 17 17.13 -18.25 13.28
N ARG D 18 16.32 -17.24 13.02
CA ARG D 18 15.97 -16.20 14.02
C ARG D 18 15.22 -16.81 15.21
N ALA D 19 14.34 -17.77 15.06
CA ALA D 19 13.58 -18.45 16.06
C ALA D 19 14.43 -19.32 16.97
N ALA D 20 15.41 -19.97 16.38
CA ALA D 20 16.36 -20.90 17.02
C ALA D 20 17.31 -20.16 17.93
N LEU D 21 17.68 -18.94 17.50
CA LEU D 21 18.52 -18.03 18.26
C LEU D 21 18.08 -18.01 19.73
N LYS D 22 16.79 -17.87 19.98
CA LYS D 22 16.03 -17.84 21.19
C LYS D 22 15.90 -19.16 21.94
N ASN D 23 16.44 -20.22 21.36
CA ASN D 23 16.36 -21.56 21.92
C ASN D 23 17.77 -22.02 22.28
N PRO D 24 17.86 -22.47 23.52
CA PRO D 24 19.09 -23.05 24.06
C PRO D 24 19.21 -24.55 23.80
N ASP D 25 18.17 -25.26 23.47
CA ASP D 25 18.15 -26.70 23.17
C ASP D 25 18.55 -27.03 21.72
N ILE D 26 18.39 -26.06 20.84
CA ILE D 26 18.72 -26.22 19.43
C ILE D 26 19.90 -25.30 19.12
N GLU D 27 20.69 -25.78 18.19
CA GLU D 27 21.89 -25.14 17.67
C GLU D 27 22.10 -25.38 16.16
N VAL D 28 21.87 -24.26 15.48
CA VAL D 28 22.08 -24.17 14.03
C VAL D 28 23.60 -24.11 13.86
N VAL D 29 24.14 -25.18 13.23
CA VAL D 29 25.57 -25.23 13.03
C VAL D 29 25.92 -25.02 11.57
N ALA D 30 24.98 -25.20 10.67
CA ALA D 30 25.36 -25.00 9.23
C ALA D 30 24.13 -24.71 8.40
N VAL D 31 24.27 -23.98 7.29
CA VAL D 31 23.18 -23.73 6.39
C VAL D 31 23.72 -24.11 4.99
N ASN D 32 22.84 -24.39 4.06
CA ASN D 32 23.19 -24.67 2.68
C ASN D 32 22.38 -23.69 1.79
N ASP D 33 23.10 -23.05 0.91
CA ASP D 33 22.49 -22.02 0.05
C ASP D 33 23.51 -21.50 -0.95
N LEU D 34 23.05 -21.36 -2.18
CA LEU D 34 23.87 -20.90 -3.30
C LEU D 34 24.07 -19.40 -3.34
N THR D 35 23.36 -18.61 -2.57
CA THR D 35 23.53 -17.13 -2.57
C THR D 35 24.82 -16.82 -1.83
N ASP D 36 25.53 -15.75 -2.21
CA ASP D 36 26.80 -15.38 -1.58
C ASP D 36 26.53 -14.99 -0.15
N ALA D 37 27.48 -15.31 0.72
CA ALA D 37 27.25 -15.02 2.15
C ALA D 37 27.04 -13.53 2.34
N ASN D 38 27.71 -12.65 1.63
CA ASN D 38 27.45 -11.21 1.80
C ASN D 38 25.95 -10.91 1.73
N THR D 39 25.30 -11.31 0.66
CA THR D 39 23.88 -11.13 0.51
C THR D 39 23.09 -11.70 1.67
N LEU D 40 23.40 -12.92 1.97
CA LEU D 40 22.71 -13.67 3.06
C LEU D 40 22.88 -12.99 4.39
N ALA D 41 24.04 -12.44 4.73
CA ALA D 41 24.19 -11.74 6.03
C ALA D 41 23.42 -10.41 5.99
N HIS D 42 23.33 -9.80 4.84
CA HIS D 42 22.61 -8.52 4.69
C HIS D 42 21.14 -8.78 4.98
N LEU D 43 20.61 -9.81 4.32
CA LEU D 43 19.25 -10.31 4.47
C LEU D 43 18.90 -10.81 5.85
N LEU D 44 19.84 -11.44 6.55
CA LEU D 44 19.62 -11.92 7.92
C LEU D 44 19.53 -10.77 8.91
N LYS D 45 20.37 -9.76 8.73
CA LYS D 45 20.46 -8.56 9.55
C LYS D 45 19.27 -7.63 9.42
N TYR D 46 18.91 -7.33 8.18
CA TYR D 46 17.81 -6.46 7.88
C TYR D 46 16.59 -7.13 7.27
N ASP D 47 15.43 -6.91 7.86
CA ASP D 47 14.17 -7.44 7.34
C ASP D 47 13.14 -6.30 7.38
N SER D 48 12.42 -6.13 6.32
CA SER D 48 11.36 -5.18 6.14
C SER D 48 10.15 -5.40 7.02
N VAL D 49 9.88 -6.66 7.35
CA VAL D 49 8.77 -7.13 8.17
C VAL D 49 9.19 -7.37 9.61
N HIS D 50 10.29 -8.08 9.78
CA HIS D 50 10.78 -8.39 11.11
C HIS D 50 11.79 -7.43 11.66
N GLY D 51 12.30 -6.47 10.95
CA GLY D 51 13.29 -5.56 11.59
C GLY D 51 14.65 -6.16 11.71
N ARG D 52 15.58 -5.42 12.30
CA ARG D 52 16.99 -5.82 12.45
C ARG D 52 17.22 -6.93 13.44
N LEU D 53 18.07 -7.87 13.08
CA LEU D 53 18.31 -8.98 14.06
C LEU D 53 19.05 -8.41 15.23
N ASP D 54 18.69 -8.93 16.39
CA ASP D 54 19.30 -8.59 17.69
C ASP D 54 20.57 -9.44 17.92
N ALA D 55 21.55 -9.30 17.03
CA ALA D 55 22.77 -10.07 17.13
C ALA D 55 23.75 -9.53 16.08
N GLU D 56 25.00 -9.56 16.43
CA GLU D 56 26.00 -9.00 15.46
C GLU D 56 26.19 -10.06 14.40
N VAL D 57 26.15 -9.62 13.17
CA VAL D 57 26.26 -10.55 12.03
C VAL D 57 27.42 -10.09 11.14
N SER D 58 28.20 -11.04 10.65
CA SER D 58 29.35 -10.74 9.81
C SER D 58 29.64 -12.00 8.99
N VAL D 59 30.46 -11.85 8.01
CA VAL D 59 30.95 -12.81 7.04
C VAL D 59 32.46 -13.04 7.19
N ASN D 60 32.80 -14.33 7.18
CA ASN D 60 34.24 -14.72 7.29
C ASN D 60 34.45 -15.72 6.15
N GLY D 61 35.15 -15.21 5.14
CA GLY D 61 35.39 -16.04 3.93
C GLY D 61 34.02 -16.37 3.37
N ASN D 62 33.55 -17.60 3.45
CA ASN D 62 32.24 -17.97 2.93
C ASN D 62 31.34 -18.23 4.15
N ASN D 63 31.84 -18.12 5.35
CA ASN D 63 30.89 -18.38 6.46
C ASN D 63 30.32 -17.08 7.05
N LEU D 64 29.27 -17.32 7.80
CA LEU D 64 28.49 -16.39 8.56
C LEU D 64 29.02 -16.42 10.00
N VAL D 65 29.08 -15.22 10.59
CA VAL D 65 29.49 -15.14 11.99
C VAL D 65 28.35 -14.35 12.66
N VAL D 66 27.59 -14.99 13.50
CA VAL D 66 26.47 -14.48 14.25
C VAL D 66 26.77 -14.57 15.77
N ASN D 67 27.19 -13.45 16.28
CA ASN D 67 27.56 -13.27 17.68
C ASN D 67 28.82 -14.08 18.00
N GLY D 68 29.79 -14.08 17.12
CA GLY D 68 30.99 -14.86 17.49
C GLY D 68 30.96 -16.29 17.04
N LYS D 69 29.83 -16.93 16.89
CA LYS D 69 29.74 -18.31 16.37
C LYS D 69 29.80 -18.15 14.81
N GLU D 70 30.59 -18.96 14.22
CA GLU D 70 30.75 -19.04 12.73
C GLU D 70 29.81 -20.15 12.30
N ILE D 71 29.00 -19.91 11.31
CA ILE D 71 28.01 -20.83 10.75
C ILE D 71 28.56 -21.34 9.41
N ILE D 72 28.81 -22.62 9.33
CA ILE D 72 29.34 -23.15 8.02
C ILE D 72 28.26 -22.86 7.00
N VAL D 73 28.53 -22.30 5.88
CA VAL D 73 27.58 -22.09 4.78
C VAL D 73 27.98 -23.04 3.64
N LYS D 74 27.22 -24.09 3.38
CA LYS D 74 27.61 -25.00 2.27
C LYS D 74 26.98 -24.38 1.04
N ALA D 75 27.24 -24.98 -0.12
CA ALA D 75 26.66 -24.39 -1.36
C ALA D 75 26.64 -25.51 -2.39
N GLU D 76 25.91 -26.51 -2.02
CA GLU D 76 25.61 -27.72 -2.72
C GLU D 76 24.16 -27.63 -3.22
N ARG D 77 24.06 -28.09 -4.43
CA ARG D 77 22.84 -28.21 -5.25
C ARG D 77 22.21 -29.58 -4.97
N ASP D 78 23.09 -30.50 -4.54
CA ASP D 78 22.75 -31.88 -4.21
C ASP D 78 22.70 -32.19 -2.76
N PRO D 79 21.51 -32.46 -2.24
CA PRO D 79 21.33 -32.72 -0.80
C PRO D 79 22.25 -33.83 -0.36
N GLU D 80 22.32 -34.79 -1.26
CA GLU D 80 23.09 -36.00 -1.24
C GLU D 80 24.56 -35.74 -0.85
N ASN D 81 25.08 -34.63 -1.32
CA ASN D 81 26.42 -34.17 -1.11
C ASN D 81 26.60 -33.32 0.13
N LEU D 82 25.63 -33.09 0.99
CA LEU D 82 25.80 -32.18 2.11
C LEU D 82 26.60 -32.73 3.25
N ALA D 83 26.89 -33.99 3.36
CA ALA D 83 27.70 -34.49 4.46
C ALA D 83 27.29 -34.00 5.82
N TRP D 84 26.02 -34.04 6.16
CA TRP D 84 25.51 -33.61 7.48
C TRP D 84 26.16 -34.42 8.59
N GLY D 85 26.40 -35.69 8.31
CA GLY D 85 27.02 -36.53 9.35
C GLY D 85 28.38 -36.04 9.77
N GLU D 86 29.25 -35.61 8.89
CA GLU D 86 30.60 -35.12 9.14
C GLU D 86 30.67 -33.94 10.10
N ILE D 87 29.63 -33.13 10.21
CA ILE D 87 29.65 -32.01 11.14
C ILE D 87 28.70 -32.23 12.30
N GLY D 88 28.30 -33.46 12.50
CA GLY D 88 27.38 -33.87 13.53
C GLY D 88 26.02 -33.23 13.57
N VAL D 89 25.41 -32.88 12.45
CA VAL D 89 24.06 -32.35 12.34
C VAL D 89 23.08 -33.55 12.41
N ASP D 90 22.23 -33.53 13.40
CA ASP D 90 21.25 -34.56 13.64
C ASP D 90 19.94 -34.36 12.85
N ILE D 91 19.53 -33.10 12.87
CA ILE D 91 18.27 -32.67 12.30
C ILE D 91 18.48 -31.71 11.18
N VAL D 92 17.74 -31.93 10.12
CA VAL D 92 17.80 -31.03 8.97
C VAL D 92 16.43 -30.40 8.77
N VAL D 93 16.41 -29.11 8.66
CA VAL D 93 15.21 -28.32 8.32
C VAL D 93 15.30 -28.03 6.80
N GLU D 94 14.42 -28.71 6.10
CA GLU D 94 14.33 -28.68 4.63
C GLU D 94 13.30 -27.65 4.19
N SER D 95 13.89 -26.49 3.85
CA SER D 95 13.19 -25.29 3.48
C SER D 95 13.50 -24.74 2.10
N THR D 96 14.17 -25.47 1.21
CA THR D 96 14.39 -24.91 -0.13
C THR D 96 13.05 -24.82 -0.86
N GLY D 97 12.22 -25.85 -0.68
CA GLY D 97 10.91 -25.96 -1.30
C GLY D 97 10.89 -26.79 -2.57
N ARG D 98 12.05 -27.31 -2.90
CA ARG D 98 12.36 -28.16 -4.01
C ARG D 98 12.44 -29.61 -3.59
N PHE D 99 12.63 -29.88 -2.31
CA PHE D 99 12.72 -31.27 -1.81
C PHE D 99 11.54 -31.68 -0.95
N THR D 100 10.32 -31.55 -1.44
CA THR D 100 9.18 -31.93 -0.59
C THR D 100 8.70 -33.34 -0.81
N LYS D 101 9.24 -34.06 -1.77
CA LYS D 101 8.82 -35.47 -1.92
C LYS D 101 9.78 -36.33 -1.12
N ARG D 102 9.30 -37.30 -0.36
CA ARG D 102 10.11 -38.14 0.50
C ARG D 102 11.43 -38.59 -0.07
N GLU D 103 11.42 -39.05 -1.34
CA GLU D 103 12.67 -39.50 -1.92
C GLU D 103 13.68 -38.39 -2.04
N ASP D 104 13.24 -37.18 -2.24
CA ASP D 104 14.24 -36.08 -2.35
C ASP D 104 14.68 -35.68 -0.97
N ALA D 105 13.73 -35.62 -0.03
CA ALA D 105 14.14 -35.24 1.36
C ALA D 105 14.93 -36.35 2.04
N ALA D 106 14.78 -37.62 1.63
CA ALA D 106 15.60 -38.68 2.29
C ALA D 106 17.07 -38.63 1.91
N LYS D 107 17.46 -37.82 0.93
CA LYS D 107 18.86 -37.60 0.55
C LYS D 107 19.65 -37.00 1.69
N HIS D 108 19.03 -36.25 2.59
CA HIS D 108 19.70 -35.69 3.75
C HIS D 108 20.01 -36.83 4.73
N LEU D 109 19.21 -37.89 4.72
CA LEU D 109 19.49 -39.04 5.64
C LEU D 109 20.69 -39.80 5.04
N GLU D 110 20.63 -39.97 3.73
CA GLU D 110 21.75 -40.51 2.95
C GLU D 110 23.01 -39.78 3.32
N ALA D 111 23.14 -38.50 3.36
CA ALA D 111 24.22 -37.63 3.77
C ALA D 111 24.48 -37.58 5.26
N GLY D 112 23.82 -38.43 6.04
CA GLY D 112 24.08 -38.46 7.46
C GLY D 112 23.18 -37.83 8.44
N ALA D 113 22.17 -37.08 8.05
CA ALA D 113 21.29 -36.39 9.06
C ALA D 113 20.50 -37.53 9.71
N LYS D 114 19.91 -37.38 10.87
CA LYS D 114 19.12 -38.49 11.42
C LYS D 114 17.63 -38.25 11.21
N LYS D 115 17.27 -36.97 11.05
CA LYS D 115 15.84 -36.65 10.88
C LYS D 115 15.76 -35.47 9.91
N VAL D 116 14.69 -35.39 9.15
CA VAL D 116 14.41 -34.31 8.21
C VAL D 116 13.05 -33.69 8.59
N ILE D 117 13.00 -32.38 8.68
CA ILE D 117 11.78 -31.63 8.92
C ILE D 117 11.51 -30.77 7.65
N ILE D 118 10.46 -31.13 6.93
CA ILE D 118 10.05 -30.42 5.73
C ILE D 118 9.10 -29.28 6.20
N SER D 119 9.60 -28.07 6.04
CA SER D 119 8.84 -26.87 6.45
C SER D 119 7.90 -26.45 5.34
N ALA D 120 6.89 -27.23 5.14
CA ALA D 120 5.85 -27.14 4.13
C ALA D 120 5.18 -28.51 3.97
N PRO D 121 4.07 -28.53 3.26
CA PRO D 121 3.30 -29.75 2.93
C PRO D 121 4.14 -30.60 2.00
N ALA D 122 4.20 -31.90 2.32
CA ALA D 122 5.01 -32.84 1.55
C ALA D 122 4.16 -33.95 0.94
N LYS D 123 4.83 -34.78 0.16
CA LYS D 123 4.24 -35.97 -0.45
C LYS D 123 5.06 -37.15 0.05
N ASN D 124 4.42 -38.16 0.57
CA ASN D 124 5.01 -39.40 1.07
C ASN D 124 5.78 -39.28 2.37
N GLU D 125 5.70 -38.22 3.07
CA GLU D 125 6.39 -38.03 4.36
C GLU D 125 5.97 -39.15 5.28
N ASP D 126 6.69 -39.33 6.36
CA ASP D 126 6.40 -40.36 7.36
C ASP D 126 5.22 -39.94 8.18
N ILE D 127 5.14 -38.65 8.50
CA ILE D 127 4.09 -38.07 9.31
C ILE D 127 4.06 -36.55 9.18
N THR D 128 2.91 -35.99 9.25
CA THR D 128 2.71 -34.54 9.29
C THR D 128 2.33 -34.18 10.72
N ILE D 129 3.17 -33.45 11.44
CA ILE D 129 2.83 -33.05 12.82
C ILE D 129 2.39 -31.56 12.84
N VAL D 130 1.32 -31.26 13.51
CA VAL D 130 0.87 -29.91 13.82
C VAL D 130 1.00 -29.94 15.36
N MET D 131 2.00 -29.33 15.91
CA MET D 131 2.38 -29.18 17.31
C MET D 131 1.17 -28.74 18.11
N GLY D 132 0.92 -29.42 19.22
CA GLY D 132 -0.23 -29.15 20.09
C GLY D 132 -1.36 -30.12 19.69
N VAL D 133 -1.42 -30.42 18.39
CA VAL D 133 -2.45 -31.27 17.83
C VAL D 133 -2.12 -32.72 17.73
N ASN D 134 -1.00 -33.13 17.17
CA ASN D 134 -0.67 -34.55 17.09
C ASN D 134 0.79 -34.89 17.30
N GLN D 135 1.59 -34.20 18.08
CA GLN D 135 3.00 -34.58 18.27
C GLN D 135 3.15 -35.94 18.95
N ASP D 136 2.14 -36.36 19.70
CA ASP D 136 2.07 -37.61 20.44
C ASP D 136 2.11 -38.80 19.47
N LYS D 137 1.68 -38.63 18.26
CA LYS D 137 1.61 -39.61 17.18
C LYS D 137 2.91 -39.81 16.42
N TYR D 138 3.96 -39.11 16.78
CA TYR D 138 5.31 -39.23 16.21
C TYR D 138 5.92 -40.49 16.89
N ASP D 139 6.50 -41.29 16.03
CA ASP D 139 7.20 -42.53 16.46
C ASP D 139 8.66 -42.40 15.99
N PRO D 140 9.56 -42.30 16.95
CA PRO D 140 10.98 -42.17 16.66
C PRO D 140 11.44 -43.37 15.87
N LYS D 141 10.88 -44.54 16.24
CA LYS D 141 11.28 -45.76 15.51
C LYS D 141 10.86 -45.66 14.05
N ALA D 142 9.66 -45.18 13.77
CA ALA D 142 9.18 -45.17 12.39
C ALA D 142 9.13 -43.93 11.55
N HIS D 143 9.33 -42.75 12.06
CA HIS D 143 9.23 -41.44 11.43
C HIS D 143 10.52 -40.65 11.37
N HIS D 144 11.11 -40.53 10.21
CA HIS D 144 12.38 -39.89 9.88
C HIS D 144 12.27 -38.70 8.93
N VAL D 145 11.29 -38.65 8.07
CA VAL D 145 10.99 -37.61 7.12
C VAL D 145 9.56 -37.12 7.50
N ILE D 146 9.48 -36.07 8.29
CA ILE D 146 8.39 -35.34 8.86
C ILE D 146 8.03 -33.97 8.25
N SER D 147 6.78 -33.67 8.09
CA SER D 147 6.19 -32.43 7.59
C SER D 147 5.60 -31.58 8.72
N ASN D 148 5.81 -30.26 8.67
CA ASN D 148 5.26 -29.37 9.73
C ASN D 148 4.04 -28.65 9.15
N ALA D 149 3.47 -29.15 8.09
CA ALA D 149 2.31 -28.64 7.36
C ALA D 149 2.51 -27.18 7.02
N SER D 150 1.44 -26.46 6.75
CA SER D 150 1.58 -25.04 6.37
C SER D 150 1.27 -24.12 7.54
N CYS D 151 1.50 -22.83 7.32
CA CYS D 151 1.23 -21.75 8.28
C CYS D 151 -0.29 -21.76 8.63
N THR D 152 -1.13 -21.88 7.62
CA THR D 152 -2.57 -21.84 7.65
C THR D 152 -3.09 -23.01 8.45
N THR D 153 -2.58 -24.20 8.11
CA THR D 153 -2.93 -25.43 8.84
C THR D 153 -2.50 -25.36 10.28
N ASN D 154 -1.36 -24.81 10.65
CA ASN D 154 -0.94 -24.64 12.07
C ASN D 154 -1.85 -23.68 12.81
N CYS D 155 -2.46 -22.71 12.14
CA CYS D 155 -3.42 -21.77 12.71
C CYS D 155 -4.75 -22.49 12.99
N LEU D 156 -5.28 -23.16 11.95
CA LEU D 156 -6.57 -23.82 12.01
C LEU D 156 -6.65 -25.02 12.91
N ALA D 157 -5.69 -25.91 12.78
CA ALA D 157 -5.71 -27.17 13.50
C ALA D 157 -5.94 -26.99 14.98
N PRO D 158 -5.24 -26.18 15.73
CA PRO D 158 -5.42 -26.11 17.19
C PRO D 158 -6.85 -25.88 17.66
N PHE D 159 -7.54 -24.95 16.99
CA PHE D 159 -8.89 -24.55 17.33
C PHE D 159 -9.92 -25.44 16.65
N ALA D 160 -9.54 -26.17 15.59
CA ALA D 160 -10.60 -27.05 15.03
C ALA D 160 -10.72 -28.22 16.00
N LYS D 161 -9.63 -28.59 16.62
CA LYS D 161 -9.47 -29.64 17.63
C LYS D 161 -10.39 -29.38 18.82
N VAL D 162 -10.30 -28.22 19.43
CA VAL D 162 -11.12 -27.75 20.53
C VAL D 162 -12.61 -27.77 20.17
N LEU D 163 -13.01 -27.10 19.11
CA LEU D 163 -14.40 -27.13 18.65
C LEU D 163 -14.93 -28.53 18.42
N HIS D 164 -14.12 -29.34 17.75
CA HIS D 164 -14.49 -30.70 17.39
C HIS D 164 -14.70 -31.56 18.63
N GLU D 165 -13.75 -31.53 19.54
CA GLU D 165 -13.79 -32.34 20.76
C GLU D 165 -14.89 -31.94 21.70
N GLN D 166 -15.06 -30.65 21.86
CA GLN D 166 -16.02 -30.02 22.74
C GLN D 166 -17.43 -30.03 22.17
N PHE D 167 -17.61 -29.81 20.87
CA PHE D 167 -18.99 -29.76 20.35
C PHE D 167 -19.21 -30.59 19.10
N GLY D 168 -18.22 -31.11 18.43
CA GLY D 168 -18.35 -31.91 17.21
C GLY D 168 -18.71 -31.11 15.97
N ILE D 169 -17.84 -31.11 14.99
CA ILE D 169 -17.92 -30.47 13.72
C ILE D 169 -18.55 -31.46 12.72
N VAL D 170 -19.65 -30.97 12.17
CA VAL D 170 -20.41 -31.76 11.17
C VAL D 170 -19.68 -31.47 9.87
N ARG D 171 -19.58 -30.18 9.56
CA ARG D 171 -18.82 -29.72 8.38
C ARG D 171 -18.44 -28.27 8.57
N GLY D 172 -17.51 -27.81 7.73
CA GLY D 172 -17.07 -26.41 7.87
C GLY D 172 -16.30 -25.94 6.68
N MET D 173 -16.29 -24.64 6.49
CA MET D 173 -15.61 -23.87 5.43
C MET D 173 -14.75 -22.79 6.09
N MET D 174 -13.58 -22.56 5.58
CA MET D 174 -12.68 -21.49 5.98
C MET D 174 -12.33 -20.64 4.75
N THR D 175 -11.91 -19.42 5.02
CA THR D 175 -11.34 -18.42 4.15
C THR D 175 -10.16 -17.87 5.01
N THR D 176 -9.03 -17.76 4.36
CA THR D 176 -7.83 -17.17 4.99
C THR D 176 -7.60 -15.84 4.20
N VAL D 177 -7.68 -14.77 4.97
CA VAL D 177 -7.38 -13.38 4.56
C VAL D 177 -5.89 -13.34 4.93
N HIS D 178 -5.14 -13.47 3.83
CA HIS D 178 -3.70 -13.68 4.03
C HIS D 178 -2.82 -12.58 3.44
N SER D 179 -1.67 -12.35 4.01
CA SER D 179 -0.77 -11.37 3.36
C SER D 179 -0.12 -11.95 2.10
N TYR D 180 0.43 -11.06 1.28
CA TYR D 180 1.11 -11.49 0.04
C TYR D 180 2.34 -12.27 0.45
N THR D 181 2.77 -13.18 -0.36
CA THR D 181 3.92 -14.05 -0.11
C THR D 181 4.86 -13.93 -1.31
N ASN D 182 6.02 -14.52 -1.22
CA ASN D 182 7.00 -14.36 -2.31
C ASN D 182 6.64 -15.13 -3.56
N ASP D 183 5.52 -15.75 -3.64
CA ASP D 183 4.93 -16.55 -4.66
C ASP D 183 4.20 -15.68 -5.69
N GLN D 184 3.78 -14.52 -5.25
CA GLN D 184 2.97 -13.60 -6.09
C GLN D 184 3.83 -12.70 -6.93
N ARG D 185 3.26 -11.85 -7.75
CA ARG D 185 4.08 -10.97 -8.63
C ARG D 185 3.87 -9.55 -8.14
N ILE D 186 4.83 -8.68 -8.34
CA ILE D 186 4.79 -7.28 -7.95
C ILE D 186 3.87 -6.52 -8.92
N LEU D 187 4.02 -6.78 -10.19
CA LEU D 187 3.22 -6.25 -11.29
C LEU D 187 2.80 -7.49 -12.08
N ASP D 188 1.80 -7.49 -12.91
CA ASP D 188 1.28 -8.60 -13.68
C ASP D 188 2.35 -9.25 -14.54
N LEU D 189 2.57 -10.52 -14.14
CA LEU D 189 3.58 -11.32 -14.85
C LEU D 189 3.02 -12.76 -14.83
N PRO D 190 3.54 -13.53 -15.77
CA PRO D 190 3.21 -14.94 -15.88
C PRO D 190 3.38 -15.63 -14.52
N HIS D 191 2.38 -16.47 -14.34
CA HIS D 191 2.27 -17.34 -13.16
C HIS D 191 1.34 -18.50 -13.55
N LYS D 192 1.57 -19.64 -12.95
CA LYS D 192 0.81 -20.90 -13.08
C LYS D 192 -0.66 -20.51 -12.75
N ASP D 193 -0.72 -19.91 -11.55
CA ASP D 193 -2.06 -19.43 -11.08
C ASP D 193 -2.23 -18.05 -11.68
N LEU D 194 -3.18 -17.86 -12.55
CA LEU D 194 -3.57 -16.62 -13.17
C LEU D 194 -4.07 -15.55 -12.18
N ARG D 195 -4.54 -15.89 -11.00
CA ARG D 195 -4.93 -14.97 -9.94
C ARG D 195 -3.66 -14.33 -9.37
N ARG D 196 -2.71 -15.12 -8.93
CA ARG D 196 -1.41 -14.83 -8.37
C ARG D 196 -0.41 -14.18 -9.33
N ALA D 197 -0.74 -14.03 -10.58
CA ALA D 197 0.02 -13.37 -11.62
C ALA D 197 -0.18 -11.85 -11.58
N ARG D 198 -1.19 -11.42 -10.86
CA ARG D 198 -1.64 -10.03 -10.76
C ARG D 198 -0.87 -9.30 -9.67
N ALA D 199 -0.63 -8.00 -9.94
CA ALA D 199 0.12 -7.13 -9.03
C ALA D 199 -0.42 -7.34 -7.61
N ALA D 200 0.49 -7.95 -6.86
CA ALA D 200 0.19 -8.34 -5.51
C ALA D 200 -0.34 -7.32 -4.55
N ALA D 201 0.24 -6.13 -4.47
CA ALA D 201 -0.12 -5.08 -3.52
C ALA D 201 -1.21 -4.15 -4.03
N GLU D 202 -1.88 -4.34 -5.11
CA GLU D 202 -2.90 -3.66 -5.80
C GLU D 202 -4.30 -4.19 -5.69
N SER D 203 -4.45 -5.48 -5.39
CA SER D 203 -5.73 -6.19 -5.34
C SER D 203 -5.86 -7.15 -4.18
N ILE D 204 -7.14 -7.51 -4.01
CA ILE D 204 -7.68 -8.62 -3.21
C ILE D 204 -7.77 -9.75 -4.28
N ILE D 205 -7.06 -10.81 -4.09
CA ILE D 205 -6.80 -12.02 -4.84
C ILE D 205 -7.22 -13.38 -4.29
N PRO D 206 -8.35 -13.77 -4.84
CA PRO D 206 -8.94 -15.10 -4.52
C PRO D 206 -7.93 -16.14 -4.93
N THR D 207 -7.69 -17.10 -4.08
CA THR D 207 -6.71 -18.16 -4.41
C THR D 207 -7.00 -19.36 -3.53
N THR D 208 -6.24 -20.43 -3.82
CA THR D 208 -6.42 -21.71 -3.17
C THR D 208 -5.56 -21.87 -1.97
N THR D 209 -6.01 -22.88 -1.26
CA THR D 209 -5.33 -23.30 -0.01
C THR D 209 -5.73 -24.77 0.20
N GLY D 210 -4.75 -25.49 0.65
CA GLY D 210 -5.01 -26.94 0.93
C GLY D 210 -5.07 -27.05 2.44
N ALA D 211 -5.11 -25.88 3.09
CA ALA D 211 -5.08 -25.90 4.57
C ALA D 211 -6.23 -26.71 5.13
N ALA D 212 -7.41 -26.50 4.58
CA ALA D 212 -8.60 -27.20 5.10
C ALA D 212 -8.54 -28.69 4.87
N LYS D 213 -7.97 -29.10 3.74
CA LYS D 213 -7.89 -30.58 3.49
C LYS D 213 -6.79 -31.15 4.34
N ALA D 214 -5.69 -30.43 4.52
CA ALA D 214 -4.60 -30.85 5.38
C ALA D 214 -4.92 -30.97 6.83
N VAL D 215 -6.03 -30.47 7.37
CA VAL D 215 -6.30 -30.64 8.81
C VAL D 215 -6.61 -32.11 9.09
N ALA D 216 -6.98 -32.85 8.07
CA ALA D 216 -7.29 -34.28 8.12
C ALA D 216 -6.06 -35.15 8.44
N LEU D 217 -4.89 -34.69 8.05
CA LEU D 217 -3.67 -35.39 8.32
C LEU D 217 -3.43 -35.36 9.82
N VAL D 218 -3.78 -34.29 10.51
CA VAL D 218 -3.58 -34.17 11.96
C VAL D 218 -4.81 -34.52 12.78
N LEU D 219 -6.02 -34.36 12.29
CA LEU D 219 -7.25 -34.77 12.97
C LEU D 219 -8.08 -35.55 11.94
N PRO D 220 -7.85 -36.85 11.86
CA PRO D 220 -8.49 -37.79 10.92
C PRO D 220 -10.00 -37.85 10.95
N GLU D 221 -10.62 -37.54 12.08
CA GLU D 221 -12.06 -37.46 12.21
C GLU D 221 -12.67 -36.32 11.43
N LEU D 222 -11.91 -35.34 10.98
CA LEU D 222 -12.32 -34.18 10.23
C LEU D 222 -12.17 -34.45 8.73
N LYS D 223 -11.71 -35.66 8.45
CA LYS D 223 -11.53 -36.11 7.08
C LYS D 223 -12.85 -35.97 6.33
N GLY D 224 -12.85 -35.17 5.31
CA GLY D 224 -13.90 -34.75 4.41
C GLY D 224 -14.89 -33.74 5.02
N LYS D 225 -14.51 -33.01 6.06
CA LYS D 225 -15.45 -32.10 6.72
C LYS D 225 -15.30 -30.63 6.41
N LEU D 226 -14.08 -30.28 6.02
CA LEU D 226 -13.64 -28.94 5.72
C LEU D 226 -13.13 -28.73 4.30
N ASN D 227 -13.29 -27.47 3.97
CA ASN D 227 -12.91 -26.92 2.65
C ASN D 227 -12.68 -25.43 2.84
N GLY D 228 -12.15 -24.68 1.90
CA GLY D 228 -11.91 -23.26 2.08
C GLY D 228 -10.94 -22.81 1.00
N MET D 229 -10.65 -21.55 0.98
CA MET D 229 -9.83 -20.86 0.00
C MET D 229 -9.05 -19.75 0.72
N ALA D 230 -8.41 -18.94 -0.10
CA ALA D 230 -7.60 -17.84 0.34
C ALA D 230 -7.91 -16.57 -0.47
N MET D 231 -7.68 -15.48 0.23
CA MET D 231 -7.78 -14.11 -0.22
C MET D 231 -6.43 -13.45 0.20
N ARG D 232 -5.59 -13.29 -0.78
CA ARG D 232 -4.30 -12.58 -0.55
C ARG D 232 -4.65 -11.08 -0.72
N VAL D 233 -4.20 -10.31 0.25
CA VAL D 233 -4.46 -8.87 0.33
C VAL D 233 -3.12 -8.13 0.46
N PRO D 234 -3.10 -6.80 0.17
CA PRO D 234 -1.92 -6.00 0.24
C PRO D 234 -1.28 -5.74 1.57
N THR D 235 -0.96 -6.71 2.38
CA THR D 235 -0.26 -6.56 3.68
C THR D 235 0.89 -7.55 3.46
N PRO D 236 2.02 -7.33 4.05
CA PRO D 236 3.19 -8.17 3.84
C PRO D 236 3.33 -9.23 4.90
N ASN D 237 2.56 -9.14 5.98
CA ASN D 237 2.66 -10.17 7.03
C ASN D 237 1.39 -10.12 7.88
N VAL D 238 1.11 -11.21 8.54
CA VAL D 238 -0.07 -11.43 9.42
C VAL D 238 -1.27 -11.75 8.58
N SER D 239 -1.96 -12.83 8.92
CA SER D 239 -3.15 -13.26 8.12
C SER D 239 -4.19 -13.77 9.14
N VAL D 240 -5.40 -14.06 8.63
CA VAL D 240 -6.44 -14.49 9.59
C VAL D 240 -7.34 -15.55 9.00
N VAL D 241 -7.61 -16.54 9.86
CA VAL D 241 -8.50 -17.65 9.50
C VAL D 241 -9.92 -17.33 10.00
N ASP D 242 -10.86 -17.58 9.10
CA ASP D 242 -12.29 -17.31 9.35
C ASP D 242 -13.02 -18.61 9.05
N LEU D 243 -13.42 -19.27 10.16
CA LEU D 243 -14.07 -20.55 10.06
C LEU D 243 -15.56 -20.51 10.39
N VAL D 244 -16.38 -20.99 9.47
CA VAL D 244 -17.82 -21.11 9.67
C VAL D 244 -18.05 -22.66 9.78
N ALA D 245 -18.46 -23.16 10.92
CA ALA D 245 -18.63 -24.56 11.20
C ALA D 245 -20.07 -24.78 11.71
N GLU D 246 -20.57 -25.88 11.25
CA GLU D 246 -21.91 -26.37 11.61
C GLU D 246 -21.64 -27.46 12.65
N LEU D 247 -21.98 -27.18 13.88
CA LEU D 247 -21.74 -28.00 15.07
C LEU D 247 -22.80 -29.03 15.37
N GLU D 248 -22.50 -30.04 16.19
CA GLU D 248 -23.55 -31.03 16.48
C GLU D 248 -24.32 -30.65 17.72
N LYS D 249 -23.63 -30.03 18.66
CA LYS D 249 -24.30 -29.57 19.89
C LYS D 249 -24.81 -28.16 19.64
N GLU D 250 -25.72 -27.71 20.50
CA GLU D 250 -26.25 -26.34 20.42
C GLU D 250 -25.39 -25.56 21.42
N VAL D 251 -24.81 -24.50 20.87
CA VAL D 251 -23.93 -23.63 21.67
C VAL D 251 -24.41 -22.17 21.60
N THR D 252 -23.70 -21.41 22.44
CA THR D 252 -23.75 -19.98 22.61
C THR D 252 -22.34 -19.44 22.41
N VAL D 253 -22.24 -18.19 22.00
CA VAL D 253 -20.94 -17.56 21.87
C VAL D 253 -20.12 -17.78 23.12
N GLU D 254 -20.74 -17.57 24.27
CA GLU D 254 -19.97 -17.67 25.54
C GLU D 254 -19.39 -19.03 25.79
N GLU D 255 -20.13 -20.09 25.41
CA GLU D 255 -19.71 -21.48 25.60
C GLU D 255 -18.44 -21.70 24.73
N VAL D 256 -18.62 -21.32 23.47
CA VAL D 256 -17.54 -21.42 22.49
C VAL D 256 -16.29 -20.68 22.97
N ASN D 257 -16.41 -19.39 23.27
CA ASN D 257 -15.24 -18.61 23.70
C ASN D 257 -14.59 -19.22 24.94
N ALA D 258 -15.44 -19.61 25.87
CA ALA D 258 -15.05 -20.25 27.14
C ALA D 258 -14.23 -21.51 26.91
N ALA D 259 -14.62 -22.34 25.95
CA ALA D 259 -13.89 -23.57 25.61
C ALA D 259 -12.56 -23.23 24.93
N LEU D 260 -12.57 -22.17 24.14
CA LEU D 260 -11.39 -21.67 23.41
C LEU D 260 -10.43 -21.04 24.38
N LYS D 261 -10.98 -20.36 25.35
CA LYS D 261 -10.14 -19.72 26.36
C LYS D 261 -9.43 -20.67 27.29
N ALA D 262 -10.08 -21.77 27.63
CA ALA D 262 -9.60 -22.85 28.51
C ALA D 262 -8.48 -23.63 27.84
N ALA D 263 -8.64 -24.01 26.59
CA ALA D 263 -7.56 -24.74 25.83
C ALA D 263 -6.36 -23.85 25.73
N ALA D 264 -6.54 -22.58 25.37
CA ALA D 264 -5.41 -21.64 25.27
C ALA D 264 -4.70 -21.51 26.60
N GLU D 265 -5.47 -21.44 27.68
CA GLU D 265 -4.89 -21.28 29.01
C GLU D 265 -4.36 -22.54 29.64
N GLY D 266 -4.76 -23.66 29.06
CA GLY D 266 -4.33 -24.96 29.57
C GLY D 266 -3.55 -25.79 28.60
N GLU D 267 -4.28 -26.77 28.03
CA GLU D 267 -3.68 -27.71 27.11
C GLU D 267 -2.92 -27.04 25.97
N LEU D 268 -3.43 -26.02 25.32
CA LEU D 268 -2.76 -25.42 24.16
C LEU D 268 -1.93 -24.21 24.48
N LYS D 269 -1.72 -23.87 25.71
CA LYS D 269 -0.92 -22.74 26.11
C LYS D 269 0.36 -22.68 25.28
N GLY D 270 0.58 -21.61 24.52
CA GLY D 270 1.85 -21.48 23.83
C GLY D 270 1.78 -21.70 22.35
N ILE D 271 0.69 -22.29 21.92
CA ILE D 271 0.25 -22.64 20.59
C ILE D 271 -0.99 -21.85 20.21
N LEU D 272 -2.06 -21.99 20.97
CA LEU D 272 -3.33 -21.30 20.82
C LEU D 272 -3.44 -20.18 21.86
N ALA D 273 -3.80 -18.99 21.44
CA ALA D 273 -3.90 -17.88 22.44
C ALA D 273 -5.33 -17.40 22.22
N TYR D 274 -5.85 -16.64 23.12
CA TYR D 274 -7.22 -16.08 23.14
C TYR D 274 -7.13 -14.59 23.40
N SER D 275 -7.88 -13.81 22.66
CA SER D 275 -7.79 -12.32 22.87
C SER D 275 -9.16 -11.68 22.86
N GLU D 276 -9.40 -10.92 23.96
CA GLU D 276 -10.66 -10.15 24.06
C GLU D 276 -10.59 -8.70 23.70
N GLU D 277 -9.43 -8.28 23.24
CA GLU D 277 -9.10 -6.97 22.72
C GLU D 277 -9.40 -6.89 21.22
N PRO D 278 -9.74 -5.66 20.81
CA PRO D 278 -10.04 -5.34 19.42
C PRO D 278 -8.78 -4.89 18.70
N LEU D 279 -7.93 -5.83 18.30
CA LEU D 279 -6.67 -5.55 17.64
C LEU D 279 -6.79 -5.70 16.13
N VAL D 280 -5.78 -5.30 15.39
CA VAL D 280 -5.74 -5.33 13.91
C VAL D 280 -4.48 -6.09 13.58
N SER D 281 -4.29 -6.52 12.38
CA SER D 281 -3.13 -7.33 11.88
C SER D 281 -1.78 -6.78 12.21
N ARG D 282 -1.47 -5.50 12.19
CA ARG D 282 -0.14 -5.01 12.55
C ARG D 282 0.20 -5.36 14.00
N ASP D 283 -0.72 -5.49 14.92
CA ASP D 283 -0.50 -5.84 16.34
C ASP D 283 -0.06 -7.29 16.57
N TYR D 284 -0.32 -8.16 15.62
CA TYR D 284 0.05 -9.56 15.73
C TYR D 284 1.38 -9.76 14.99
N ASN D 285 1.96 -8.72 14.43
CA ASN D 285 3.25 -8.83 13.75
C ASN D 285 4.23 -9.17 14.87
N GLY D 286 5.02 -10.19 14.74
CA GLY D 286 5.99 -10.70 15.71
C GLY D 286 5.43 -11.73 16.65
N SER D 287 4.20 -12.05 16.60
CA SER D 287 3.51 -13.03 17.44
C SER D 287 4.19 -14.39 17.24
N THR D 288 4.40 -15.21 18.28
CA THR D 288 5.02 -16.52 18.08
C THR D 288 4.10 -17.72 18.20
N VAL D 289 2.90 -17.57 18.76
CA VAL D 289 1.89 -18.63 18.88
C VAL D 289 1.44 -18.92 17.43
N SER D 290 0.66 -19.97 17.23
CA SER D 290 0.26 -20.36 15.89
C SER D 290 -1.13 -19.86 15.57
N SER D 291 -1.80 -19.37 16.58
CA SER D 291 -3.21 -18.96 16.40
C SER D 291 -3.68 -18.20 17.63
N THR D 292 -4.27 -17.02 17.43
CA THR D 292 -4.87 -16.25 18.54
C THR D 292 -6.34 -16.06 18.26
N ILE D 293 -7.23 -16.50 19.09
CA ILE D 293 -8.67 -16.31 18.79
C ILE D 293 -9.03 -14.86 18.91
N ASP D 294 -9.70 -14.32 17.90
CA ASP D 294 -10.16 -12.89 18.08
C ASP D 294 -11.55 -13.07 18.72
N ALA D 295 -11.60 -13.19 20.01
CA ALA D 295 -12.76 -13.48 20.83
C ALA D 295 -13.96 -12.64 20.57
N LEU D 296 -13.81 -11.36 20.27
CA LEU D 296 -14.97 -10.52 19.99
C LEU D 296 -15.54 -10.82 18.61
N SER D 297 -14.97 -11.66 17.78
CA SER D 297 -15.53 -11.94 16.43
C SER D 297 -16.38 -13.20 16.46
N THR D 298 -16.26 -14.00 17.51
CA THR D 298 -17.07 -15.20 17.65
C THR D 298 -18.54 -14.81 17.55
N MET D 299 -19.24 -15.53 16.74
CA MET D 299 -20.65 -15.31 16.38
C MET D 299 -21.41 -16.61 16.23
N VAL D 300 -22.66 -16.74 16.64
CA VAL D 300 -23.39 -18.00 16.45
C VAL D 300 -24.75 -17.66 15.85
N ILE D 301 -25.29 -18.52 15.01
CA ILE D 301 -26.57 -18.41 14.41
C ILE D 301 -27.35 -19.72 14.61
N ASP D 302 -28.60 -19.54 15.08
CA ASP D 302 -29.49 -20.74 15.25
C ASP D 302 -28.85 -21.80 16.09
N GLY D 303 -28.10 -21.45 17.10
CA GLY D 303 -27.35 -22.27 17.99
C GLY D 303 -26.48 -23.33 17.39
N LYS D 304 -26.34 -23.54 16.10
CA LYS D 304 -25.51 -24.65 15.62
C LYS D 304 -24.33 -24.27 14.71
N MET D 305 -24.49 -23.23 13.92
CA MET D 305 -23.49 -22.63 13.01
C MET D 305 -22.64 -21.61 13.78
N VAL D 306 -21.34 -21.73 13.80
CA VAL D 306 -20.47 -20.80 14.53
C VAL D 306 -19.48 -20.17 13.57
N LYS D 307 -19.04 -18.99 13.78
CA LYS D 307 -17.98 -18.26 13.07
C LYS D 307 -16.91 -17.95 14.12
N VAL D 308 -15.70 -18.40 13.79
CA VAL D 308 -14.49 -18.27 14.60
C VAL D 308 -13.37 -17.82 13.62
N VAL D 309 -12.79 -16.69 14.02
CA VAL D 309 -11.77 -15.89 13.39
C VAL D 309 -10.57 -15.98 14.34
N SER D 310 -9.42 -16.27 13.83
CA SER D 310 -8.16 -16.46 14.56
C SER D 310 -7.00 -15.83 13.77
N TRP D 311 -6.06 -15.24 14.46
CA TRP D 311 -4.93 -14.55 13.86
C TRP D 311 -3.65 -15.39 13.85
N TYR D 312 -2.85 -15.21 12.82
CA TYR D 312 -1.55 -15.88 12.81
C TYR D 312 -0.47 -15.03 12.17
N ASP D 313 0.67 -14.92 12.87
CA ASP D 313 1.80 -14.23 12.14
C ASP D 313 2.30 -15.42 11.28
N ASN D 314 2.04 -15.45 9.99
CA ASN D 314 2.42 -16.59 9.14
C ASN D 314 3.91 -16.83 8.98
N GLU D 315 4.73 -15.82 9.26
CA GLU D 315 6.19 -16.01 9.17
C GLU D 315 6.67 -16.34 10.57
N THR D 316 6.45 -15.60 11.62
CA THR D 316 6.96 -15.97 12.99
C THR D 316 6.36 -17.20 13.61
N GLY D 317 5.09 -17.38 13.74
CA GLY D 317 4.35 -18.49 14.35
C GLY D 317 4.89 -19.81 13.85
N TYR D 318 4.81 -19.99 12.54
CA TYR D 318 5.29 -21.19 11.86
C TYR D 318 6.74 -21.49 12.13
N SER D 319 7.60 -20.49 11.96
CA SER D 319 9.01 -20.61 12.30
C SER D 319 9.26 -21.04 13.73
N HIS D 320 8.45 -20.62 14.71
CA HIS D 320 8.72 -21.03 16.11
C HIS D 320 8.38 -22.50 16.29
N ARG D 321 7.39 -22.87 15.48
CA ARG D 321 6.84 -24.20 15.35
C ARG D 321 7.84 -25.25 14.87
N VAL D 322 8.60 -24.93 13.86
CA VAL D 322 9.68 -25.74 13.29
C VAL D 322 10.70 -25.96 14.41
N VAL D 323 11.15 -24.90 15.05
CA VAL D 323 12.13 -25.06 16.18
C VAL D 323 11.60 -25.89 17.33
N ASP D 324 10.32 -25.81 17.63
CA ASP D 324 9.72 -26.65 18.70
C ASP D 324 9.60 -28.12 18.26
N LEU D 325 9.31 -28.32 16.97
CA LEU D 325 9.19 -29.67 16.46
C LEU D 325 10.57 -30.29 16.55
N ALA D 326 11.57 -29.53 16.12
CA ALA D 326 12.99 -29.88 16.14
C ALA D 326 13.30 -30.35 17.57
N ALA D 327 13.03 -29.55 18.51
CA ALA D 327 13.25 -29.83 19.94
C ALA D 327 12.45 -31.02 20.39
N TYR D 328 11.19 -31.10 19.92
CA TYR D 328 10.35 -32.20 20.39
C TYR D 328 10.91 -33.55 19.98
N ILE D 329 11.21 -33.73 18.72
CA ILE D 329 11.83 -34.88 18.10
C ILE D 329 13.08 -35.38 18.83
N ALA D 330 13.99 -34.44 19.10
CA ALA D 330 15.22 -34.75 19.80
C ALA D 330 14.94 -35.31 21.19
N SER D 331 13.88 -34.90 21.85
CA SER D 331 13.58 -35.34 23.23
C SER D 331 13.15 -36.80 23.28
N LYS D 332 12.68 -37.28 22.13
CA LYS D 332 12.23 -38.63 21.94
C LYS D 332 13.39 -39.57 21.61
N GLY D 333 14.58 -39.09 21.55
CA GLY D 333 15.83 -39.80 21.30
C GLY D 333 16.23 -39.77 19.86
N LEU D 334 17.48 -39.54 19.56
CA LEU D 334 17.88 -39.49 18.11
C LEU D 334 18.88 -40.58 17.75
S SO4 E . 13.93 -1.66 -14.07
O1 SO4 E . 15.39 -2.03 -13.96
O2 SO4 E . 13.13 -2.86 -14.54
O3 SO4 E . 13.47 -1.24 -12.72
O4 SO4 E . 13.73 -0.56 -15.06
S SO4 F . 16.83 4.61 -15.92
O1 SO4 F . 18.01 4.50 -15.00
O2 SO4 F . 16.72 3.27 -16.60
O3 SO4 F . 15.60 4.97 -15.14
O4 SO4 F . 17.08 5.67 -16.96
S SO4 G . 1.61 17.86 8.57
O1 SO4 G . 1.29 19.32 8.81
O2 SO4 G . 0.98 17.01 9.63
O3 SO4 G . 1.10 17.50 7.20
O4 SO4 G . 3.11 17.70 8.64
S SO4 H . 7.15 21.42 7.40
O1 SO4 H . 6.40 22.68 7.04
O2 SO4 H . 6.48 20.86 8.64
O3 SO4 H . 7.07 20.37 6.34
O4 SO4 H . 8.58 21.75 7.69
S SO4 I . -18.16 3.15 5.93
O1 SO4 I . -19.24 3.13 6.97
O2 SO4 I . -17.97 4.52 5.35
O3 SO4 I . -16.89 2.71 6.59
O4 SO4 I . -18.56 2.22 4.82
S SO4 J . -22.58 -2.20 6.36
O1 SO4 J . -23.04 -1.95 7.75
O2 SO4 J . -22.17 -0.91 5.70
O3 SO4 J . -21.39 -3.11 6.33
O4 SO4 J . -23.67 -2.80 5.52
S SO4 K . 3.10 -19.39 -0.58
O1 SO4 K . 2.94 -20.67 -1.34
O2 SO4 K . 4.48 -18.81 -0.70
O3 SO4 K . 2.14 -18.36 -1.15
O4 SO4 K . 2.77 -19.63 0.87
S SO4 L . -1.83 -23.62 2.13
O1 SO4 L . -2.42 -24.36 0.99
O2 SO4 L . -0.33 -23.63 2.02
O3 SO4 L . -2.31 -22.20 2.08
O4 SO4 L . -2.18 -24.21 3.47
#